data_3Q3S
# 
_entry.id   3Q3S 
# 
_audit_conform.dict_name       mmcif_pdbx.dic 
_audit_conform.dict_version    5.387 
_audit_conform.dict_location   http://mmcif.pdb.org/dictionaries/ascii/mmcif_pdbx.dic 
# 
loop_
_database_2.database_id 
_database_2.database_code 
_database_2.pdbx_database_accession 
_database_2.pdbx_DOI 
PDB   3Q3S         pdb_00003q3s 10.2210/pdb3q3s/pdb 
RCSB  RCSB063157   ?            ?                   
WWPDB D_1000063157 ?            ?                   
# 
loop_
_pdbx_audit_revision_history.ordinal 
_pdbx_audit_revision_history.data_content_type 
_pdbx_audit_revision_history.major_revision 
_pdbx_audit_revision_history.minor_revision 
_pdbx_audit_revision_history.revision_date 
1 'Structure model' 1 0 2012-01-18 
2 'Structure model' 1 1 2024-02-21 
# 
_pdbx_audit_revision_details.ordinal             1 
_pdbx_audit_revision_details.revision_ordinal    1 
_pdbx_audit_revision_details.data_content_type   'Structure model' 
_pdbx_audit_revision_details.provider            repository 
_pdbx_audit_revision_details.type                'Initial release' 
_pdbx_audit_revision_details.description         ? 
_pdbx_audit_revision_details.details             ? 
# 
loop_
_pdbx_audit_revision_group.ordinal 
_pdbx_audit_revision_group.revision_ordinal 
_pdbx_audit_revision_group.data_content_type 
_pdbx_audit_revision_group.group 
1 2 'Structure model' 'Data collection'      
2 2 'Structure model' 'Database references'  
3 2 'Structure model' 'Derived calculations' 
# 
loop_
_pdbx_audit_revision_category.ordinal 
_pdbx_audit_revision_category.revision_ordinal 
_pdbx_audit_revision_category.data_content_type 
_pdbx_audit_revision_category.category 
1 2 'Structure model' chem_comp_atom     
2 2 'Structure model' chem_comp_bond     
3 2 'Structure model' database_2         
4 2 'Structure model' struct_ref_seq_dif 
5 2 'Structure model' struct_site        
# 
loop_
_pdbx_audit_revision_item.ordinal 
_pdbx_audit_revision_item.revision_ordinal 
_pdbx_audit_revision_item.data_content_type 
_pdbx_audit_revision_item.item 
1 2 'Structure model' '_database_2.pdbx_DOI'                
2 2 'Structure model' '_database_2.pdbx_database_accession' 
3 2 'Structure model' '_struct_ref_seq_dif.details'         
4 2 'Structure model' '_struct_site.pdbx_auth_asym_id'      
5 2 'Structure model' '_struct_site.pdbx_auth_comp_id'      
6 2 'Structure model' '_struct_site.pdbx_auth_seq_id'       
# 
_pdbx_database_status.status_code                     REL 
_pdbx_database_status.entry_id                        3Q3S 
_pdbx_database_status.recvd_initial_deposition_date   2010-12-22 
_pdbx_database_status.deposit_site                    RCSB 
_pdbx_database_status.process_site                    RCSB 
_pdbx_database_status.status_code_sf                  REL 
_pdbx_database_status.status_code_mr                  ? 
_pdbx_database_status.SG_entry                        ? 
_pdbx_database_status.status_code_cs                  ? 
_pdbx_database_status.methods_development_category    ? 
_pdbx_database_status.pdb_format_compatible           Y 
_pdbx_database_status.status_code_nmr_data            ? 
# 
loop_
_pdbx_database_related.db_name 
_pdbx_database_related.db_id 
_pdbx_database_related.details 
_pdbx_database_related.content_type 
PDB 1U9N 'EthR in a ligand bound conformation opens therapeutic perspectives against tuberculosis and leprosy' unspecified 
PDB 3O8G 'same protein in complex with compound BDM14801'                                                      unspecified 
# 
loop_
_audit_author.name 
_audit_author.pdbx_ordinal 
'Lens, Z.'     1 
'Willand, N.'  2 
'Villeret, V.' 3 
# 
_citation.id                        primary 
_citation.title                     'EthR from Mycobacterium tuberculosis in complex with compound BDM5683' 
_citation.journal_abbrev            'To be Published' 
_citation.journal_volume            ? 
_citation.page_first                ? 
_citation.page_last                 ? 
_citation.year                      ? 
_citation.journal_id_ASTM           ? 
_citation.country                   ? 
_citation.journal_id_ISSN           ? 
_citation.journal_id_CSD            0353 
_citation.book_publisher            ? 
_citation.pdbx_database_id_PubMed   ? 
_citation.pdbx_database_id_DOI      ? 
# 
loop_
_citation_author.citation_id 
_citation_author.name 
_citation_author.ordinal 
_citation_author.identifier_ORCID 
primary 'Willand, N.'  1 ? 
primary 'Lens, Z.'     2 ? 
primary 'Villeret, V.' 3 ? 
# 
loop_
_entity.id 
_entity.type 
_entity.src_method 
_entity.pdbx_description 
_entity.formula_weight 
_entity.pdbx_number_of_molecules 
_entity.pdbx_ec 
_entity.pdbx_mutation 
_entity.pdbx_fragment 
_entity.details 
1 polymer     man 'HTH-type transcriptional regulator EthR'                                  25953.076 1   ? ? ? ? 
2 non-polymer syn '2-(2-methylphenoxy)-N-[2-(4-methylphenyl)-2H-benzotriazol-5-yl]acetamide' 372.420   1   ? ? ? ? 
3 water       nat water                                                                      18.015    168 ? ? ? ? 
# 
_entity_poly.entity_id                      1 
_entity_poly.type                           'polypeptide(L)' 
_entity_poly.nstd_linkage                   no 
_entity_poly.nstd_monomer                   no 
_entity_poly.pdbx_seq_one_letter_code       
;MGSSHHHHHHSSGLVPRGSHMTTSAASQASLPRGRRTARPSGDDRELAILATAENLLEDRPLADISVDDLAKGAGISRPT
FYFYFPSKEAVLLTLLDRVVNQADMALQTLAENPADTDRENMWRTGINVFFETFGSHKAVTRAGQAARATSVEVAELWST
FMQKWIAYTAAVIDAERDRGAAPRTLPAHELATALNLMNERTLFASFAGEQPSVPEARVLDTLVHIWVTSIYGENR
;
_entity_poly.pdbx_seq_one_letter_code_can   
;MGSSHHHHHHSSGLVPRGSHMTTSAASQASLPRGRRTARPSGDDRELAILATAENLLEDRPLADISVDDLAKGAGISRPT
FYFYFPSKEAVLLTLLDRVVNQADMALQTLAENPADTDRENMWRTGINVFFETFGSHKAVTRAGQAARATSVEVAELWST
FMQKWIAYTAAVIDAERDRGAAPRTLPAHELATALNLMNERTLFASFAGEQPSVPEARVLDTLVHIWVTSIYGENR
;
_entity_poly.pdbx_strand_id                 A 
_entity_poly.pdbx_target_identifier         ? 
# 
loop_
_pdbx_entity_nonpoly.entity_id 
_pdbx_entity_nonpoly.name 
_pdbx_entity_nonpoly.comp_id 
2 '2-(2-methylphenoxy)-N-[2-(4-methylphenyl)-2H-benzotriazol-5-yl]acetamide' O8B 
3 water                                                                      HOH 
# 
loop_
_entity_poly_seq.entity_id 
_entity_poly_seq.num 
_entity_poly_seq.mon_id 
_entity_poly_seq.hetero 
1 1   MET n 
1 2   GLY n 
1 3   SER n 
1 4   SER n 
1 5   HIS n 
1 6   HIS n 
1 7   HIS n 
1 8   HIS n 
1 9   HIS n 
1 10  HIS n 
1 11  SER n 
1 12  SER n 
1 13  GLY n 
1 14  LEU n 
1 15  VAL n 
1 16  PRO n 
1 17  ARG n 
1 18  GLY n 
1 19  SER n 
1 20  HIS n 
1 21  MET n 
1 22  THR n 
1 23  THR n 
1 24  SER n 
1 25  ALA n 
1 26  ALA n 
1 27  SER n 
1 28  GLN n 
1 29  ALA n 
1 30  SER n 
1 31  LEU n 
1 32  PRO n 
1 33  ARG n 
1 34  GLY n 
1 35  ARG n 
1 36  ARG n 
1 37  THR n 
1 38  ALA n 
1 39  ARG n 
1 40  PRO n 
1 41  SER n 
1 42  GLY n 
1 43  ASP n 
1 44  ASP n 
1 45  ARG n 
1 46  GLU n 
1 47  LEU n 
1 48  ALA n 
1 49  ILE n 
1 50  LEU n 
1 51  ALA n 
1 52  THR n 
1 53  ALA n 
1 54  GLU n 
1 55  ASN n 
1 56  LEU n 
1 57  LEU n 
1 58  GLU n 
1 59  ASP n 
1 60  ARG n 
1 61  PRO n 
1 62  LEU n 
1 63  ALA n 
1 64  ASP n 
1 65  ILE n 
1 66  SER n 
1 67  VAL n 
1 68  ASP n 
1 69  ASP n 
1 70  LEU n 
1 71  ALA n 
1 72  LYS n 
1 73  GLY n 
1 74  ALA n 
1 75  GLY n 
1 76  ILE n 
1 77  SER n 
1 78  ARG n 
1 79  PRO n 
1 80  THR n 
1 81  PHE n 
1 82  TYR n 
1 83  PHE n 
1 84  TYR n 
1 85  PHE n 
1 86  PRO n 
1 87  SER n 
1 88  LYS n 
1 89  GLU n 
1 90  ALA n 
1 91  VAL n 
1 92  LEU n 
1 93  LEU n 
1 94  THR n 
1 95  LEU n 
1 96  LEU n 
1 97  ASP n 
1 98  ARG n 
1 99  VAL n 
1 100 VAL n 
1 101 ASN n 
1 102 GLN n 
1 103 ALA n 
1 104 ASP n 
1 105 MET n 
1 106 ALA n 
1 107 LEU n 
1 108 GLN n 
1 109 THR n 
1 110 LEU n 
1 111 ALA n 
1 112 GLU n 
1 113 ASN n 
1 114 PRO n 
1 115 ALA n 
1 116 ASP n 
1 117 THR n 
1 118 ASP n 
1 119 ARG n 
1 120 GLU n 
1 121 ASN n 
1 122 MET n 
1 123 TRP n 
1 124 ARG n 
1 125 THR n 
1 126 GLY n 
1 127 ILE n 
1 128 ASN n 
1 129 VAL n 
1 130 PHE n 
1 131 PHE n 
1 132 GLU n 
1 133 THR n 
1 134 PHE n 
1 135 GLY n 
1 136 SER n 
1 137 HIS n 
1 138 LYS n 
1 139 ALA n 
1 140 VAL n 
1 141 THR n 
1 142 ARG n 
1 143 ALA n 
1 144 GLY n 
1 145 GLN n 
1 146 ALA n 
1 147 ALA n 
1 148 ARG n 
1 149 ALA n 
1 150 THR n 
1 151 SER n 
1 152 VAL n 
1 153 GLU n 
1 154 VAL n 
1 155 ALA n 
1 156 GLU n 
1 157 LEU n 
1 158 TRP n 
1 159 SER n 
1 160 THR n 
1 161 PHE n 
1 162 MET n 
1 163 GLN n 
1 164 LYS n 
1 165 TRP n 
1 166 ILE n 
1 167 ALA n 
1 168 TYR n 
1 169 THR n 
1 170 ALA n 
1 171 ALA n 
1 172 VAL n 
1 173 ILE n 
1 174 ASP n 
1 175 ALA n 
1 176 GLU n 
1 177 ARG n 
1 178 ASP n 
1 179 ARG n 
1 180 GLY n 
1 181 ALA n 
1 182 ALA n 
1 183 PRO n 
1 184 ARG n 
1 185 THR n 
1 186 LEU n 
1 187 PRO n 
1 188 ALA n 
1 189 HIS n 
1 190 GLU n 
1 191 LEU n 
1 192 ALA n 
1 193 THR n 
1 194 ALA n 
1 195 LEU n 
1 196 ASN n 
1 197 LEU n 
1 198 MET n 
1 199 ASN n 
1 200 GLU n 
1 201 ARG n 
1 202 THR n 
1 203 LEU n 
1 204 PHE n 
1 205 ALA n 
1 206 SER n 
1 207 PHE n 
1 208 ALA n 
1 209 GLY n 
1 210 GLU n 
1 211 GLN n 
1 212 PRO n 
1 213 SER n 
1 214 VAL n 
1 215 PRO n 
1 216 GLU n 
1 217 ALA n 
1 218 ARG n 
1 219 VAL n 
1 220 LEU n 
1 221 ASP n 
1 222 THR n 
1 223 LEU n 
1 224 VAL n 
1 225 HIS n 
1 226 ILE n 
1 227 TRP n 
1 228 VAL n 
1 229 THR n 
1 230 SER n 
1 231 ILE n 
1 232 TYR n 
1 233 GLY n 
1 234 GLU n 
1 235 ASN n 
1 236 ARG n 
# 
_entity_src_gen.entity_id                          1 
_entity_src_gen.pdbx_src_id                        1 
_entity_src_gen.pdbx_alt_source_flag               sample 
_entity_src_gen.pdbx_seq_type                      ? 
_entity_src_gen.pdbx_beg_seq_num                   ? 
_entity_src_gen.pdbx_end_seq_num                   ? 
_entity_src_gen.gene_src_common_name               ? 
_entity_src_gen.gene_src_genus                     ? 
_entity_src_gen.pdbx_gene_src_gene                 'ethR, etaR, MT3970, Rv3855' 
_entity_src_gen.gene_src_species                   ? 
_entity_src_gen.gene_src_strain                    ? 
_entity_src_gen.gene_src_tissue                    ? 
_entity_src_gen.gene_src_tissue_fraction           ? 
_entity_src_gen.gene_src_details                   ? 
_entity_src_gen.pdbx_gene_src_fragment             ? 
_entity_src_gen.pdbx_gene_src_scientific_name      'Mycobacterium tuberculosis' 
_entity_src_gen.pdbx_gene_src_ncbi_taxonomy_id     1773 
_entity_src_gen.pdbx_gene_src_variant              ? 
_entity_src_gen.pdbx_gene_src_cell_line            ? 
_entity_src_gen.pdbx_gene_src_atcc                 ? 
_entity_src_gen.pdbx_gene_src_organ                ? 
_entity_src_gen.pdbx_gene_src_organelle            ? 
_entity_src_gen.pdbx_gene_src_cell                 ? 
_entity_src_gen.pdbx_gene_src_cellular_location    ? 
_entity_src_gen.host_org_common_name               ? 
_entity_src_gen.pdbx_host_org_scientific_name      'Escherichia coli' 
_entity_src_gen.pdbx_host_org_ncbi_taxonomy_id     562 
_entity_src_gen.host_org_genus                     ? 
_entity_src_gen.pdbx_host_org_gene                 ? 
_entity_src_gen.pdbx_host_org_organ                ? 
_entity_src_gen.host_org_species                   ? 
_entity_src_gen.pdbx_host_org_tissue               ? 
_entity_src_gen.pdbx_host_org_tissue_fraction      ? 
_entity_src_gen.pdbx_host_org_strain               ? 
_entity_src_gen.pdbx_host_org_variant              ? 
_entity_src_gen.pdbx_host_org_cell_line            ? 
_entity_src_gen.pdbx_host_org_atcc                 ? 
_entity_src_gen.pdbx_host_org_culture_collection   ? 
_entity_src_gen.pdbx_host_org_cell                 ? 
_entity_src_gen.pdbx_host_org_organelle            ? 
_entity_src_gen.pdbx_host_org_cellular_location    ? 
_entity_src_gen.pdbx_host_org_vector_type          ? 
_entity_src_gen.pdbx_host_org_vector               ? 
_entity_src_gen.host_org_details                   ? 
_entity_src_gen.expression_system_id               ? 
_entity_src_gen.plasmid_name                       ? 
_entity_src_gen.plasmid_details                    ? 
_entity_src_gen.pdbx_description                   ? 
# 
loop_
_chem_comp.id 
_chem_comp.type 
_chem_comp.mon_nstd_flag 
_chem_comp.name 
_chem_comp.pdbx_synonyms 
_chem_comp.formula 
_chem_comp.formula_weight 
ALA 'L-peptide linking' y ALANINE                                                                    ? 'C3 H7 N O2'     89.093  
ARG 'L-peptide linking' y ARGININE                                                                   ? 'C6 H15 N4 O2 1' 175.209 
ASN 'L-peptide linking' y ASPARAGINE                                                                 ? 'C4 H8 N2 O3'    132.118 
ASP 'L-peptide linking' y 'ASPARTIC ACID'                                                            ? 'C4 H7 N O4'     133.103 
GLN 'L-peptide linking' y GLUTAMINE                                                                  ? 'C5 H10 N2 O3'   146.144 
GLU 'L-peptide linking' y 'GLUTAMIC ACID'                                                            ? 'C5 H9 N O4'     147.129 
GLY 'peptide linking'   y GLYCINE                                                                    ? 'C2 H5 N O2'     75.067  
HIS 'L-peptide linking' y HISTIDINE                                                                  ? 'C6 H10 N3 O2 1' 156.162 
HOH non-polymer         . WATER                                                                      ? 'H2 O'           18.015  
ILE 'L-peptide linking' y ISOLEUCINE                                                                 ? 'C6 H13 N O2'    131.173 
LEU 'L-peptide linking' y LEUCINE                                                                    ? 'C6 H13 N O2'    131.173 
LYS 'L-peptide linking' y LYSINE                                                                     ? 'C6 H15 N2 O2 1' 147.195 
MET 'L-peptide linking' y METHIONINE                                                                 ? 'C5 H11 N O2 S'  149.211 
O8B non-polymer         . '2-(2-methylphenoxy)-N-[2-(4-methylphenyl)-2H-benzotriazol-5-yl]acetamide' ? 'C22 H20 N4 O2'  372.420 
PHE 'L-peptide linking' y PHENYLALANINE                                                              ? 'C9 H11 N O2'    165.189 
PRO 'L-peptide linking' y PROLINE                                                                    ? 'C5 H9 N O2'     115.130 
SER 'L-peptide linking' y SERINE                                                                     ? 'C3 H7 N O3'     105.093 
THR 'L-peptide linking' y THREONINE                                                                  ? 'C4 H9 N O3'     119.119 
TRP 'L-peptide linking' y TRYPTOPHAN                                                                 ? 'C11 H12 N2 O2'  204.225 
TYR 'L-peptide linking' y TYROSINE                                                                   ? 'C9 H11 N O3'    181.189 
VAL 'L-peptide linking' y VALINE                                                                     ? 'C5 H11 N O2'    117.146 
# 
loop_
_pdbx_poly_seq_scheme.asym_id 
_pdbx_poly_seq_scheme.entity_id 
_pdbx_poly_seq_scheme.seq_id 
_pdbx_poly_seq_scheme.mon_id 
_pdbx_poly_seq_scheme.ndb_seq_num 
_pdbx_poly_seq_scheme.pdb_seq_num 
_pdbx_poly_seq_scheme.auth_seq_num 
_pdbx_poly_seq_scheme.pdb_mon_id 
_pdbx_poly_seq_scheme.auth_mon_id 
_pdbx_poly_seq_scheme.pdb_strand_id 
_pdbx_poly_seq_scheme.pdb_ins_code 
_pdbx_poly_seq_scheme.hetero 
A 1 1   MET 1   -19 ?   ?   ?   A . n 
A 1 2   GLY 2   -18 ?   ?   ?   A . n 
A 1 3   SER 3   -17 ?   ?   ?   A . n 
A 1 4   SER 4   -16 ?   ?   ?   A . n 
A 1 5   HIS 5   -15 ?   ?   ?   A . n 
A 1 6   HIS 6   -14 ?   ?   ?   A . n 
A 1 7   HIS 7   -13 ?   ?   ?   A . n 
A 1 8   HIS 8   -12 ?   ?   ?   A . n 
A 1 9   HIS 9   -11 ?   ?   ?   A . n 
A 1 10  HIS 10  -10 ?   ?   ?   A . n 
A 1 11  SER 11  -9  ?   ?   ?   A . n 
A 1 12  SER 12  -8  ?   ?   ?   A . n 
A 1 13  GLY 13  -7  ?   ?   ?   A . n 
A 1 14  LEU 14  -6  ?   ?   ?   A . n 
A 1 15  VAL 15  -5  ?   ?   ?   A . n 
A 1 16  PRO 16  -4  ?   ?   ?   A . n 
A 1 17  ARG 17  -3  ?   ?   ?   A . n 
A 1 18  GLY 18  -2  ?   ?   ?   A . n 
A 1 19  SER 19  -1  ?   ?   ?   A . n 
A 1 20  HIS 20  0   ?   ?   ?   A . n 
A 1 21  MET 21  1   ?   ?   ?   A . n 
A 1 22  THR 22  2   ?   ?   ?   A . n 
A 1 23  THR 23  3   ?   ?   ?   A . n 
A 1 24  SER 24  4   ?   ?   ?   A . n 
A 1 25  ALA 25  5   ?   ?   ?   A . n 
A 1 26  ALA 26  6   ?   ?   ?   A . n 
A 1 27  SER 27  7   ?   ?   ?   A . n 
A 1 28  GLN 28  8   ?   ?   ?   A . n 
A 1 29  ALA 29  9   ?   ?   ?   A . n 
A 1 30  SER 30  10  ?   ?   ?   A . n 
A 1 31  LEU 31  11  ?   ?   ?   A . n 
A 1 32  PRO 32  12  ?   ?   ?   A . n 
A 1 33  ARG 33  13  ?   ?   ?   A . n 
A 1 34  GLY 34  14  ?   ?   ?   A . n 
A 1 35  ARG 35  15  ?   ?   ?   A . n 
A 1 36  ARG 36  16  ?   ?   ?   A . n 
A 1 37  THR 37  17  ?   ?   ?   A . n 
A 1 38  ALA 38  18  ?   ?   ?   A . n 
A 1 39  ARG 39  19  ?   ?   ?   A . n 
A 1 40  PRO 40  20  ?   ?   ?   A . n 
A 1 41  SER 41  21  ?   ?   ?   A . n 
A 1 42  GLY 42  22  22  GLY GLY A . n 
A 1 43  ASP 43  23  23  ASP ASP A . n 
A 1 44  ASP 44  24  24  ASP ASP A . n 
A 1 45  ARG 45  25  25  ARG ARG A . n 
A 1 46  GLU 46  26  26  GLU GLU A . n 
A 1 47  LEU 47  27  27  LEU LEU A . n 
A 1 48  ALA 48  28  28  ALA ALA A . n 
A 1 49  ILE 49  29  29  ILE ILE A . n 
A 1 50  LEU 50  30  30  LEU LEU A . n 
A 1 51  ALA 51  31  31  ALA ALA A . n 
A 1 52  THR 52  32  32  THR THR A . n 
A 1 53  ALA 53  33  33  ALA ALA A . n 
A 1 54  GLU 54  34  34  GLU GLU A . n 
A 1 55  ASN 55  35  35  ASN ASN A . n 
A 1 56  LEU 56  36  36  LEU LEU A . n 
A 1 57  LEU 57  37  37  LEU LEU A . n 
A 1 58  GLU 58  38  38  GLU GLU A . n 
A 1 59  ASP 59  39  39  ASP ASP A . n 
A 1 60  ARG 60  40  40  ARG ARG A . n 
A 1 61  PRO 61  41  41  PRO PRO A . n 
A 1 62  LEU 62  42  42  LEU LEU A . n 
A 1 63  ALA 63  43  43  ALA ALA A . n 
A 1 64  ASP 64  44  44  ASP ASP A . n 
A 1 65  ILE 65  45  45  ILE ILE A . n 
A 1 66  SER 66  46  46  SER SER A . n 
A 1 67  VAL 67  47  47  VAL VAL A . n 
A 1 68  ASP 68  48  48  ASP ASP A . n 
A 1 69  ASP 69  49  49  ASP ASP A . n 
A 1 70  LEU 70  50  50  LEU LEU A . n 
A 1 71  ALA 71  51  51  ALA ALA A . n 
A 1 72  LYS 72  52  52  LYS LYS A . n 
A 1 73  GLY 73  53  53  GLY GLY A . n 
A 1 74  ALA 74  54  54  ALA ALA A . n 
A 1 75  GLY 75  55  55  GLY GLY A . n 
A 1 76  ILE 76  56  56  ILE ILE A . n 
A 1 77  SER 77  57  57  SER SER A . n 
A 1 78  ARG 78  58  58  ARG ARG A . n 
A 1 79  PRO 79  59  59  PRO PRO A . n 
A 1 80  THR 80  60  60  THR THR A . n 
A 1 81  PHE 81  61  61  PHE PHE A . n 
A 1 82  TYR 82  62  62  TYR TYR A . n 
A 1 83  PHE 83  63  63  PHE PHE A . n 
A 1 84  TYR 84  64  64  TYR TYR A . n 
A 1 85  PHE 85  65  65  PHE PHE A . n 
A 1 86  PRO 86  66  66  PRO PRO A . n 
A 1 87  SER 87  67  67  SER SER A . n 
A 1 88  LYS 88  68  68  LYS LYS A . n 
A 1 89  GLU 89  69  69  GLU GLU A . n 
A 1 90  ALA 90  70  70  ALA ALA A . n 
A 1 91  VAL 91  71  71  VAL VAL A . n 
A 1 92  LEU 92  72  72  LEU LEU A . n 
A 1 93  LEU 93  73  73  LEU LEU A . n 
A 1 94  THR 94  74  74  THR THR A . n 
A 1 95  LEU 95  75  75  LEU LEU A . n 
A 1 96  LEU 96  76  76  LEU LEU A . n 
A 1 97  ASP 97  77  77  ASP ASP A . n 
A 1 98  ARG 98  78  78  ARG ARG A . n 
A 1 99  VAL 99  79  79  VAL VAL A . n 
A 1 100 VAL 100 80  80  VAL VAL A . n 
A 1 101 ASN 101 81  81  ASN ASN A . n 
A 1 102 GLN 102 82  82  GLN GLN A . n 
A 1 103 ALA 103 83  83  ALA ALA A . n 
A 1 104 ASP 104 84  84  ASP ASP A . n 
A 1 105 MET 105 85  85  MET MET A . n 
A 1 106 ALA 106 86  86  ALA ALA A . n 
A 1 107 LEU 107 87  87  LEU LEU A . n 
A 1 108 GLN 108 88  88  GLN GLN A . n 
A 1 109 THR 109 89  89  THR THR A . n 
A 1 110 LEU 110 90  90  LEU LEU A . n 
A 1 111 ALA 111 91  91  ALA ALA A . n 
A 1 112 GLU 112 92  92  GLU GLU A . n 
A 1 113 ASN 113 93  93  ASN ASN A . n 
A 1 114 PRO 114 94  94  PRO PRO A . n 
A 1 115 ALA 115 95  95  ALA ALA A . n 
A 1 116 ASP 116 96  96  ASP ASP A . n 
A 1 117 THR 117 97  97  THR THR A . n 
A 1 118 ASP 118 98  98  ASP ASP A . n 
A 1 119 ARG 119 99  99  ARG ARG A . n 
A 1 120 GLU 120 100 100 GLU GLU A . n 
A 1 121 ASN 121 101 101 ASN ASN A . n 
A 1 122 MET 122 102 102 MET MET A . n 
A 1 123 TRP 123 103 103 TRP TRP A . n 
A 1 124 ARG 124 104 104 ARG ARG A . n 
A 1 125 THR 125 105 105 THR THR A . n 
A 1 126 GLY 126 106 106 GLY GLY A . n 
A 1 127 ILE 127 107 107 ILE ILE A . n 
A 1 128 ASN 128 108 108 ASN ASN A . n 
A 1 129 VAL 129 109 109 VAL VAL A . n 
A 1 130 PHE 130 110 110 PHE PHE A . n 
A 1 131 PHE 131 111 111 PHE PHE A . n 
A 1 132 GLU 132 112 112 GLU GLU A . n 
A 1 133 THR 133 113 113 THR THR A . n 
A 1 134 PHE 134 114 114 PHE PHE A . n 
A 1 135 GLY 135 115 115 GLY GLY A . n 
A 1 136 SER 136 116 116 SER SER A . n 
A 1 137 HIS 137 117 117 HIS HIS A . n 
A 1 138 LYS 138 118 118 LYS LYS A . n 
A 1 139 ALA 139 119 119 ALA ALA A . n 
A 1 140 VAL 140 120 120 VAL VAL A . n 
A 1 141 THR 141 121 121 THR THR A . n 
A 1 142 ARG 142 122 122 ARG ARG A . n 
A 1 143 ALA 143 123 123 ALA ALA A . n 
A 1 144 GLY 144 124 124 GLY GLY A . n 
A 1 145 GLN 145 125 125 GLN GLN A . n 
A 1 146 ALA 146 126 126 ALA ALA A . n 
A 1 147 ALA 147 127 127 ALA ALA A . n 
A 1 148 ARG 148 128 128 ARG ARG A . n 
A 1 149 ALA 149 129 129 ALA ALA A . n 
A 1 150 THR 150 130 130 THR THR A . n 
A 1 151 SER 151 131 131 SER SER A . n 
A 1 152 VAL 152 132 132 VAL VAL A . n 
A 1 153 GLU 153 133 133 GLU GLU A . n 
A 1 154 VAL 154 134 134 VAL VAL A . n 
A 1 155 ALA 155 135 135 ALA ALA A . n 
A 1 156 GLU 156 136 136 GLU GLU A . n 
A 1 157 LEU 157 137 137 LEU LEU A . n 
A 1 158 TRP 158 138 138 TRP TRP A . n 
A 1 159 SER 159 139 139 SER SER A . n 
A 1 160 THR 160 140 140 THR THR A . n 
A 1 161 PHE 161 141 141 PHE PHE A . n 
A 1 162 MET 162 142 142 MET MET A . n 
A 1 163 GLN 163 143 143 GLN GLN A . n 
A 1 164 LYS 164 144 144 LYS LYS A . n 
A 1 165 TRP 165 145 145 TRP TRP A . n 
A 1 166 ILE 166 146 146 ILE ILE A . n 
A 1 167 ALA 167 147 147 ALA ALA A . n 
A 1 168 TYR 168 148 148 TYR TYR A . n 
A 1 169 THR 169 149 149 THR THR A . n 
A 1 170 ALA 170 150 150 ALA ALA A . n 
A 1 171 ALA 171 151 151 ALA ALA A . n 
A 1 172 VAL 172 152 152 VAL VAL A . n 
A 1 173 ILE 173 153 153 ILE ILE A . n 
A 1 174 ASP 174 154 154 ASP ASP A . n 
A 1 175 ALA 175 155 155 ALA ALA A . n 
A 1 176 GLU 176 156 156 GLU GLU A . n 
A 1 177 ARG 177 157 157 ARG ARG A . n 
A 1 178 ASP 178 158 158 ASP ASP A . n 
A 1 179 ARG 179 159 159 ARG ARG A . n 
A 1 180 GLY 180 160 160 GLY GLY A . n 
A 1 181 ALA 181 161 161 ALA ALA A . n 
A 1 182 ALA 182 162 162 ALA ALA A . n 
A 1 183 PRO 183 163 163 PRO PRO A . n 
A 1 184 ARG 184 164 164 ARG ARG A . n 
A 1 185 THR 185 165 165 THR THR A . n 
A 1 186 LEU 186 166 166 LEU LEU A . n 
A 1 187 PRO 187 167 167 PRO PRO A . n 
A 1 188 ALA 188 168 168 ALA ALA A . n 
A 1 189 HIS 189 169 169 HIS HIS A . n 
A 1 190 GLU 190 170 170 GLU GLU A . n 
A 1 191 LEU 191 171 171 LEU LEU A . n 
A 1 192 ALA 192 172 172 ALA ALA A . n 
A 1 193 THR 193 173 173 THR THR A . n 
A 1 194 ALA 194 174 174 ALA ALA A . n 
A 1 195 LEU 195 175 175 LEU LEU A . n 
A 1 196 ASN 196 176 176 ASN ASN A . n 
A 1 197 LEU 197 177 177 LEU LEU A . n 
A 1 198 MET 198 178 178 MET MET A . n 
A 1 199 ASN 199 179 179 ASN ASN A . n 
A 1 200 GLU 200 180 180 GLU GLU A . n 
A 1 201 ARG 201 181 181 ARG ARG A . n 
A 1 202 THR 202 182 182 THR THR A . n 
A 1 203 LEU 203 183 183 LEU LEU A . n 
A 1 204 PHE 204 184 184 PHE PHE A . n 
A 1 205 ALA 205 185 185 ALA ALA A . n 
A 1 206 SER 206 186 186 SER SER A . n 
A 1 207 PHE 207 187 187 PHE PHE A . n 
A 1 208 ALA 208 188 188 ALA ALA A . n 
A 1 209 GLY 209 189 189 GLY GLY A . n 
A 1 210 GLU 210 190 190 GLU GLU A . n 
A 1 211 GLN 211 191 191 GLN GLN A . n 
A 1 212 PRO 212 192 192 PRO PRO A . n 
A 1 213 SER 213 193 193 SER SER A . n 
A 1 214 VAL 214 194 194 VAL VAL A . n 
A 1 215 PRO 215 195 195 PRO PRO A . n 
A 1 216 GLU 216 196 196 GLU GLU A . n 
A 1 217 ALA 217 197 197 ALA ALA A . n 
A 1 218 ARG 218 198 198 ARG ARG A . n 
A 1 219 VAL 219 199 199 VAL VAL A . n 
A 1 220 LEU 220 200 200 LEU LEU A . n 
A 1 221 ASP 221 201 201 ASP ASP A . n 
A 1 222 THR 222 202 202 THR THR A . n 
A 1 223 LEU 223 203 203 LEU LEU A . n 
A 1 224 VAL 224 204 204 VAL VAL A . n 
A 1 225 HIS 225 205 205 HIS HIS A . n 
A 1 226 ILE 226 206 206 ILE ILE A . n 
A 1 227 TRP 227 207 207 TRP TRP A . n 
A 1 228 VAL 228 208 208 VAL VAL A . n 
A 1 229 THR 229 209 209 THR THR A . n 
A 1 230 SER 230 210 210 SER SER A . n 
A 1 231 ILE 231 211 211 ILE ILE A . n 
A 1 232 TYR 232 212 212 TYR TYR A . n 
A 1 233 GLY 233 213 213 GLY GLY A . n 
A 1 234 GLU 234 214 214 GLU GLU A . n 
A 1 235 ASN 235 215 215 ASN ASN A . n 
A 1 236 ARG 236 216 ?   ?   ?   A . n 
# 
loop_
_pdbx_nonpoly_scheme.asym_id 
_pdbx_nonpoly_scheme.entity_id 
_pdbx_nonpoly_scheme.mon_id 
_pdbx_nonpoly_scheme.ndb_seq_num 
_pdbx_nonpoly_scheme.pdb_seq_num 
_pdbx_nonpoly_scheme.auth_seq_num 
_pdbx_nonpoly_scheme.pdb_mon_id 
_pdbx_nonpoly_scheme.auth_mon_id 
_pdbx_nonpoly_scheme.pdb_strand_id 
_pdbx_nonpoly_scheme.pdb_ins_code 
B 2 O8B 1   217 1   O8B O8B A . 
C 3 HOH 1   218 1   HOH HOH A . 
C 3 HOH 2   219 2   HOH HOH A . 
C 3 HOH 3   220 3   HOH HOH A . 
C 3 HOH 4   221 4   HOH HOH A . 
C 3 HOH 5   222 5   HOH HOH A . 
C 3 HOH 6   223 6   HOH HOH A . 
C 3 HOH 7   224 7   HOH HOH A . 
C 3 HOH 8   225 8   HOH HOH A . 
C 3 HOH 9   226 9   HOH HOH A . 
C 3 HOH 10  227 10  HOH HOH A . 
C 3 HOH 11  228 11  HOH HOH A . 
C 3 HOH 12  229 12  HOH HOH A . 
C 3 HOH 13  230 13  HOH HOH A . 
C 3 HOH 14  231 14  HOH HOH A . 
C 3 HOH 15  232 15  HOH HOH A . 
C 3 HOH 16  233 16  HOH HOH A . 
C 3 HOH 17  234 17  HOH HOH A . 
C 3 HOH 18  235 18  HOH HOH A . 
C 3 HOH 19  236 19  HOH HOH A . 
C 3 HOH 20  237 20  HOH HOH A . 
C 3 HOH 21  238 21  HOH HOH A . 
C 3 HOH 22  239 22  HOH HOH A . 
C 3 HOH 23  240 23  HOH HOH A . 
C 3 HOH 24  241 24  HOH HOH A . 
C 3 HOH 25  242 25  HOH HOH A . 
C 3 HOH 26  243 26  HOH HOH A . 
C 3 HOH 27  244 27  HOH HOH A . 
C 3 HOH 28  245 28  HOH HOH A . 
C 3 HOH 29  246 29  HOH HOH A . 
C 3 HOH 30  247 30  HOH HOH A . 
C 3 HOH 31  248 31  HOH HOH A . 
C 3 HOH 32  249 32  HOH HOH A . 
C 3 HOH 33  250 33  HOH HOH A . 
C 3 HOH 34  251 34  HOH HOH A . 
C 3 HOH 35  252 35  HOH HOH A . 
C 3 HOH 36  253 36  HOH HOH A . 
C 3 HOH 37  254 37  HOH HOH A . 
C 3 HOH 38  255 38  HOH HOH A . 
C 3 HOH 39  256 39  HOH HOH A . 
C 3 HOH 40  257 40  HOH HOH A . 
C 3 HOH 41  258 41  HOH HOH A . 
C 3 HOH 42  259 42  HOH HOH A . 
C 3 HOH 43  260 43  HOH HOH A . 
C 3 HOH 44  261 44  HOH HOH A . 
C 3 HOH 45  262 45  HOH HOH A . 
C 3 HOH 46  263 46  HOH HOH A . 
C 3 HOH 47  264 47  HOH HOH A . 
C 3 HOH 48  265 48  HOH HOH A . 
C 3 HOH 49  266 49  HOH HOH A . 
C 3 HOH 50  267 50  HOH HOH A . 
C 3 HOH 51  268 51  HOH HOH A . 
C 3 HOH 52  269 52  HOH HOH A . 
C 3 HOH 53  270 53  HOH HOH A . 
C 3 HOH 54  271 54  HOH HOH A . 
C 3 HOH 55  272 55  HOH HOH A . 
C 3 HOH 56  273 56  HOH HOH A . 
C 3 HOH 57  274 57  HOH HOH A . 
C 3 HOH 58  275 58  HOH HOH A . 
C 3 HOH 59  276 59  HOH HOH A . 
C 3 HOH 60  277 60  HOH HOH A . 
C 3 HOH 61  278 61  HOH HOH A . 
C 3 HOH 62  279 62  HOH HOH A . 
C 3 HOH 63  280 63  HOH HOH A . 
C 3 HOH 64  281 64  HOH HOH A . 
C 3 HOH 65  282 65  HOH HOH A . 
C 3 HOH 66  283 66  HOH HOH A . 
C 3 HOH 67  284 67  HOH HOH A . 
C 3 HOH 68  285 68  HOH HOH A . 
C 3 HOH 69  286 69  HOH HOH A . 
C 3 HOH 70  287 70  HOH HOH A . 
C 3 HOH 71  288 71  HOH HOH A . 
C 3 HOH 72  289 72  HOH HOH A . 
C 3 HOH 73  290 73  HOH HOH A . 
C 3 HOH 74  291 74  HOH HOH A . 
C 3 HOH 75  292 75  HOH HOH A . 
C 3 HOH 76  293 76  HOH HOH A . 
C 3 HOH 77  294 77  HOH HOH A . 
C 3 HOH 78  295 78  HOH HOH A . 
C 3 HOH 79  296 79  HOH HOH A . 
C 3 HOH 80  297 80  HOH HOH A . 
C 3 HOH 81  298 81  HOH HOH A . 
C 3 HOH 82  299 82  HOH HOH A . 
C 3 HOH 83  300 83  HOH HOH A . 
C 3 HOH 84  301 84  HOH HOH A . 
C 3 HOH 85  302 85  HOH HOH A . 
C 3 HOH 86  303 86  HOH HOH A . 
C 3 HOH 87  304 87  HOH HOH A . 
C 3 HOH 88  305 88  HOH HOH A . 
C 3 HOH 89  306 89  HOH HOH A . 
C 3 HOH 90  307 90  HOH HOH A . 
C 3 HOH 91  308 91  HOH HOH A . 
C 3 HOH 92  309 92  HOH HOH A . 
C 3 HOH 93  310 93  HOH HOH A . 
C 3 HOH 94  311 94  HOH HOH A . 
C 3 HOH 95  312 95  HOH HOH A . 
C 3 HOH 96  313 96  HOH HOH A . 
C 3 HOH 97  314 97  HOH HOH A . 
C 3 HOH 98  315 98  HOH HOH A . 
C 3 HOH 99  316 99  HOH HOH A . 
C 3 HOH 100 317 100 HOH HOH A . 
C 3 HOH 101 318 101 HOH HOH A . 
C 3 HOH 102 319 102 HOH HOH A . 
C 3 HOH 103 320 103 HOH HOH A . 
C 3 HOH 104 321 104 HOH HOH A . 
C 3 HOH 105 322 105 HOH HOH A . 
C 3 HOH 106 323 106 HOH HOH A . 
C 3 HOH 107 324 107 HOH HOH A . 
C 3 HOH 108 325 108 HOH HOH A . 
C 3 HOH 109 326 109 HOH HOH A . 
C 3 HOH 110 327 110 HOH HOH A . 
C 3 HOH 111 328 111 HOH HOH A . 
C 3 HOH 112 329 112 HOH HOH A . 
C 3 HOH 113 330 113 HOH HOH A . 
C 3 HOH 114 331 114 HOH HOH A . 
C 3 HOH 115 332 115 HOH HOH A . 
C 3 HOH 116 333 116 HOH HOH A . 
C 3 HOH 117 334 117 HOH HOH A . 
C 3 HOH 118 335 118 HOH HOH A . 
C 3 HOH 119 336 119 HOH HOH A . 
C 3 HOH 120 337 120 HOH HOH A . 
C 3 HOH 121 338 121 HOH HOH A . 
C 3 HOH 122 339 122 HOH HOH A . 
C 3 HOH 123 340 123 HOH HOH A . 
C 3 HOH 124 341 124 HOH HOH A . 
C 3 HOH 125 342 125 HOH HOH A . 
C 3 HOH 126 343 126 HOH HOH A . 
C 3 HOH 127 344 127 HOH HOH A . 
C 3 HOH 128 345 128 HOH HOH A . 
C 3 HOH 129 346 129 HOH HOH A . 
C 3 HOH 130 347 130 HOH HOH A . 
C 3 HOH 131 348 131 HOH HOH A . 
C 3 HOH 132 349 132 HOH HOH A . 
C 3 HOH 133 350 133 HOH HOH A . 
C 3 HOH 134 351 134 HOH HOH A . 
C 3 HOH 135 352 135 HOH HOH A . 
C 3 HOH 136 353 136 HOH HOH A . 
C 3 HOH 137 354 137 HOH HOH A . 
C 3 HOH 138 355 138 HOH HOH A . 
C 3 HOH 139 356 139 HOH HOH A . 
C 3 HOH 140 357 140 HOH HOH A . 
C 3 HOH 141 358 141 HOH HOH A . 
C 3 HOH 142 359 142 HOH HOH A . 
C 3 HOH 143 360 143 HOH HOH A . 
C 3 HOH 144 361 144 HOH HOH A . 
C 3 HOH 145 362 145 HOH HOH A . 
C 3 HOH 146 363 146 HOH HOH A . 
C 3 HOH 147 364 147 HOH HOH A . 
C 3 HOH 148 365 148 HOH HOH A . 
C 3 HOH 149 366 149 HOH HOH A . 
C 3 HOH 150 367 150 HOH HOH A . 
C 3 HOH 151 368 151 HOH HOH A . 
C 3 HOH 152 369 152 HOH HOH A . 
C 3 HOH 153 370 153 HOH HOH A . 
C 3 HOH 154 371 154 HOH HOH A . 
C 3 HOH 155 372 155 HOH HOH A . 
C 3 HOH 156 373 156 HOH HOH A . 
C 3 HOH 157 374 157 HOH HOH A . 
C 3 HOH 158 375 158 HOH HOH A . 
C 3 HOH 159 376 159 HOH HOH A . 
C 3 HOH 160 377 160 HOH HOH A . 
C 3 HOH 161 378 161 HOH HOH A . 
C 3 HOH 162 379 162 HOH HOH A . 
C 3 HOH 163 380 163 HOH HOH A . 
C 3 HOH 164 381 164 HOH HOH A . 
C 3 HOH 165 382 165 HOH HOH A . 
C 3 HOH 166 383 166 HOH HOH A . 
C 3 HOH 167 384 167 HOH HOH A . 
C 3 HOH 168 385 168 HOH HOH A . 
# 
_software.name             REFMAC 
_software.classification   refinement 
_software.version          5.2.0019 
_software.citation_id      ? 
_software.pdbx_ordinal     1 
# 
_cell.entry_id           3Q3S 
_cell.length_a           121.160 
_cell.length_b           121.160 
_cell.length_c           33.820 
_cell.angle_alpha        90.00 
_cell.angle_beta         90.00 
_cell.angle_gamma        90.00 
_cell.Z_PDB              8 
_cell.pdbx_unique_axis   ? 
_cell.length_a_esd       ? 
_cell.length_b_esd       ? 
_cell.length_c_esd       ? 
_cell.angle_alpha_esd    ? 
_cell.angle_beta_esd     ? 
_cell.angle_gamma_esd    ? 
# 
_symmetry.entry_id                         3Q3S 
_symmetry.space_group_name_H-M             'P 41 21 2' 
_symmetry.pdbx_full_space_group_name_H-M   ? 
_symmetry.cell_setting                     ? 
_symmetry.Int_Tables_number                92 
_symmetry.space_group_name_Hall            ? 
# 
_exptl.entry_id          3Q3S 
_exptl.method            'X-RAY DIFFRACTION' 
_exptl.crystals_number   ? 
# 
_exptl_crystal.id                    1 
_exptl_crystal.density_meas          ? 
_exptl_crystal.density_Matthews      2.39 
_exptl_crystal.density_percent_sol   48.56 
_exptl_crystal.description           ? 
_exptl_crystal.F_000                 ? 
_exptl_crystal.preparation           ? 
# 
_exptl_crystal_grow.crystal_id      1 
_exptl_crystal_grow.method          'VAPOR DIFFUSION, HANGING DROP' 
_exptl_crystal_grow.temp            293.0 
_exptl_crystal_grow.temp_details    ? 
_exptl_crystal_grow.pH              6.5 
_exptl_crystal_grow.pdbx_details    
'0.1mM Mes pH6.5, 1.5M Ammonium Sulfate and 10% Glycerol, VAPOR DIFFUSION, HANGING DROP, temperature 293.0K' 
_exptl_crystal_grow.pdbx_pH_range   ? 
# 
_diffrn.id                     1 
_diffrn.ambient_temp           ? 
_diffrn.ambient_temp_details   ? 
_diffrn.crystal_id             1 
# 
_diffrn_radiation.diffrn_id                        1 
_diffrn_radiation.wavelength_id                    1 
_diffrn_radiation.pdbx_monochromatic_or_laue_m_l   M 
_diffrn_radiation.monochromator                    ? 
_diffrn_radiation.pdbx_diffrn_protocol             'SINGLE WAVELENGTH' 
_diffrn_radiation.pdbx_scattering_type             x-ray 
# 
_diffrn_radiation_wavelength.id           1 
_diffrn_radiation_wavelength.wavelength   0.933 
_diffrn_radiation_wavelength.wt           1.0 
# 
_diffrn_source.diffrn_id                   1 
_diffrn_source.source                      SYNCHROTRON 
_diffrn_source.type                        'ESRF BEAMLINE ID14-2' 
_diffrn_source.pdbx_synchrotron_site       ESRF 
_diffrn_source.pdbx_synchrotron_beamline   ID14-2 
_diffrn_source.pdbx_wavelength             ? 
_diffrn_source.pdbx_wavelength_list        0.933 
# 
_reflns.entry_id                     3Q3S 
_reflns.observed_criterion_sigma_I   ? 
_reflns.observed_criterion_sigma_F   ? 
_reflns.d_resolution_low             19.9 
_reflns.d_resolution_high            2.0 
_reflns.number_obs                   17607 
_reflns.number_all                   ? 
_reflns.percent_possible_obs         ? 
_reflns.pdbx_Rmerge_I_obs            ? 
_reflns.pdbx_Rsym_value              ? 
_reflns.pdbx_netI_over_sigmaI        ? 
_reflns.B_iso_Wilson_estimate        ? 
_reflns.pdbx_redundancy              ? 
_reflns.R_free_details               ? 
_reflns.limit_h_max                  ? 
_reflns.limit_h_min                  ? 
_reflns.limit_k_max                  ? 
_reflns.limit_k_min                  ? 
_reflns.limit_l_max                  ? 
_reflns.limit_l_min                  ? 
_reflns.observed_criterion_F_max     ? 
_reflns.observed_criterion_F_min     ? 
_reflns.pdbx_chi_squared             ? 
_reflns.pdbx_scaling_rejects         ? 
_reflns.pdbx_ordinal                 1 
_reflns.pdbx_diffrn_id               1 
# 
_refine.entry_id                                 3Q3S 
_refine.ls_number_reflns_obs                     16710 
_refine.ls_number_reflns_all                     ? 
_refine.pdbx_ls_sigma_I                          ? 
_refine.pdbx_ls_sigma_F                          . 
_refine.pdbx_data_cutoff_high_absF               ? 
_refine.pdbx_data_cutoff_low_absF                ? 
_refine.pdbx_data_cutoff_high_rms_absF           ? 
_refine.ls_d_res_low                             19.9 
_refine.ls_d_res_high                            2.00 
_refine.ls_percent_reflns_obs                    100.00 
_refine.ls_R_factor_obs                          0.19117 
_refine.ls_R_factor_all                          ? 
_refine.ls_R_factor_R_work                       0.18915 
_refine.ls_R_factor_R_free                       0.23150 
_refine.ls_R_factor_R_free_error                 ? 
_refine.ls_R_factor_R_free_error_details         ? 
_refine.ls_percent_reflns_R_free                 5.1 
_refine.ls_number_reflns_R_free                  893 
_refine.ls_number_parameters                     ? 
_refine.ls_number_restraints                     ? 
_refine.occupancy_min                            ? 
_refine.occupancy_max                            ? 
_refine.correlation_coeff_Fo_to_Fc               0.949 
_refine.correlation_coeff_Fo_to_Fc_free          0.930 
_refine.B_iso_mean                               29.882 
_refine.aniso_B[1][1]                            0.19 
_refine.aniso_B[2][2]                            0.19 
_refine.aniso_B[3][3]                            -0.39 
_refine.aniso_B[1][2]                            0.00 
_refine.aniso_B[1][3]                            0.00 
_refine.aniso_B[2][3]                            0.00 
_refine.solvent_model_details                    MASK 
_refine.solvent_model_param_ksol                 ? 
_refine.solvent_model_param_bsol                 ? 
_refine.pdbx_solvent_vdw_probe_radii             1.20 
_refine.pdbx_solvent_ion_probe_radii             0.80 
_refine.pdbx_solvent_shrinkage_radii             0.80 
_refine.pdbx_ls_cross_valid_method               THROUGHOUT 
_refine.details                                  'HYDROGENS HAVE BEEN ADDED IN THE RIDING POSITIONS' 
_refine.pdbx_starting_model                      ? 
_refine.pdbx_method_to_determine_struct          'MOLECULAR REPLACEMENT' 
_refine.pdbx_isotropic_thermal_model             ? 
_refine.pdbx_stereochemistry_target_values       'MAXIMUM LIKELIHOOD' 
_refine.pdbx_stereochem_target_val_spec_case     ? 
_refine.pdbx_R_Free_selection_details            RANDOM 
_refine.pdbx_overall_ESU_R_Free                  0.151 
_refine.overall_SU_ML                            0.102 
_refine.overall_SU_B                             3.577 
_refine.overall_SU_R_Cruickshank_DPI             ? 
_refine.ls_redundancy_reflns_obs                 ? 
_refine.B_iso_min                                ? 
_refine.B_iso_max                                ? 
_refine.overall_SU_R_free                        ? 
_refine.ls_wR_factor_R_free                      ? 
_refine.ls_wR_factor_R_work                      ? 
_refine.overall_FOM_free_R_set                   ? 
_refine.overall_FOM_work_R_set                   ? 
_refine.pdbx_overall_phase_error                 ? 
_refine.pdbx_refine_id                           'X-RAY DIFFRACTION' 
_refine.pdbx_diffrn_id                           1 
_refine.pdbx_overall_ESU_R                       ? 
_refine.pdbx_TLS_residual_ADP_flag               ? 
_refine.pdbx_overall_SU_R_free_Cruickshank_DPI   ? 
_refine.pdbx_overall_SU_R_Blow_DPI               ? 
_refine.pdbx_overall_SU_R_free_Blow_DPI          ? 
# 
_refine_hist.pdbx_refine_id                   'X-RAY DIFFRACTION' 
_refine_hist.cycle_id                         LAST 
_refine_hist.pdbx_number_atoms_protein        1510 
_refine_hist.pdbx_number_atoms_nucleic_acid   0 
_refine_hist.pdbx_number_atoms_ligand         28 
_refine_hist.number_atoms_solvent             168 
_refine_hist.number_atoms_total               1706 
_refine_hist.d_res_high                       2.00 
_refine_hist.d_res_low                        19.9 
# 
loop_
_refine_ls_restr.type 
_refine_ls_restr.dev_ideal 
_refine_ls_restr.dev_ideal_target 
_refine_ls_restr.weight 
_refine_ls_restr.number 
_refine_ls_restr.pdbx_refine_id 
_refine_ls_restr.pdbx_restraint_function 
r_bond_refined_d             0.017  0.022  ? 1573 'X-RAY DIFFRACTION' ? 
r_bond_other_d               ?      ?      ? ?    'X-RAY DIFFRACTION' ? 
r_angle_refined_deg          1.508  1.969  ? 2146 'X-RAY DIFFRACTION' ? 
r_angle_other_deg            ?      ?      ? ?    'X-RAY DIFFRACTION' ? 
r_dihedral_angle_1_deg       5.682  5.000  ? 193  'X-RAY DIFFRACTION' ? 
r_dihedral_angle_2_deg       40.198 23.784 ? 74   'X-RAY DIFFRACTION' ? 
r_dihedral_angle_3_deg       17.019 15.000 ? 242  'X-RAY DIFFRACTION' ? 
r_dihedral_angle_4_deg       18.808 15.000 ? 13   'X-RAY DIFFRACTION' ? 
r_chiral_restr               0.104  0.200  ? 242  'X-RAY DIFFRACTION' ? 
r_gen_planes_refined         0.007  0.020  ? 1222 'X-RAY DIFFRACTION' ? 
r_gen_planes_other           ?      ?      ? ?    'X-RAY DIFFRACTION' ? 
r_nbd_refined                0.237  0.200  ? 847  'X-RAY DIFFRACTION' ? 
r_nbd_other                  ?      ?      ? ?    'X-RAY DIFFRACTION' ? 
r_nbtor_refined              0.306  0.200  ? 1094 'X-RAY DIFFRACTION' ? 
r_nbtor_other                ?      ?      ? ?    'X-RAY DIFFRACTION' ? 
r_xyhbond_nbd_refined        0.274  0.200  ? 124  'X-RAY DIFFRACTION' ? 
r_xyhbond_nbd_other          ?      ?      ? ?    'X-RAY DIFFRACTION' ? 
r_metal_ion_refined          ?      ?      ? ?    'X-RAY DIFFRACTION' ? 
r_metal_ion_other            ?      ?      ? ?    'X-RAY DIFFRACTION' ? 
r_symmetry_vdw_refined       0.215  0.200  ? 49   'X-RAY DIFFRACTION' ? 
r_symmetry_vdw_other         ?      ?      ? ?    'X-RAY DIFFRACTION' ? 
r_symmetry_hbond_refined     0.266  0.200  ? 23   'X-RAY DIFFRACTION' ? 
r_symmetry_hbond_other       ?      ?      ? ?    'X-RAY DIFFRACTION' ? 
r_symmetry_metal_ion_refined ?      ?      ? ?    'X-RAY DIFFRACTION' ? 
r_symmetry_metal_ion_other   ?      ?      ? ?    'X-RAY DIFFRACTION' ? 
r_mcbond_it                  1.114  1.500  ? 998  'X-RAY DIFFRACTION' ? 
r_mcbond_other               ?      ?      ? ?    'X-RAY DIFFRACTION' ? 
r_mcangle_it                 1.740  2.000  ? 1556 'X-RAY DIFFRACTION' ? 
r_scbond_it                  2.685  3.000  ? 674  'X-RAY DIFFRACTION' ? 
r_scangle_it                 4.081  4.500  ? 590  'X-RAY DIFFRACTION' ? 
r_rigid_bond_restr           ?      ?      ? ?    'X-RAY DIFFRACTION' ? 
r_sphericity_free            ?      ?      ? ?    'X-RAY DIFFRACTION' ? 
r_sphericity_bonded          ?      ?      ? ?    'X-RAY DIFFRACTION' ? 
# 
_refine_ls_shell.pdbx_total_number_of_bins_used   20 
_refine_ls_shell.d_res_high                       2.000 
_refine_ls_shell.d_res_low                        2.052 
_refine_ls_shell.number_reflns_R_work             1187 
_refine_ls_shell.R_factor_R_work                  0.222 
_refine_ls_shell.percent_reflns_obs               100.00 
_refine_ls_shell.R_factor_R_free                  0.258 
_refine_ls_shell.R_factor_R_free_error            ? 
_refine_ls_shell.percent_reflns_R_free            ? 
_refine_ls_shell.number_reflns_R_free             58 
_refine_ls_shell.number_reflns_all                ? 
_refine_ls_shell.R_factor_all                     ? 
_refine_ls_shell.number_reflns_obs                ? 
_refine_ls_shell.redundancy_reflns_obs            ? 
_refine_ls_shell.pdbx_refine_id                   'X-RAY DIFFRACTION' 
# 
_struct.entry_id                  3Q3S 
_struct.title                     'EthR from Mycobacterium tuberculosis in complex with compound BDM5683' 
_struct.pdbx_model_details        ? 
_struct.pdbx_CASP_flag            ? 
_struct.pdbx_model_type_details   ? 
# 
_struct_keywords.entry_id        3Q3S 
_struct_keywords.pdbx_keywords   'TRANSCRIPTION REPRESSOR/INHIBITOR' 
_struct_keywords.text            
'Antitubercular Agents, DNA-Binding Protein, Repressor Proteins, Tuberculosis, TRANSCRIPTION REPRESSOR-INHIBITOR complex' 
# 
loop_
_struct_asym.id 
_struct_asym.pdbx_blank_PDB_chainid_flag 
_struct_asym.pdbx_modified 
_struct_asym.entity_id 
_struct_asym.details 
A N N 1 ? 
B N N 2 ? 
C N N 3 ? 
# 
_struct_ref.id                         1 
_struct_ref.db_name                    UNP 
_struct_ref.db_code                    ETHR_MYCTU 
_struct_ref.pdbx_db_accession          P96222 
_struct_ref.entity_id                  1 
_struct_ref.pdbx_seq_one_letter_code   
;MTTSAASQASLPRGRRTARPSGDDRELAILATAENLLEDRPLADISVDDLAKGAGISRPTFYFYFPSKEAVLLTLLDRVV
NQADMALQTLAENPADTDRENMWRTGINVFFETFGSHKAVTRAGQAARATSVEVAELWSTFMQKWIAYTAAVIDAERDRG
AAPRTLPAHELATALNLMNERTLFASFAGEQPSVPEARVLDTLVHIWVTSIYGENR
;
_struct_ref.pdbx_align_begin           1 
_struct_ref.pdbx_db_isoform            ? 
# 
_struct_ref_seq.align_id                      1 
_struct_ref_seq.ref_id                        1 
_struct_ref_seq.pdbx_PDB_id_code              3Q3S 
_struct_ref_seq.pdbx_strand_id                A 
_struct_ref_seq.seq_align_beg                 21 
_struct_ref_seq.pdbx_seq_align_beg_ins_code   ? 
_struct_ref_seq.seq_align_end                 236 
_struct_ref_seq.pdbx_seq_align_end_ins_code   ? 
_struct_ref_seq.pdbx_db_accession             P96222 
_struct_ref_seq.db_align_beg                  1 
_struct_ref_seq.pdbx_db_align_beg_ins_code    ? 
_struct_ref_seq.db_align_end                  216 
_struct_ref_seq.pdbx_db_align_end_ins_code    ? 
_struct_ref_seq.pdbx_auth_seq_align_beg       1 
_struct_ref_seq.pdbx_auth_seq_align_end       216 
# 
loop_
_struct_ref_seq_dif.align_id 
_struct_ref_seq_dif.pdbx_pdb_id_code 
_struct_ref_seq_dif.mon_id 
_struct_ref_seq_dif.pdbx_pdb_strand_id 
_struct_ref_seq_dif.seq_num 
_struct_ref_seq_dif.pdbx_pdb_ins_code 
_struct_ref_seq_dif.pdbx_seq_db_name 
_struct_ref_seq_dif.pdbx_seq_db_accession_code 
_struct_ref_seq_dif.db_mon_id 
_struct_ref_seq_dif.pdbx_seq_db_seq_num 
_struct_ref_seq_dif.details 
_struct_ref_seq_dif.pdbx_auth_seq_num 
_struct_ref_seq_dif.pdbx_ordinal 
1 3Q3S MET A 1  ? UNP P96222 ? ? 'expression tag' -19 1  
1 3Q3S GLY A 2  ? UNP P96222 ? ? 'expression tag' -18 2  
1 3Q3S SER A 3  ? UNP P96222 ? ? 'expression tag' -17 3  
1 3Q3S SER A 4  ? UNP P96222 ? ? 'expression tag' -16 4  
1 3Q3S HIS A 5  ? UNP P96222 ? ? 'expression tag' -15 5  
1 3Q3S HIS A 6  ? UNP P96222 ? ? 'expression tag' -14 6  
1 3Q3S HIS A 7  ? UNP P96222 ? ? 'expression tag' -13 7  
1 3Q3S HIS A 8  ? UNP P96222 ? ? 'expression tag' -12 8  
1 3Q3S HIS A 9  ? UNP P96222 ? ? 'expression tag' -11 9  
1 3Q3S HIS A 10 ? UNP P96222 ? ? 'expression tag' -10 10 
1 3Q3S SER A 11 ? UNP P96222 ? ? 'expression tag' -9  11 
1 3Q3S SER A 12 ? UNP P96222 ? ? 'expression tag' -8  12 
1 3Q3S GLY A 13 ? UNP P96222 ? ? 'expression tag' -7  13 
1 3Q3S LEU A 14 ? UNP P96222 ? ? 'expression tag' -6  14 
1 3Q3S VAL A 15 ? UNP P96222 ? ? 'expression tag' -5  15 
1 3Q3S PRO A 16 ? UNP P96222 ? ? 'expression tag' -4  16 
1 3Q3S ARG A 17 ? UNP P96222 ? ? 'expression tag' -3  17 
1 3Q3S GLY A 18 ? UNP P96222 ? ? 'expression tag' -2  18 
1 3Q3S SER A 19 ? UNP P96222 ? ? 'expression tag' -1  19 
1 3Q3S HIS A 20 ? UNP P96222 ? ? 'expression tag' 0   20 
# 
_pdbx_struct_assembly.id                   1 
_pdbx_struct_assembly.details              author_and_software_defined_assembly 
_pdbx_struct_assembly.method_details       PISA 
_pdbx_struct_assembly.oligomeric_details   dimeric 
_pdbx_struct_assembly.oligomeric_count     2 
# 
loop_
_pdbx_struct_assembly_prop.biol_id 
_pdbx_struct_assembly_prop.type 
_pdbx_struct_assembly_prop.value 
_pdbx_struct_assembly_prop.details 
1 'ABSA (A^2)' 3220  ? 
1 MORE         -21   ? 
1 'SSA (A^2)'  17130 ? 
# 
_pdbx_struct_assembly_gen.assembly_id       1 
_pdbx_struct_assembly_gen.oper_expression   1,2 
_pdbx_struct_assembly_gen.asym_id_list      A,B,C 
# 
loop_
_pdbx_struct_oper_list.id 
_pdbx_struct_oper_list.type 
_pdbx_struct_oper_list.name 
_pdbx_struct_oper_list.symmetry_operation 
_pdbx_struct_oper_list.matrix[1][1] 
_pdbx_struct_oper_list.matrix[1][2] 
_pdbx_struct_oper_list.matrix[1][3] 
_pdbx_struct_oper_list.vector[1] 
_pdbx_struct_oper_list.matrix[2][1] 
_pdbx_struct_oper_list.matrix[2][2] 
_pdbx_struct_oper_list.matrix[2][3] 
_pdbx_struct_oper_list.vector[2] 
_pdbx_struct_oper_list.matrix[3][1] 
_pdbx_struct_oper_list.matrix[3][2] 
_pdbx_struct_oper_list.matrix[3][3] 
_pdbx_struct_oper_list.vector[3] 
1 'identity operation'         1_555 x,y,z            1.0000000000 0.0000000000 0.0000000000  0.0000000000  0.0000000000 1.0000000000  0.0000000000  0.0000000000  0.0000000000  0.0000000000  1.0000000000  0.0000000000  
2 'crystal symmetry operation' 8_665 -y+1,-x+1,-z+1/2 0.1477504431 0.7539569322 -0.6400927674 -8.4223589527 0.7539569322 -0.5047259105 -0.4204767527 21.3859771002 -0.6400927674 -0.4204767527 -0.6430245326 10.0881306517 
# 
_struct_biol.id        1 
_struct_biol.details   ? 
# 
loop_
_struct_conf.conf_type_id 
_struct_conf.id 
_struct_conf.pdbx_PDB_helix_id 
_struct_conf.beg_label_comp_id 
_struct_conf.beg_label_asym_id 
_struct_conf.beg_label_seq_id 
_struct_conf.pdbx_beg_PDB_ins_code 
_struct_conf.end_label_comp_id 
_struct_conf.end_label_asym_id 
_struct_conf.end_label_seq_id 
_struct_conf.pdbx_end_PDB_ins_code 
_struct_conf.beg_auth_comp_id 
_struct_conf.beg_auth_asym_id 
_struct_conf.beg_auth_seq_id 
_struct_conf.end_auth_comp_id 
_struct_conf.end_auth_asym_id 
_struct_conf.end_auth_seq_id 
_struct_conf.pdbx_PDB_helix_class 
_struct_conf.details 
_struct_conf.pdbx_PDB_helix_length 
HELX_P HELX_P1  1  GLY A 42  ? GLU A 58  ? GLY A 22  GLU A 38  1 ? 17 
HELX_P HELX_P2  2  PRO A 61  ? ILE A 65  ? PRO A 41  ILE A 45  5 ? 5  
HELX_P HELX_P3  3  SER A 66  ? GLY A 75  ? SER A 46  GLY A 55  1 ? 10 
HELX_P HELX_P4  4  SER A 77  ? PHE A 85  ? SER A 57  PHE A 65  1 ? 9  
HELX_P HELX_P5  5  SER A 87  ? ASN A 113 ? SER A 67  ASN A 93  1 ? 27 
HELX_P HELX_P6  6  ASP A 118 ? SER A 136 ? ASP A 98  SER A 116 1 ? 19 
HELX_P HELX_P7  7  HIS A 137 ? ARG A 148 ? HIS A 117 ARG A 128 1 ? 12 
HELX_P HELX_P8  8  SER A 151 ? ARG A 179 ? SER A 131 ARG A 159 1 ? 29 
HELX_P HELX_P9  9  PRO A 187 ? ALA A 208 ? PRO A 167 ALA A 188 1 ? 22 
HELX_P HELX_P10 10 PRO A 215 ? GLY A 233 ? PRO A 195 GLY A 213 1 ? 19 
# 
_struct_conf_type.id          HELX_P 
_struct_conf_type.criteria    ? 
_struct_conf_type.reference   ? 
# 
_struct_mon_prot_cis.pdbx_id                1 
_struct_mon_prot_cis.label_comp_id          GLN 
_struct_mon_prot_cis.label_seq_id           211 
_struct_mon_prot_cis.label_asym_id          A 
_struct_mon_prot_cis.label_alt_id           . 
_struct_mon_prot_cis.pdbx_PDB_ins_code      ? 
_struct_mon_prot_cis.auth_comp_id           GLN 
_struct_mon_prot_cis.auth_seq_id            191 
_struct_mon_prot_cis.auth_asym_id           A 
_struct_mon_prot_cis.pdbx_label_comp_id_2   PRO 
_struct_mon_prot_cis.pdbx_label_seq_id_2    212 
_struct_mon_prot_cis.pdbx_label_asym_id_2   A 
_struct_mon_prot_cis.pdbx_PDB_ins_code_2    ? 
_struct_mon_prot_cis.pdbx_auth_comp_id_2    PRO 
_struct_mon_prot_cis.pdbx_auth_seq_id_2     192 
_struct_mon_prot_cis.pdbx_auth_asym_id_2    A 
_struct_mon_prot_cis.pdbx_PDB_model_num     1 
_struct_mon_prot_cis.pdbx_omega_angle       5.68 
# 
_struct_site.id                   AC1 
_struct_site.pdbx_evidence_code   Software 
_struct_site.pdbx_auth_asym_id    A 
_struct_site.pdbx_auth_comp_id    O8B 
_struct_site.pdbx_auth_seq_id     217 
_struct_site.pdbx_auth_ins_code   ? 
_struct_site.pdbx_num_residues    16 
_struct_site.details              'BINDING SITE FOR RESIDUE O8B A 217' 
# 
loop_
_struct_site_gen.id 
_struct_site_gen.site_id 
_struct_site_gen.pdbx_num_res 
_struct_site_gen.label_comp_id 
_struct_site_gen.label_asym_id 
_struct_site_gen.label_seq_id 
_struct_site_gen.pdbx_auth_ins_code 
_struct_site_gen.auth_comp_id 
_struct_site_gen.auth_asym_id 
_struct_site_gen.auth_seq_id 
_struct_site_gen.label_atom_id 
_struct_site_gen.label_alt_id 
_struct_site_gen.symmetry 
_struct_site_gen.details 
1  AC1 16 TRP A 123 ? TRP A 103 . ? 1_555 ? 
2  AC1 16 ILE A 127 ? ILE A 107 . ? 1_555 ? 
3  AC1 16 PHE A 130 ? PHE A 110 . ? 1_555 ? 
4  AC1 16 PHE A 134 ? PHE A 114 . ? 1_555 ? 
5  AC1 16 THR A 141 ? THR A 121 . ? 1_555 ? 
6  AC1 16 TRP A 158 ? TRP A 138 . ? 1_555 ? 
7  AC1 16 MET A 162 ? MET A 142 . ? 1_555 ? 
8  AC1 16 TRP A 165 ? TRP A 145 . ? 1_555 ? 
9  AC1 16 TYR A 168 ? TYR A 148 . ? 1_555 ? 
10 AC1 16 THR A 169 ? THR A 149 . ? 1_555 ? 
11 AC1 16 ASN A 196 ? ASN A 176 . ? 1_555 ? 
12 AC1 16 ASN A 199 ? ASN A 179 . ? 1_555 ? 
13 AC1 16 GLU A 200 ? GLU A 180 . ? 1_555 ? 
14 AC1 16 LEU A 203 ? LEU A 183 . ? 1_555 ? 
15 AC1 16 PHE A 204 ? PHE A 184 . ? 1_555 ? 
16 AC1 16 TRP A 227 ? TRP A 207 . ? 1_555 ? 
# 
loop_
_pdbx_validate_close_contact.id 
_pdbx_validate_close_contact.PDB_model_num 
_pdbx_validate_close_contact.auth_atom_id_1 
_pdbx_validate_close_contact.auth_asym_id_1 
_pdbx_validate_close_contact.auth_comp_id_1 
_pdbx_validate_close_contact.auth_seq_id_1 
_pdbx_validate_close_contact.PDB_ins_code_1 
_pdbx_validate_close_contact.label_alt_id_1 
_pdbx_validate_close_contact.auth_atom_id_2 
_pdbx_validate_close_contact.auth_asym_id_2 
_pdbx_validate_close_contact.auth_comp_id_2 
_pdbx_validate_close_contact.auth_seq_id_2 
_pdbx_validate_close_contact.PDB_ins_code_2 
_pdbx_validate_close_contact.label_alt_id_2 
_pdbx_validate_close_contact.dist 
1 1 O   A HOH 223 ? ? O A HOH 377 ? ? 1.95 
2 1 O   A HOH 234 ? ? O A HOH 284 ? ? 2.08 
3 1 O   A ALA 54  ? ? O A HOH 326 ? ? 2.11 
4 1 OD2 A ASP 201 ? ? O A HOH 369 ? ? 2.11 
5 1 O   A ASN 93  ? ? O A HOH 236 ? ? 2.16 
# 
_pdbx_validate_symm_contact.id                1 
_pdbx_validate_symm_contact.PDB_model_num     1 
_pdbx_validate_symm_contact.auth_atom_id_1    O 
_pdbx_validate_symm_contact.auth_asym_id_1    A 
_pdbx_validate_symm_contact.auth_comp_id_1    HOH 
_pdbx_validate_symm_contact.auth_seq_id_1     247 
_pdbx_validate_symm_contact.PDB_ins_code_1    ? 
_pdbx_validate_symm_contact.label_alt_id_1    ? 
_pdbx_validate_symm_contact.site_symmetry_1   1_555 
_pdbx_validate_symm_contact.auth_atom_id_2    O 
_pdbx_validate_symm_contact.auth_asym_id_2    A 
_pdbx_validate_symm_contact.auth_comp_id_2    HOH 
_pdbx_validate_symm_contact.auth_seq_id_2     247 
_pdbx_validate_symm_contact.PDB_ins_code_2    ? 
_pdbx_validate_symm_contact.label_alt_id_2    ? 
_pdbx_validate_symm_contact.site_symmetry_2   8_665 
_pdbx_validate_symm_contact.dist              2.19 
# 
loop_
_pdbx_validate_torsion.id 
_pdbx_validate_torsion.PDB_model_num 
_pdbx_validate_torsion.auth_comp_id 
_pdbx_validate_torsion.auth_asym_id 
_pdbx_validate_torsion.auth_seq_id 
_pdbx_validate_torsion.PDB_ins_code 
_pdbx_validate_torsion.label_alt_id 
_pdbx_validate_torsion.phi 
_pdbx_validate_torsion.psi 
1 1 PRO A 94  ? ? -17.24  -71.09  
2 1 ALA A 95  ? ? 94.09   113.08  
3 1 HIS A 117 ? ? -140.68 54.14   
4 1 THR A 165 ? ? -113.35 -112.52 
# 
loop_
_pdbx_unobs_or_zero_occ_residues.id 
_pdbx_unobs_or_zero_occ_residues.PDB_model_num 
_pdbx_unobs_or_zero_occ_residues.polymer_flag 
_pdbx_unobs_or_zero_occ_residues.occupancy_flag 
_pdbx_unobs_or_zero_occ_residues.auth_asym_id 
_pdbx_unobs_or_zero_occ_residues.auth_comp_id 
_pdbx_unobs_or_zero_occ_residues.auth_seq_id 
_pdbx_unobs_or_zero_occ_residues.PDB_ins_code 
_pdbx_unobs_or_zero_occ_residues.label_asym_id 
_pdbx_unobs_or_zero_occ_residues.label_comp_id 
_pdbx_unobs_or_zero_occ_residues.label_seq_id 
1  1 Y 1 A MET -19 ? A MET 1   
2  1 Y 1 A GLY -18 ? A GLY 2   
3  1 Y 1 A SER -17 ? A SER 3   
4  1 Y 1 A SER -16 ? A SER 4   
5  1 Y 1 A HIS -15 ? A HIS 5   
6  1 Y 1 A HIS -14 ? A HIS 6   
7  1 Y 1 A HIS -13 ? A HIS 7   
8  1 Y 1 A HIS -12 ? A HIS 8   
9  1 Y 1 A HIS -11 ? A HIS 9   
10 1 Y 1 A HIS -10 ? A HIS 10  
11 1 Y 1 A SER -9  ? A SER 11  
12 1 Y 1 A SER -8  ? A SER 12  
13 1 Y 1 A GLY -7  ? A GLY 13  
14 1 Y 1 A LEU -6  ? A LEU 14  
15 1 Y 1 A VAL -5  ? A VAL 15  
16 1 Y 1 A PRO -4  ? A PRO 16  
17 1 Y 1 A ARG -3  ? A ARG 17  
18 1 Y 1 A GLY -2  ? A GLY 18  
19 1 Y 1 A SER -1  ? A SER 19  
20 1 Y 1 A HIS 0   ? A HIS 20  
21 1 Y 1 A MET 1   ? A MET 21  
22 1 Y 1 A THR 2   ? A THR 22  
23 1 Y 1 A THR 3   ? A THR 23  
24 1 Y 1 A SER 4   ? A SER 24  
25 1 Y 1 A ALA 5   ? A ALA 25  
26 1 Y 1 A ALA 6   ? A ALA 26  
27 1 Y 1 A SER 7   ? A SER 27  
28 1 Y 1 A GLN 8   ? A GLN 28  
29 1 Y 1 A ALA 9   ? A ALA 29  
30 1 Y 1 A SER 10  ? A SER 30  
31 1 Y 1 A LEU 11  ? A LEU 31  
32 1 Y 1 A PRO 12  ? A PRO 32  
33 1 Y 1 A ARG 13  ? A ARG 33  
34 1 Y 1 A GLY 14  ? A GLY 34  
35 1 Y 1 A ARG 15  ? A ARG 35  
36 1 Y 1 A ARG 16  ? A ARG 36  
37 1 Y 1 A THR 17  ? A THR 37  
38 1 Y 1 A ALA 18  ? A ALA 38  
39 1 Y 1 A ARG 19  ? A ARG 39  
40 1 Y 1 A PRO 20  ? A PRO 40  
41 1 Y 1 A SER 21  ? A SER 41  
42 1 Y 1 A ARG 216 ? A ARG 236 
# 
loop_
_chem_comp_atom.comp_id 
_chem_comp_atom.atom_id 
_chem_comp_atom.type_symbol 
_chem_comp_atom.pdbx_aromatic_flag 
_chem_comp_atom.pdbx_stereo_config 
_chem_comp_atom.pdbx_ordinal 
ALA N    N N N 1   
ALA CA   C N S 2   
ALA C    C N N 3   
ALA O    O N N 4   
ALA CB   C N N 5   
ALA OXT  O N N 6   
ALA H    H N N 7   
ALA H2   H N N 8   
ALA HA   H N N 9   
ALA HB1  H N N 10  
ALA HB2  H N N 11  
ALA HB3  H N N 12  
ALA HXT  H N N 13  
ARG N    N N N 14  
ARG CA   C N S 15  
ARG C    C N N 16  
ARG O    O N N 17  
ARG CB   C N N 18  
ARG CG   C N N 19  
ARG CD   C N N 20  
ARG NE   N N N 21  
ARG CZ   C N N 22  
ARG NH1  N N N 23  
ARG NH2  N N N 24  
ARG OXT  O N N 25  
ARG H    H N N 26  
ARG H2   H N N 27  
ARG HA   H N N 28  
ARG HB2  H N N 29  
ARG HB3  H N N 30  
ARG HG2  H N N 31  
ARG HG3  H N N 32  
ARG HD2  H N N 33  
ARG HD3  H N N 34  
ARG HE   H N N 35  
ARG HH11 H N N 36  
ARG HH12 H N N 37  
ARG HH21 H N N 38  
ARG HH22 H N N 39  
ARG HXT  H N N 40  
ASN N    N N N 41  
ASN CA   C N S 42  
ASN C    C N N 43  
ASN O    O N N 44  
ASN CB   C N N 45  
ASN CG   C N N 46  
ASN OD1  O N N 47  
ASN ND2  N N N 48  
ASN OXT  O N N 49  
ASN H    H N N 50  
ASN H2   H N N 51  
ASN HA   H N N 52  
ASN HB2  H N N 53  
ASN HB3  H N N 54  
ASN HD21 H N N 55  
ASN HD22 H N N 56  
ASN HXT  H N N 57  
ASP N    N N N 58  
ASP CA   C N S 59  
ASP C    C N N 60  
ASP O    O N N 61  
ASP CB   C N N 62  
ASP CG   C N N 63  
ASP OD1  O N N 64  
ASP OD2  O N N 65  
ASP OXT  O N N 66  
ASP H    H N N 67  
ASP H2   H N N 68  
ASP HA   H N N 69  
ASP HB2  H N N 70  
ASP HB3  H N N 71  
ASP HD2  H N N 72  
ASP HXT  H N N 73  
GLN N    N N N 74  
GLN CA   C N S 75  
GLN C    C N N 76  
GLN O    O N N 77  
GLN CB   C N N 78  
GLN CG   C N N 79  
GLN CD   C N N 80  
GLN OE1  O N N 81  
GLN NE2  N N N 82  
GLN OXT  O N N 83  
GLN H    H N N 84  
GLN H2   H N N 85  
GLN HA   H N N 86  
GLN HB2  H N N 87  
GLN HB3  H N N 88  
GLN HG2  H N N 89  
GLN HG3  H N N 90  
GLN HE21 H N N 91  
GLN HE22 H N N 92  
GLN HXT  H N N 93  
GLU N    N N N 94  
GLU CA   C N S 95  
GLU C    C N N 96  
GLU O    O N N 97  
GLU CB   C N N 98  
GLU CG   C N N 99  
GLU CD   C N N 100 
GLU OE1  O N N 101 
GLU OE2  O N N 102 
GLU OXT  O N N 103 
GLU H    H N N 104 
GLU H2   H N N 105 
GLU HA   H N N 106 
GLU HB2  H N N 107 
GLU HB3  H N N 108 
GLU HG2  H N N 109 
GLU HG3  H N N 110 
GLU HE2  H N N 111 
GLU HXT  H N N 112 
GLY N    N N N 113 
GLY CA   C N N 114 
GLY C    C N N 115 
GLY O    O N N 116 
GLY OXT  O N N 117 
GLY H    H N N 118 
GLY H2   H N N 119 
GLY HA2  H N N 120 
GLY HA3  H N N 121 
GLY HXT  H N N 122 
HIS N    N N N 123 
HIS CA   C N S 124 
HIS C    C N N 125 
HIS O    O N N 126 
HIS CB   C N N 127 
HIS CG   C Y N 128 
HIS ND1  N Y N 129 
HIS CD2  C Y N 130 
HIS CE1  C Y N 131 
HIS NE2  N Y N 132 
HIS OXT  O N N 133 
HIS H    H N N 134 
HIS H2   H N N 135 
HIS HA   H N N 136 
HIS HB2  H N N 137 
HIS HB3  H N N 138 
HIS HD1  H N N 139 
HIS HD2  H N N 140 
HIS HE1  H N N 141 
HIS HE2  H N N 142 
HIS HXT  H N N 143 
HOH O    O N N 144 
HOH H1   H N N 145 
HOH H2   H N N 146 
ILE N    N N N 147 
ILE CA   C N S 148 
ILE C    C N N 149 
ILE O    O N N 150 
ILE CB   C N S 151 
ILE CG1  C N N 152 
ILE CG2  C N N 153 
ILE CD1  C N N 154 
ILE OXT  O N N 155 
ILE H    H N N 156 
ILE H2   H N N 157 
ILE HA   H N N 158 
ILE HB   H N N 159 
ILE HG12 H N N 160 
ILE HG13 H N N 161 
ILE HG21 H N N 162 
ILE HG22 H N N 163 
ILE HG23 H N N 164 
ILE HD11 H N N 165 
ILE HD12 H N N 166 
ILE HD13 H N N 167 
ILE HXT  H N N 168 
LEU N    N N N 169 
LEU CA   C N S 170 
LEU C    C N N 171 
LEU O    O N N 172 
LEU CB   C N N 173 
LEU CG   C N N 174 
LEU CD1  C N N 175 
LEU CD2  C N N 176 
LEU OXT  O N N 177 
LEU H    H N N 178 
LEU H2   H N N 179 
LEU HA   H N N 180 
LEU HB2  H N N 181 
LEU HB3  H N N 182 
LEU HG   H N N 183 
LEU HD11 H N N 184 
LEU HD12 H N N 185 
LEU HD13 H N N 186 
LEU HD21 H N N 187 
LEU HD22 H N N 188 
LEU HD23 H N N 189 
LEU HXT  H N N 190 
LYS N    N N N 191 
LYS CA   C N S 192 
LYS C    C N N 193 
LYS O    O N N 194 
LYS CB   C N N 195 
LYS CG   C N N 196 
LYS CD   C N N 197 
LYS CE   C N N 198 
LYS NZ   N N N 199 
LYS OXT  O N N 200 
LYS H    H N N 201 
LYS H2   H N N 202 
LYS HA   H N N 203 
LYS HB2  H N N 204 
LYS HB3  H N N 205 
LYS HG2  H N N 206 
LYS HG3  H N N 207 
LYS HD2  H N N 208 
LYS HD3  H N N 209 
LYS HE2  H N N 210 
LYS HE3  H N N 211 
LYS HZ1  H N N 212 
LYS HZ2  H N N 213 
LYS HZ3  H N N 214 
LYS HXT  H N N 215 
MET N    N N N 216 
MET CA   C N S 217 
MET C    C N N 218 
MET O    O N N 219 
MET CB   C N N 220 
MET CG   C N N 221 
MET SD   S N N 222 
MET CE   C N N 223 
MET OXT  O N N 224 
MET H    H N N 225 
MET H2   H N N 226 
MET HA   H N N 227 
MET HB2  H N N 228 
MET HB3  H N N 229 
MET HG2  H N N 230 
MET HG3  H N N 231 
MET HE1  H N N 232 
MET HE2  H N N 233 
MET HE3  H N N 234 
MET HXT  H N N 235 
O8B C11  C N N 236 
O8B C10  C Y N 237 
O8B C01  C Y N 238 
O8B C03  C Y N 239 
O8B C05  C Y N 240 
O8B C07  C Y N 241 
O8B C09  C Y N 242 
O8B O15  O N N 243 
O8B C16  C N N 244 
O8B C19  C N N 245 
O8B O22  O N N 246 
O8B N20  N N N 247 
O8B C23  C Y N 248 
O8B C24  C Y N 249 
O8B C28  C Y N 250 
O8B C26  C Y N 251 
O8B C30  C Y N 252 
O8B N34  N Y N 253 
O8B C31  C Y N 254 
O8B N32  N Y N 255 
O8B N33  N Y N 256 
O8B C35  C Y N 257 
O8B C36  C Y N 258 
O8B C38  C Y N 259 
O8B C40  C Y N 260 
O8B C45  C N N 261 
O8B C41  C Y N 262 
O8B C43  C Y N 263 
O8B H11  H N N 264 
O8B H11A H N N 265 
O8B H11B H N N 266 
O8B H01  H N N 267 
O8B H03  H N N 268 
O8B H05  H N N 269 
O8B H07  H N N 270 
O8B H16  H N N 271 
O8B H16A H N N 272 
O8B HN20 H N N 273 
O8B H24  H N N 274 
O8B H28  H N N 275 
O8B H26  H N N 276 
O8B H36  H N N 277 
O8B H38  H N N 278 
O8B H45  H N N 279 
O8B H45A H N N 280 
O8B H45B H N N 281 
O8B H41  H N N 282 
O8B H43  H N N 283 
PHE N    N N N 284 
PHE CA   C N S 285 
PHE C    C N N 286 
PHE O    O N N 287 
PHE CB   C N N 288 
PHE CG   C Y N 289 
PHE CD1  C Y N 290 
PHE CD2  C Y N 291 
PHE CE1  C Y N 292 
PHE CE2  C Y N 293 
PHE CZ   C Y N 294 
PHE OXT  O N N 295 
PHE H    H N N 296 
PHE H2   H N N 297 
PHE HA   H N N 298 
PHE HB2  H N N 299 
PHE HB3  H N N 300 
PHE HD1  H N N 301 
PHE HD2  H N N 302 
PHE HE1  H N N 303 
PHE HE2  H N N 304 
PHE HZ   H N N 305 
PHE HXT  H N N 306 
PRO N    N N N 307 
PRO CA   C N S 308 
PRO C    C N N 309 
PRO O    O N N 310 
PRO CB   C N N 311 
PRO CG   C N N 312 
PRO CD   C N N 313 
PRO OXT  O N N 314 
PRO H    H N N 315 
PRO HA   H N N 316 
PRO HB2  H N N 317 
PRO HB3  H N N 318 
PRO HG2  H N N 319 
PRO HG3  H N N 320 
PRO HD2  H N N 321 
PRO HD3  H N N 322 
PRO HXT  H N N 323 
SER N    N N N 324 
SER CA   C N S 325 
SER C    C N N 326 
SER O    O N N 327 
SER CB   C N N 328 
SER OG   O N N 329 
SER OXT  O N N 330 
SER H    H N N 331 
SER H2   H N N 332 
SER HA   H N N 333 
SER HB2  H N N 334 
SER HB3  H N N 335 
SER HG   H N N 336 
SER HXT  H N N 337 
THR N    N N N 338 
THR CA   C N S 339 
THR C    C N N 340 
THR O    O N N 341 
THR CB   C N R 342 
THR OG1  O N N 343 
THR CG2  C N N 344 
THR OXT  O N N 345 
THR H    H N N 346 
THR H2   H N N 347 
THR HA   H N N 348 
THR HB   H N N 349 
THR HG1  H N N 350 
THR HG21 H N N 351 
THR HG22 H N N 352 
THR HG23 H N N 353 
THR HXT  H N N 354 
TRP N    N N N 355 
TRP CA   C N S 356 
TRP C    C N N 357 
TRP O    O N N 358 
TRP CB   C N N 359 
TRP CG   C Y N 360 
TRP CD1  C Y N 361 
TRP CD2  C Y N 362 
TRP NE1  N Y N 363 
TRP CE2  C Y N 364 
TRP CE3  C Y N 365 
TRP CZ2  C Y N 366 
TRP CZ3  C Y N 367 
TRP CH2  C Y N 368 
TRP OXT  O N N 369 
TRP H    H N N 370 
TRP H2   H N N 371 
TRP HA   H N N 372 
TRP HB2  H N N 373 
TRP HB3  H N N 374 
TRP HD1  H N N 375 
TRP HE1  H N N 376 
TRP HE3  H N N 377 
TRP HZ2  H N N 378 
TRP HZ3  H N N 379 
TRP HH2  H N N 380 
TRP HXT  H N N 381 
TYR N    N N N 382 
TYR CA   C N S 383 
TYR C    C N N 384 
TYR O    O N N 385 
TYR CB   C N N 386 
TYR CG   C Y N 387 
TYR CD1  C Y N 388 
TYR CD2  C Y N 389 
TYR CE1  C Y N 390 
TYR CE2  C Y N 391 
TYR CZ   C Y N 392 
TYR OH   O N N 393 
TYR OXT  O N N 394 
TYR H    H N N 395 
TYR H2   H N N 396 
TYR HA   H N N 397 
TYR HB2  H N N 398 
TYR HB3  H N N 399 
TYR HD1  H N N 400 
TYR HD2  H N N 401 
TYR HE1  H N N 402 
TYR HE2  H N N 403 
TYR HH   H N N 404 
TYR HXT  H N N 405 
VAL N    N N N 406 
VAL CA   C N S 407 
VAL C    C N N 408 
VAL O    O N N 409 
VAL CB   C N N 410 
VAL CG1  C N N 411 
VAL CG2  C N N 412 
VAL OXT  O N N 413 
VAL H    H N N 414 
VAL H2   H N N 415 
VAL HA   H N N 416 
VAL HB   H N N 417 
VAL HG11 H N N 418 
VAL HG12 H N N 419 
VAL HG13 H N N 420 
VAL HG21 H N N 421 
VAL HG22 H N N 422 
VAL HG23 H N N 423 
VAL HXT  H N N 424 
# 
loop_
_chem_comp_bond.comp_id 
_chem_comp_bond.atom_id_1 
_chem_comp_bond.atom_id_2 
_chem_comp_bond.value_order 
_chem_comp_bond.pdbx_aromatic_flag 
_chem_comp_bond.pdbx_stereo_config 
_chem_comp_bond.pdbx_ordinal 
ALA N   CA   sing N N 1   
ALA N   H    sing N N 2   
ALA N   H2   sing N N 3   
ALA CA  C    sing N N 4   
ALA CA  CB   sing N N 5   
ALA CA  HA   sing N N 6   
ALA C   O    doub N N 7   
ALA C   OXT  sing N N 8   
ALA CB  HB1  sing N N 9   
ALA CB  HB2  sing N N 10  
ALA CB  HB3  sing N N 11  
ALA OXT HXT  sing N N 12  
ARG N   CA   sing N N 13  
ARG N   H    sing N N 14  
ARG N   H2   sing N N 15  
ARG CA  C    sing N N 16  
ARG CA  CB   sing N N 17  
ARG CA  HA   sing N N 18  
ARG C   O    doub N N 19  
ARG C   OXT  sing N N 20  
ARG CB  CG   sing N N 21  
ARG CB  HB2  sing N N 22  
ARG CB  HB3  sing N N 23  
ARG CG  CD   sing N N 24  
ARG CG  HG2  sing N N 25  
ARG CG  HG3  sing N N 26  
ARG CD  NE   sing N N 27  
ARG CD  HD2  sing N N 28  
ARG CD  HD3  sing N N 29  
ARG NE  CZ   sing N N 30  
ARG NE  HE   sing N N 31  
ARG CZ  NH1  sing N N 32  
ARG CZ  NH2  doub N N 33  
ARG NH1 HH11 sing N N 34  
ARG NH1 HH12 sing N N 35  
ARG NH2 HH21 sing N N 36  
ARG NH2 HH22 sing N N 37  
ARG OXT HXT  sing N N 38  
ASN N   CA   sing N N 39  
ASN N   H    sing N N 40  
ASN N   H2   sing N N 41  
ASN CA  C    sing N N 42  
ASN CA  CB   sing N N 43  
ASN CA  HA   sing N N 44  
ASN C   O    doub N N 45  
ASN C   OXT  sing N N 46  
ASN CB  CG   sing N N 47  
ASN CB  HB2  sing N N 48  
ASN CB  HB3  sing N N 49  
ASN CG  OD1  doub N N 50  
ASN CG  ND2  sing N N 51  
ASN ND2 HD21 sing N N 52  
ASN ND2 HD22 sing N N 53  
ASN OXT HXT  sing N N 54  
ASP N   CA   sing N N 55  
ASP N   H    sing N N 56  
ASP N   H2   sing N N 57  
ASP CA  C    sing N N 58  
ASP CA  CB   sing N N 59  
ASP CA  HA   sing N N 60  
ASP C   O    doub N N 61  
ASP C   OXT  sing N N 62  
ASP CB  CG   sing N N 63  
ASP CB  HB2  sing N N 64  
ASP CB  HB3  sing N N 65  
ASP CG  OD1  doub N N 66  
ASP CG  OD2  sing N N 67  
ASP OD2 HD2  sing N N 68  
ASP OXT HXT  sing N N 69  
GLN N   CA   sing N N 70  
GLN N   H    sing N N 71  
GLN N   H2   sing N N 72  
GLN CA  C    sing N N 73  
GLN CA  CB   sing N N 74  
GLN CA  HA   sing N N 75  
GLN C   O    doub N N 76  
GLN C   OXT  sing N N 77  
GLN CB  CG   sing N N 78  
GLN CB  HB2  sing N N 79  
GLN CB  HB3  sing N N 80  
GLN CG  CD   sing N N 81  
GLN CG  HG2  sing N N 82  
GLN CG  HG3  sing N N 83  
GLN CD  OE1  doub N N 84  
GLN CD  NE2  sing N N 85  
GLN NE2 HE21 sing N N 86  
GLN NE2 HE22 sing N N 87  
GLN OXT HXT  sing N N 88  
GLU N   CA   sing N N 89  
GLU N   H    sing N N 90  
GLU N   H2   sing N N 91  
GLU CA  C    sing N N 92  
GLU CA  CB   sing N N 93  
GLU CA  HA   sing N N 94  
GLU C   O    doub N N 95  
GLU C   OXT  sing N N 96  
GLU CB  CG   sing N N 97  
GLU CB  HB2  sing N N 98  
GLU CB  HB3  sing N N 99  
GLU CG  CD   sing N N 100 
GLU CG  HG2  sing N N 101 
GLU CG  HG3  sing N N 102 
GLU CD  OE1  doub N N 103 
GLU CD  OE2  sing N N 104 
GLU OE2 HE2  sing N N 105 
GLU OXT HXT  sing N N 106 
GLY N   CA   sing N N 107 
GLY N   H    sing N N 108 
GLY N   H2   sing N N 109 
GLY CA  C    sing N N 110 
GLY CA  HA2  sing N N 111 
GLY CA  HA3  sing N N 112 
GLY C   O    doub N N 113 
GLY C   OXT  sing N N 114 
GLY OXT HXT  sing N N 115 
HIS N   CA   sing N N 116 
HIS N   H    sing N N 117 
HIS N   H2   sing N N 118 
HIS CA  C    sing N N 119 
HIS CA  CB   sing N N 120 
HIS CA  HA   sing N N 121 
HIS C   O    doub N N 122 
HIS C   OXT  sing N N 123 
HIS CB  CG   sing N N 124 
HIS CB  HB2  sing N N 125 
HIS CB  HB3  sing N N 126 
HIS CG  ND1  sing Y N 127 
HIS CG  CD2  doub Y N 128 
HIS ND1 CE1  doub Y N 129 
HIS ND1 HD1  sing N N 130 
HIS CD2 NE2  sing Y N 131 
HIS CD2 HD2  sing N N 132 
HIS CE1 NE2  sing Y N 133 
HIS CE1 HE1  sing N N 134 
HIS NE2 HE2  sing N N 135 
HIS OXT HXT  sing N N 136 
HOH O   H1   sing N N 137 
HOH O   H2   sing N N 138 
ILE N   CA   sing N N 139 
ILE N   H    sing N N 140 
ILE N   H2   sing N N 141 
ILE CA  C    sing N N 142 
ILE CA  CB   sing N N 143 
ILE CA  HA   sing N N 144 
ILE C   O    doub N N 145 
ILE C   OXT  sing N N 146 
ILE CB  CG1  sing N N 147 
ILE CB  CG2  sing N N 148 
ILE CB  HB   sing N N 149 
ILE CG1 CD1  sing N N 150 
ILE CG1 HG12 sing N N 151 
ILE CG1 HG13 sing N N 152 
ILE CG2 HG21 sing N N 153 
ILE CG2 HG22 sing N N 154 
ILE CG2 HG23 sing N N 155 
ILE CD1 HD11 sing N N 156 
ILE CD1 HD12 sing N N 157 
ILE CD1 HD13 sing N N 158 
ILE OXT HXT  sing N N 159 
LEU N   CA   sing N N 160 
LEU N   H    sing N N 161 
LEU N   H2   sing N N 162 
LEU CA  C    sing N N 163 
LEU CA  CB   sing N N 164 
LEU CA  HA   sing N N 165 
LEU C   O    doub N N 166 
LEU C   OXT  sing N N 167 
LEU CB  CG   sing N N 168 
LEU CB  HB2  sing N N 169 
LEU CB  HB3  sing N N 170 
LEU CG  CD1  sing N N 171 
LEU CG  CD2  sing N N 172 
LEU CG  HG   sing N N 173 
LEU CD1 HD11 sing N N 174 
LEU CD1 HD12 sing N N 175 
LEU CD1 HD13 sing N N 176 
LEU CD2 HD21 sing N N 177 
LEU CD2 HD22 sing N N 178 
LEU CD2 HD23 sing N N 179 
LEU OXT HXT  sing N N 180 
LYS N   CA   sing N N 181 
LYS N   H    sing N N 182 
LYS N   H2   sing N N 183 
LYS CA  C    sing N N 184 
LYS CA  CB   sing N N 185 
LYS CA  HA   sing N N 186 
LYS C   O    doub N N 187 
LYS C   OXT  sing N N 188 
LYS CB  CG   sing N N 189 
LYS CB  HB2  sing N N 190 
LYS CB  HB3  sing N N 191 
LYS CG  CD   sing N N 192 
LYS CG  HG2  sing N N 193 
LYS CG  HG3  sing N N 194 
LYS CD  CE   sing N N 195 
LYS CD  HD2  sing N N 196 
LYS CD  HD3  sing N N 197 
LYS CE  NZ   sing N N 198 
LYS CE  HE2  sing N N 199 
LYS CE  HE3  sing N N 200 
LYS NZ  HZ1  sing N N 201 
LYS NZ  HZ2  sing N N 202 
LYS NZ  HZ3  sing N N 203 
LYS OXT HXT  sing N N 204 
MET N   CA   sing N N 205 
MET N   H    sing N N 206 
MET N   H2   sing N N 207 
MET CA  C    sing N N 208 
MET CA  CB   sing N N 209 
MET CA  HA   sing N N 210 
MET C   O    doub N N 211 
MET C   OXT  sing N N 212 
MET CB  CG   sing N N 213 
MET CB  HB2  sing N N 214 
MET CB  HB3  sing N N 215 
MET CG  SD   sing N N 216 
MET CG  HG2  sing N N 217 
MET CG  HG3  sing N N 218 
MET SD  CE   sing N N 219 
MET CE  HE1  sing N N 220 
MET CE  HE2  sing N N 221 
MET CE  HE3  sing N N 222 
MET OXT HXT  sing N N 223 
O8B C10 C11  sing N N 224 
O8B C11 H11  sing N N 225 
O8B C11 H11A sing N N 226 
O8B C11 H11B sing N N 227 
O8B C09 C10  doub Y N 228 
O8B C10 C01  sing Y N 229 
O8B C03 C01  doub Y N 230 
O8B C01 H01  sing N N 231 
O8B C05 C03  sing Y N 232 
O8B C03 H03  sing N N 233 
O8B C07 C05  doub Y N 234 
O8B C05 H05  sing N N 235 
O8B C07 C09  sing Y N 236 
O8B C07 H07  sing N N 237 
O8B O15 C09  sing N N 238 
O8B C16 O15  sing N N 239 
O8B C19 C16  sing N N 240 
O8B C16 H16  sing N N 241 
O8B C16 H16A sing N N 242 
O8B O22 C19  doub N N 243 
O8B C19 N20  sing N N 244 
O8B C23 N20  sing N N 245 
O8B N20 HN20 sing N N 246 
O8B C24 C23  doub Y N 247 
O8B C23 C28  sing Y N 248 
O8B C31 C24  sing Y N 249 
O8B C24 H24  sing N N 250 
O8B C26 C28  doub Y N 251 
O8B C28 H28  sing N N 252 
O8B C30 C26  sing Y N 253 
O8B C26 H26  sing N N 254 
O8B C31 C30  sing Y N 255 
O8B N34 C30  doub Y N 256 
O8B N33 N34  sing Y N 257 
O8B N32 C31  doub Y N 258 
O8B N32 N33  sing Y N 259 
O8B C35 N33  sing Y N 260 
O8B C36 C35  doub Y N 261 
O8B C35 C43  sing Y N 262 
O8B C38 C36  sing Y N 263 
O8B C36 H36  sing N N 264 
O8B C38 C40  doub Y N 265 
O8B C38 H38  sing N N 266 
O8B C45 C40  sing N N 267 
O8B C40 C41  sing Y N 268 
O8B C45 H45  sing N N 269 
O8B C45 H45A sing N N 270 
O8B C45 H45B sing N N 271 
O8B C41 C43  doub Y N 272 
O8B C41 H41  sing N N 273 
O8B C43 H43  sing N N 274 
PHE N   CA   sing N N 275 
PHE N   H    sing N N 276 
PHE N   H2   sing N N 277 
PHE CA  C    sing N N 278 
PHE CA  CB   sing N N 279 
PHE CA  HA   sing N N 280 
PHE C   O    doub N N 281 
PHE C   OXT  sing N N 282 
PHE CB  CG   sing N N 283 
PHE CB  HB2  sing N N 284 
PHE CB  HB3  sing N N 285 
PHE CG  CD1  doub Y N 286 
PHE CG  CD2  sing Y N 287 
PHE CD1 CE1  sing Y N 288 
PHE CD1 HD1  sing N N 289 
PHE CD2 CE2  doub Y N 290 
PHE CD2 HD2  sing N N 291 
PHE CE1 CZ   doub Y N 292 
PHE CE1 HE1  sing N N 293 
PHE CE2 CZ   sing Y N 294 
PHE CE2 HE2  sing N N 295 
PHE CZ  HZ   sing N N 296 
PHE OXT HXT  sing N N 297 
PRO N   CA   sing N N 298 
PRO N   CD   sing N N 299 
PRO N   H    sing N N 300 
PRO CA  C    sing N N 301 
PRO CA  CB   sing N N 302 
PRO CA  HA   sing N N 303 
PRO C   O    doub N N 304 
PRO C   OXT  sing N N 305 
PRO CB  CG   sing N N 306 
PRO CB  HB2  sing N N 307 
PRO CB  HB3  sing N N 308 
PRO CG  CD   sing N N 309 
PRO CG  HG2  sing N N 310 
PRO CG  HG3  sing N N 311 
PRO CD  HD2  sing N N 312 
PRO CD  HD3  sing N N 313 
PRO OXT HXT  sing N N 314 
SER N   CA   sing N N 315 
SER N   H    sing N N 316 
SER N   H2   sing N N 317 
SER CA  C    sing N N 318 
SER CA  CB   sing N N 319 
SER CA  HA   sing N N 320 
SER C   O    doub N N 321 
SER C   OXT  sing N N 322 
SER CB  OG   sing N N 323 
SER CB  HB2  sing N N 324 
SER CB  HB3  sing N N 325 
SER OG  HG   sing N N 326 
SER OXT HXT  sing N N 327 
THR N   CA   sing N N 328 
THR N   H    sing N N 329 
THR N   H2   sing N N 330 
THR CA  C    sing N N 331 
THR CA  CB   sing N N 332 
THR CA  HA   sing N N 333 
THR C   O    doub N N 334 
THR C   OXT  sing N N 335 
THR CB  OG1  sing N N 336 
THR CB  CG2  sing N N 337 
THR CB  HB   sing N N 338 
THR OG1 HG1  sing N N 339 
THR CG2 HG21 sing N N 340 
THR CG2 HG22 sing N N 341 
THR CG2 HG23 sing N N 342 
THR OXT HXT  sing N N 343 
TRP N   CA   sing N N 344 
TRP N   H    sing N N 345 
TRP N   H2   sing N N 346 
TRP CA  C    sing N N 347 
TRP CA  CB   sing N N 348 
TRP CA  HA   sing N N 349 
TRP C   O    doub N N 350 
TRP C   OXT  sing N N 351 
TRP CB  CG   sing N N 352 
TRP CB  HB2  sing N N 353 
TRP CB  HB3  sing N N 354 
TRP CG  CD1  doub Y N 355 
TRP CG  CD2  sing Y N 356 
TRP CD1 NE1  sing Y N 357 
TRP CD1 HD1  sing N N 358 
TRP CD2 CE2  doub Y N 359 
TRP CD2 CE3  sing Y N 360 
TRP NE1 CE2  sing Y N 361 
TRP NE1 HE1  sing N N 362 
TRP CE2 CZ2  sing Y N 363 
TRP CE3 CZ3  doub Y N 364 
TRP CE3 HE3  sing N N 365 
TRP CZ2 CH2  doub Y N 366 
TRP CZ2 HZ2  sing N N 367 
TRP CZ3 CH2  sing Y N 368 
TRP CZ3 HZ3  sing N N 369 
TRP CH2 HH2  sing N N 370 
TRP OXT HXT  sing N N 371 
TYR N   CA   sing N N 372 
TYR N   H    sing N N 373 
TYR N   H2   sing N N 374 
TYR CA  C    sing N N 375 
TYR CA  CB   sing N N 376 
TYR CA  HA   sing N N 377 
TYR C   O    doub N N 378 
TYR C   OXT  sing N N 379 
TYR CB  CG   sing N N 380 
TYR CB  HB2  sing N N 381 
TYR CB  HB3  sing N N 382 
TYR CG  CD1  doub Y N 383 
TYR CG  CD2  sing Y N 384 
TYR CD1 CE1  sing Y N 385 
TYR CD1 HD1  sing N N 386 
TYR CD2 CE2  doub Y N 387 
TYR CD2 HD2  sing N N 388 
TYR CE1 CZ   doub Y N 389 
TYR CE1 HE1  sing N N 390 
TYR CE2 CZ   sing Y N 391 
TYR CE2 HE2  sing N N 392 
TYR CZ  OH   sing N N 393 
TYR OH  HH   sing N N 394 
TYR OXT HXT  sing N N 395 
VAL N   CA   sing N N 396 
VAL N   H    sing N N 397 
VAL N   H2   sing N N 398 
VAL CA  C    sing N N 399 
VAL CA  CB   sing N N 400 
VAL CA  HA   sing N N 401 
VAL C   O    doub N N 402 
VAL C   OXT  sing N N 403 
VAL CB  CG1  sing N N 404 
VAL CB  CG2  sing N N 405 
VAL CB  HB   sing N N 406 
VAL CG1 HG11 sing N N 407 
VAL CG1 HG12 sing N N 408 
VAL CG1 HG13 sing N N 409 
VAL CG2 HG21 sing N N 410 
VAL CG2 HG22 sing N N 411 
VAL CG2 HG23 sing N N 412 
VAL OXT HXT  sing N N 413 
# 
_atom_sites.entry_id                    3Q3S 
_atom_sites.fract_transf_matrix[1][1]   0.00259461 
_atom_sites.fract_transf_matrix[1][2]   0.00783531 
_atom_sites.fract_transf_matrix[1][3]   0.00006668 
_atom_sites.fract_transf_matrix[2][1]   -0.00624816 
_atom_sites.fract_transf_matrix[2][2]   0.00202650 
_atom_sites.fract_transf_matrix[2][3]   0.00499823 
_atom_sites.fract_transf_matrix[3][1]   0.01693809 
_atom_sites.fract_transf_matrix[3][2]   -0.00580916 
_atom_sites.fract_transf_matrix[3][3]   0.02352916 
_atom_sites.fract_transf_vector[1]      0.214153 
_atom_sites.fract_transf_vector[2]      0.639516 
_atom_sites.fract_transf_vector[3]      0.264761 
# 
loop_
_atom_type.symbol 
C 
N 
O 
S 
# 
loop_
_atom_site.group_PDB 
_atom_site.id 
_atom_site.type_symbol 
_atom_site.label_atom_id 
_atom_site.label_alt_id 
_atom_site.label_comp_id 
_atom_site.label_asym_id 
_atom_site.label_entity_id 
_atom_site.label_seq_id 
_atom_site.pdbx_PDB_ins_code 
_atom_site.Cartn_x 
_atom_site.Cartn_y 
_atom_site.Cartn_z 
_atom_site.occupancy 
_atom_site.B_iso_or_equiv 
_atom_site.pdbx_formal_charge 
_atom_site.auth_seq_id 
_atom_site.auth_comp_id 
_atom_site.auth_asym_id 
_atom_site.auth_atom_id 
_atom_site.pdbx_PDB_model_num 
ATOM   1    N N   . GLY A 1 42  ? -9.019  -27.455 0.101   1.00 60.09 ? 22  GLY A N   1 
ATOM   2    C CA  . GLY A 1 42  ? -8.178  -26.999 1.244   1.00 59.90 ? 22  GLY A CA  1 
ATOM   3    C C   . GLY A 1 42  ? -7.694  -25.585 1.026   1.00 60.01 ? 22  GLY A C   1 
ATOM   4    O O   . GLY A 1 42  ? -8.360  -24.626 1.413   1.00 60.05 ? 22  GLY A O   1 
ATOM   5    N N   . ASP A 1 43  ? -6.533  -25.457 0.384   1.00 59.86 ? 23  ASP A N   1 
ATOM   6    C CA  . ASP A 1 43  ? -5.929  -24.157 0.092   1.00 59.57 ? 23  ASP A CA  1 
ATOM   7    C C   . ASP A 1 43  ? -6.693  -23.418 -1.000  1.00 58.79 ? 23  ASP A C   1 
ATOM   8    O O   . ASP A 1 43  ? -6.568  -22.202 -1.151  1.00 59.08 ? 23  ASP A O   1 
ATOM   9    C CB  . ASP A 1 43  ? -4.466  -24.329 -0.340  1.00 59.90 ? 23  ASP A CB  1 
ATOM   10   C CG  . ASP A 1 43  ? -3.581  -23.156 0.079   1.00 61.88 ? 23  ASP A CG  1 
ATOM   11   O OD1 . ASP A 1 43  ? -3.913  -21.984 -0.227  1.00 63.19 ? 23  ASP A OD1 1 
ATOM   12   O OD2 . ASP A 1 43  ? -2.532  -23.416 0.715   1.00 63.79 ? 23  ASP A OD2 1 
ATOM   13   N N   . ASP A 1 44  ? -7.478  -24.151 -1.776  1.00 57.48 ? 24  ASP A N   1 
ATOM   14   C CA  . ASP A 1 44  ? -8.185  -23.534 -2.883  1.00 55.98 ? 24  ASP A CA  1 
ATOM   15   C C   . ASP A 1 44  ? -9.632  -23.210 -2.518  1.00 54.12 ? 24  ASP A C   1 
ATOM   16   O O   . ASP A 1 44  ? -10.294 -22.427 -3.209  1.00 54.25 ? 24  ASP A O   1 
ATOM   17   C CB  . ASP A 1 44  ? -8.024  -24.374 -4.154  1.00 56.81 ? 24  ASP A CB  1 
ATOM   18   C CG  . ASP A 1 44  ? -6.553  -24.733 -4.420  1.00 59.22 ? 24  ASP A CG  1 
ATOM   19   O OD1 . ASP A 1 44  ? -5.681  -23.829 -4.327  1.00 60.46 ? 24  ASP A OD1 1 
ATOM   20   O OD2 . ASP A 1 44  ? -6.265  -25.926 -4.689  1.00 61.48 ? 24  ASP A OD2 1 
ATOM   21   N N   . ARG A 1 45  ? -10.114 -23.780 -1.413  1.00 51.10 ? 25  ARG A N   1 
ATOM   22   C CA  . ARG A 1 45  ? -11.286 -23.218 -0.770  1.00 48.94 ? 25  ARG A CA  1 
ATOM   23   C C   . ARG A 1 45  ? -10.901 -21.910 -0.071  1.00 46.84 ? 25  ARG A C   1 
ATOM   24   O O   . ARG A 1 45  ? -11.685 -20.971 -0.045  1.00 45.64 ? 25  ARG A O   1 
ATOM   25   C CB  . ARG A 1 45  ? -11.944 -24.219 0.179   1.00 49.15 ? 25  ARG A CB  1 
ATOM   26   C CG  . ARG A 1 45  ? -13.040 -25.009 -0.506  1.00 50.44 ? 25  ARG A CG  1 
ATOM   27   C CD  . ARG A 1 45  ? -12.971 -26.472 -0.150  1.00 55.57 ? 25  ARG A CD  1 
ATOM   28   N NE  . ARG A 1 45  ? -13.610 -26.776 1.126   1.00 56.97 ? 25  ARG A NE  1 
ATOM   29   C CZ  . ARG A 1 45  ? -13.257 -27.792 1.906   1.00 58.68 ? 25  ARG A CZ  1 
ATOM   30   N NH1 . ARG A 1 45  ? -12.256 -28.597 1.552   1.00 59.55 ? 25  ARG A NH1 1 
ATOM   31   N NH2 . ARG A 1 45  ? -13.897 -28.001 3.048   1.00 59.47 ? 25  ARG A NH2 1 
ATOM   32   N N   . GLU A 1 46  ? -9.685  -21.867 0.486   1.00 44.88 ? 26  GLU A N   1 
ATOM   33   C CA  . GLU A 1 46  ? -9.162  -20.648 1.095   1.00 42.75 ? 26  GLU A CA  1 
ATOM   34   C C   . GLU A 1 46  ? -8.936  -19.563 0.040   1.00 40.98 ? 26  GLU A C   1 
ATOM   35   O O   . GLU A 1 46  ? -9.366  -18.449 0.242   1.00 40.99 ? 26  GLU A O   1 
ATOM   36   C CB  . GLU A 1 46  ? -7.883  -20.891 1.906   1.00 42.73 ? 26  GLU A CB  1 
ATOM   37   C CG  . GLU A 1 46  ? -7.399  -19.626 2.574   1.00 43.79 ? 26  GLU A CG  1 
ATOM   38   C CD  . GLU A 1 46  ? -6.270  -19.828 3.561   1.00 47.76 ? 26  GLU A CD  1 
ATOM   39   O OE1 . GLU A 1 46  ? -6.247  -20.877 4.246   1.00 50.24 ? 26  GLU A OE1 1 
ATOM   40   O OE2 . GLU A 1 46  ? -5.423  -18.907 3.675   1.00 46.15 ? 26  GLU A OE2 1 
ATOM   41   N N   . LEU A 1 47  ? -8.275  -19.887 -1.078  1.00 39.37 ? 27  LEU A N   1 
ATOM   42   C CA  . LEU A 1 47  ? -8.061  -18.887 -2.144  1.00 37.19 ? 27  LEU A CA  1 
ATOM   43   C C   . LEU A 1 47  ? -9.403  -18.398 -2.711  1.00 35.67 ? 27  LEU A C   1 
ATOM   44   O O   . LEU A 1 47  ? -9.525  -17.240 -3.118  1.00 35.19 ? 27  LEU A O   1 
ATOM   45   C CB  . LEU A 1 47  ? -7.085  -19.386 -3.222  1.00 37.73 ? 27  LEU A CB  1 
ATOM   46   C CG  . LEU A 1 47  ? -5.615  -19.572 -2.791  1.00 38.31 ? 27  LEU A CG  1 
ATOM   47   C CD1 . LEU A 1 47  ? -4.869  -20.485 -3.748  1.00 41.20 ? 27  LEU A CD1 1 
ATOM   48   C CD2 . LEU A 1 47  ? -4.834  -18.256 -2.656  1.00 40.20 ? 27  LEU A CD2 1 
ATOM   49   N N   . ALA A 1 48  ? -10.427 -19.262 -2.654  1.00 33.46 ? 28  ALA A N   1 
ATOM   50   C CA  . ALA A 1 48  ? -11.777 -18.918 -3.102  1.00 31.46 ? 28  ALA A CA  1 
ATOM   51   C C   . ALA A 1 48  ? -12.526 -17.975 -2.166  1.00 29.94 ? 28  ALA A C   1 
ATOM   52   O O   . ALA A 1 48  ? -13.318 -17.136 -2.631  1.00 29.43 ? 28  ALA A O   1 
ATOM   53   C CB  . ALA A 1 48  ? -12.616 -20.195 -3.334  1.00 32.44 ? 28  ALA A CB  1 
ATOM   54   N N   . ILE A 1 49  ? -12.329 -18.148 -0.858  1.00 27.28 ? 29  ILE A N   1 
ATOM   55   C CA  . ILE A 1 49  ? -12.885 -17.216 0.136   1.00 26.86 ? 29  ILE A CA  1 
ATOM   56   C C   . ILE A 1 49  ? -12.197 -15.854 -0.103  1.00 26.64 ? 29  ILE A C   1 
ATOM   57   O O   . ILE A 1 49  ? -12.843 -14.803 -0.117  1.00 27.08 ? 29  ILE A O   1 
ATOM   58   C CB  . ILE A 1 49  ? -12.600 -17.706 1.596   1.00 26.93 ? 29  ILE A CB  1 
ATOM   59   C CG1 . ILE A 1 49  ? -13.338 -19.018 1.889   1.00 24.79 ? 29  ILE A CG1 1 
ATOM   60   C CG2 . ILE A 1 49  ? -13.002 -16.635 2.618   1.00 25.12 ? 29  ILE A CG2 1 
ATOM   61   C CD1 . ILE A 1 49  ? -12.864 -19.741 3.178   1.00 26.08 ? 29  ILE A CD1 1 
ATOM   62   N N   . LEU A 1 50  ? -10.881 -15.895 -0.292  1.00 26.62 ? 30  LEU A N   1 
ATOM   63   C CA  . LEU A 1 50  ? -10.109 -14.681 -0.522  1.00 26.38 ? 30  LEU A CA  1 
ATOM   64   C C   . LEU A 1 50  ? -10.536 -13.957 -1.817  1.00 26.87 ? 30  LEU A C   1 
ATOM   65   O O   . LEU A 1 50  ? -10.756 -12.764 -1.784  1.00 26.86 ? 30  LEU A O   1 
ATOM   66   C CB  . LEU A 1 50  ? -8.618  -14.954 -0.485  1.00 26.02 ? 30  LEU A CB  1 
ATOM   67   C CG  . LEU A 1 50  ? -8.062  -15.317 0.907   1.00 26.27 ? 30  LEU A CG  1 
ATOM   68   C CD1 . LEU A 1 50  ? -6.795  -16.096 0.740   1.00 24.30 ? 30  LEU A CD1 1 
ATOM   69   C CD2 . LEU A 1 50  ? -7.828  -14.038 1.751   1.00 23.86 ? 30  LEU A CD2 1 
ATOM   70   N N   . ALA A 1 51  ? -10.688 -14.689 -2.921  1.00 27.04 ? 31  ALA A N   1 
ATOM   71   C CA  . ALA A 1 51  ? -11.106 -14.109 -4.201  1.00 27.02 ? 31  ALA A CA  1 
ATOM   72   C C   . ALA A 1 51  ? -12.515 -13.538 -4.121  1.00 27.53 ? 31  ALA A C   1 
ATOM   73   O O   . ALA A 1 51  ? -12.774 -12.426 -4.590  1.00 27.85 ? 31  ALA A O   1 
ATOM   74   C CB  . ALA A 1 51  ? -10.979 -15.157 -5.307  1.00 27.35 ? 31  ALA A CB  1 
ATOM   75   N N   . THR A 1 52  ? -13.412 -14.271 -3.468  1.00 26.61 ? 32  THR A N   1 
ATOM   76   C CA  . THR A 1 52  ? -14.768 -13.802 -3.154  1.00 26.87 ? 32  THR A CA  1 
ATOM   77   C C   . THR A 1 52  ? -14.785 -12.488 -2.369  1.00 27.59 ? 32  THR A C   1 
ATOM   78   O O   . THR A 1 52  ? -15.460 -11.545 -2.769  1.00 27.77 ? 32  THR A O   1 
ATOM   79   C CB  . THR A 1 52  ? -15.568 -14.889 -2.387  1.00 27.17 ? 32  THR A CB  1 
ATOM   80   O OG1 . THR A 1 52  ? -15.623 -16.062 -3.195  1.00 24.86 ? 32  THR A OG1 1 
ATOM   81   C CG2 . THR A 1 52  ? -17.003 -14.432 -2.029  1.00 26.34 ? 32  THR A CG2 1 
ATOM   82   N N   . ALA A 1 53  ? -14.068 -12.445 -1.244  1.00 27.54 ? 33  ALA A N   1 
ATOM   83   C CA  . ALA A 1 53  ? -13.934 -11.238 -0.454  1.00 28.02 ? 33  ALA A CA  1 
ATOM   84   C C   . ALA A 1 53  ? -13.403 -10.061 -1.297  1.00 28.44 ? 33  ALA A C   1 
ATOM   85   O O   . ALA A 1 53  ? -13.992 -8.993  -1.247  1.00 28.79 ? 33  ALA A O   1 
ATOM   86   C CB  . ALA A 1 53  ? -13.034 -11.507 0.747   1.00 27.67 ? 33  ALA A CB  1 
ATOM   87   N N   . GLU A 1 54  ? -12.322 -10.269 -2.062  1.00 29.28 ? 34  GLU A N   1 
ATOM   88   C CA  . GLU A 1 54  ? -11.781 -9.210  -2.971  1.00 31.17 ? 34  GLU A CA  1 
ATOM   89   C C   . GLU A 1 54  ? -12.844 -8.731  -3.969  1.00 31.82 ? 34  GLU A C   1 
ATOM   90   O O   . GLU A 1 54  ? -13.110 -7.539  -4.096  1.00 31.19 ? 34  GLU A O   1 
ATOM   91   C CB  . GLU A 1 54  ? -10.507 -9.654  -3.706  1.00 30.94 ? 34  GLU A CB  1 
ATOM   92   C CG  . GLU A 1 54  ? -9.900  -8.492  -4.536  1.00 33.01 ? 34  GLU A CG  1 
ATOM   93   C CD  . GLU A 1 54  ? -8.372  -8.442  -4.557  1.00 33.38 ? 34  GLU A CD  1 
ATOM   94   O OE1 . GLU A 1 54  ? -7.803  -7.325  -4.597  1.00 32.03 ? 34  GLU A OE1 1 
ATOM   95   O OE2 . GLU A 1 54  ? -7.729  -9.507  -4.556  1.00 34.34 ? 34  GLU A OE2 1 
ATOM   96   N N   . ASN A 1 55  ? -13.488 -9.680  -4.638  1.00 33.49 ? 35  ASN A N   1 
ATOM   97   C CA  . ASN A 1 55  ? -14.579 -9.368  -5.550  1.00 35.38 ? 35  ASN A CA  1 
ATOM   98   C C   . ASN A 1 55  ? -15.742 -8.605  -4.929  1.00 35.31 ? 35  ASN A C   1 
ATOM   99   O O   . ASN A 1 55  ? -16.161 -7.597  -5.489  1.00 36.08 ? 35  ASN A O   1 
ATOM   100  C CB  . ASN A 1 55  ? -14.980 -10.609 -6.367  1.00 36.30 ? 35  ASN A CB  1 
ATOM   101  C CG  . ASN A 1 55  ? -13.919 -10.945 -7.439  1.00 41.08 ? 35  ASN A CG  1 
ATOM   102  O OD1 . ASN A 1 55  ? -13.377 -12.069 -7.504  1.00 44.34 ? 35  ASN A OD1 1 
ATOM   103  N ND2 . ASN A 1 55  ? -13.578 -9.930  -8.258  1.00 44.64 ? 35  ASN A ND2 1 
ATOM   104  N N   . LEU A 1 56  ? -16.195 -9.001  -3.737  1.00 35.21 ? 36  LEU A N   1 
ATOM   105  C CA  . LEU A 1 56  ? -17.303 -8.297  -3.063  1.00 35.01 ? 36  LEU A CA  1 
ATOM   106  C C   . LEU A 1 56  ? -16.940 -6.928  -2.500  1.00 34.99 ? 36  LEU A C   1 
ATOM   107  O O   . LEU A 1 56  ? -17.771 -6.021  -2.463  1.00 34.31 ? 36  LEU A O   1 
ATOM   108  C CB  . LEU A 1 56  ? -17.912 -9.157  -1.947  1.00 35.35 ? 36  LEU A CB  1 
ATOM   109  C CG  . LEU A 1 56  ? -18.630 -10.437 -2.406  1.00 35.31 ? 36  LEU A CG  1 
ATOM   110  C CD1 . LEU A 1 56  ? -19.118 -11.230 -1.193  1.00 35.59 ? 36  LEU A CD1 1 
ATOM   111  C CD2 . LEU A 1 56  ? -19.788 -10.097 -3.329  1.00 35.14 ? 36  LEU A CD2 1 
ATOM   112  N N   . LEU A 1 57  ? -15.700 -6.783  -2.049  1.00 35.18 ? 37  LEU A N   1 
ATOM   113  C CA  . LEU A 1 57  ? -15.212 -5.503  -1.550  1.00 35.36 ? 37  LEU A CA  1 
ATOM   114  C C   . LEU A 1 57  ? -15.168 -4.439  -2.663  1.00 36.99 ? 37  LEU A C   1 
ATOM   115  O O   . LEU A 1 57  ? -15.143 -3.254  -2.367  1.00 36.25 ? 37  LEU A O   1 
ATOM   116  C CB  . LEU A 1 57  ? -13.839 -5.656  -0.895  1.00 33.48 ? 37  LEU A CB  1 
ATOM   117  C CG  . LEU A 1 57  ? -13.838 -6.258  0.507   1.00 31.95 ? 37  LEU A CG  1 
ATOM   118  C CD1 . LEU A 1 57  ? -12.434 -6.631  0.951   1.00 27.64 ? 37  LEU A CD1 1 
ATOM   119  C CD2 . LEU A 1 57  ? -14.476 -5.300  1.483   1.00 32.10 ? 37  LEU A CD2 1 
ATOM   120  N N   . GLU A 1 58  ? -15.163 -4.868  -3.923  1.00 39.12 ? 38  GLU A N   1 
ATOM   121  C CA  . GLU A 1 58  ? -15.285 -3.936  -5.060  1.00 41.85 ? 38  GLU A CA  1 
ATOM   122  C C   . GLU A 1 58  ? -16.619 -3.202  -5.057  1.00 42.75 ? 38  GLU A C   1 
ATOM   123  O O   . GLU A 1 58  ? -16.677 -2.071  -5.503  1.00 42.80 ? 38  GLU A O   1 
ATOM   124  C CB  . GLU A 1 58  ? -15.151 -4.642  -6.405  1.00 42.32 ? 38  GLU A CB  1 
ATOM   125  C CG  . GLU A 1 58  ? -14.073 -5.681  -6.496  1.00 46.30 ? 38  GLU A CG  1 
ATOM   126  C CD  . GLU A 1 58  ? -12.723 -5.142  -6.882  1.00 52.50 ? 38  GLU A CD  1 
ATOM   127  O OE1 . GLU A 1 58  ? -11.811 -5.986  -7.120  1.00 54.14 ? 38  GLU A OE1 1 
ATOM   128  O OE2 . GLU A 1 58  ? -12.564 -3.891  -6.930  1.00 54.84 ? 38  GLU A OE2 1 
ATOM   129  N N   . ASP A 1 59  ? -17.678 -3.833  -4.537  1.00 44.20 ? 39  ASP A N   1 
ATOM   130  C CA  . ASP A 1 59  ? -19.038 -3.282  -4.609  1.00 45.38 ? 39  ASP A CA  1 
ATOM   131  C C   . ASP A 1 59  ? -19.588 -2.692  -3.310  1.00 45.60 ? 39  ASP A C   1 
ATOM   132  O O   . ASP A 1 59  ? -20.505 -1.861  -3.341  1.00 45.47 ? 39  ASP A O   1 
ATOM   133  C CB  . ASP A 1 59  ? -20.018 -4.339  -5.134  1.00 46.32 ? 39  ASP A CB  1 
ATOM   134  C CG  . ASP A 1 59  ? -20.025 -4.439  -6.652  1.00 49.38 ? 39  ASP A CG  1 
ATOM   135  O OD1 . ASP A 1 59  ? -18.943 -4.423  -7.283  1.00 52.27 ? 39  ASP A OD1 1 
ATOM   136  O OD2 . ASP A 1 59  ? -21.132 -4.554  -7.226  1.00 54.06 ? 39  ASP A OD2 1 
ATOM   137  N N   . ARG A 1 60  ? -19.064 -3.139  -2.169  1.00 45.54 ? 40  ARG A N   1 
ATOM   138  C CA  . ARG A 1 60  ? -19.524 -2.646  -0.873  1.00 45.34 ? 40  ARG A CA  1 
ATOM   139  C C   . ARG A 1 60  ? -18.471 -2.867  0.214   1.00 44.83 ? 40  ARG A C   1 
ATOM   140  O O   . ARG A 1 60  ? -17.521 -3.643  0.024   1.00 44.84 ? 40  ARG A O   1 
ATOM   141  C CB  . ARG A 1 60  ? -20.866 -3.281  -0.492  1.00 46.13 ? 40  ARG A CB  1 
ATOM   142  C CG  . ARG A 1 60  ? -20.917 -4.791  -0.665  1.00 48.69 ? 40  ARG A CG  1 
ATOM   143  C CD  . ARG A 1 60  ? -22.346 -5.291  -0.729  1.00 52.96 ? 40  ARG A CD  1 
ATOM   144  N NE  . ARG A 1 60  ? -22.396 -6.641  -1.281  1.00 54.41 ? 40  ARG A NE  1 
ATOM   145  C CZ  . ARG A 1 60  ? -22.471 -7.744  -0.549  1.00 56.71 ? 40  ARG A CZ  1 
ATOM   146  N NH1 . ARG A 1 60  ? -22.520 -7.654  0.775   1.00 57.92 ? 40  ARG A NH1 1 
ATOM   147  N NH2 . ARG A 1 60  ? -22.503 -8.937  -1.136  1.00 57.08 ? 40  ARG A NH2 1 
ATOM   148  N N   . PRO A 1 61  ? -18.621 -2.180  1.350   1.00 44.02 ? 41  PRO A N   1 
ATOM   149  C CA  . PRO A 1 61  ? -17.649 -2.274  2.443   1.00 43.96 ? 41  PRO A CA  1 
ATOM   150  C C   . PRO A 1 61  ? -17.774 -3.581  3.233   1.00 43.37 ? 41  PRO A C   1 
ATOM   151  O O   . PRO A 1 61  ? -18.773 -4.294  3.071   1.00 43.69 ? 41  PRO A O   1 
ATOM   152  C CB  . PRO A 1 61  ? -18.001 -1.073  3.336   1.00 43.73 ? 41  PRO A CB  1 
ATOM   153  C CG  . PRO A 1 61  ? -19.083 -0.309  2.599   1.00 44.40 ? 41  PRO A CG  1 
ATOM   154  C CD  . PRO A 1 61  ? -19.720 -1.255  1.667   1.00 44.45 ? 41  PRO A CD  1 
ATOM   155  N N   . LEU A 1 62  ? -16.781 -3.869  4.083   1.00 42.75 ? 42  LEU A N   1 
ATOM   156  C CA  . LEU A 1 62  ? -16.765 -5.088  4.910   1.00 42.48 ? 42  LEU A CA  1 
ATOM   157  C C   . LEU A 1 62  ? -17.987 -5.187  5.825   1.00 42.77 ? 42  LEU A C   1 
ATOM   158  O O   . LEU A 1 62  ? -18.532 -6.277  6.026   1.00 41.51 ? 42  LEU A O   1 
ATOM   159  C CB  . LEU A 1 62  ? -15.474 -5.219  5.723   1.00 42.24 ? 42  LEU A CB  1 
ATOM   160  C CG  . LEU A 1 62  ? -15.122 -6.632  6.225   1.00 42.07 ? 42  LEU A CG  1 
ATOM   161  C CD1 . LEU A 1 62  ? -14.939 -7.622  5.065   1.00 41.04 ? 42  LEU A CD1 1 
ATOM   162  C CD2 . LEU A 1 62  ? -13.888 -6.613  7.133   1.00 41.27 ? 42  LEU A CD2 1 
ATOM   163  N N   . ALA A 1 63  ? -18.410 -4.032  6.346   1.00 43.31 ? 43  ALA A N   1 
ATOM   164  C CA  . ALA A 1 63  ? -19.674 -3.898  7.084   1.00 44.34 ? 43  ALA A CA  1 
ATOM   165  C C   . ALA A 1 63  ? -20.899 -4.411  6.323   1.00 44.70 ? 43  ALA A C   1 
ATOM   166  O O   . ALA A 1 63  ? -21.829 -4.928  6.935   1.00 46.11 ? 43  ALA A O   1 
ATOM   167  C CB  . ALA A 1 63  ? -19.887 -2.451  7.511   1.00 44.25 ? 43  ALA A CB  1 
ATOM   168  N N   . ASP A 1 64  ? -20.907 -4.282  4.999   1.00 44.61 ? 44  ASP A N   1 
ATOM   169  C CA  . ASP A 1 64  ? -22.040 -4.749  4.194   1.00 43.96 ? 44  ASP A CA  1 
ATOM   170  C C   . ASP A 1 64  ? -21.881 -6.155  3.662   1.00 42.57 ? 44  ASP A C   1 
ATOM   171  O O   . ASP A 1 64  ? -22.717 -6.599  2.869   1.00 42.50 ? 44  ASP A O   1 
ATOM   172  C CB  . ASP A 1 64  ? -22.317 -3.801  3.016   1.00 44.64 ? 44  ASP A CB  1 
ATOM   173  C CG  . ASP A 1 64  ? -23.027 -2.515  3.440   1.00 47.65 ? 44  ASP A CG  1 
ATOM   174  O OD1 . ASP A 1 64  ? -23.637 -1.869  2.550   1.00 51.48 ? 44  ASP A OD1 1 
ATOM   175  O OD2 . ASP A 1 64  ? -22.970 -2.141  4.644   1.00 49.18 ? 44  ASP A OD2 1 
ATOM   176  N N   . ILE A 1 65  ? -20.811 -6.845  4.076   1.00 41.32 ? 45  ILE A N   1 
ATOM   177  C CA  . ILE A 1 65  ? -20.530 -8.226  3.645   1.00 39.96 ? 45  ILE A CA  1 
ATOM   178  C C   . ILE A 1 65  ? -20.640 -9.169  4.856   1.00 40.07 ? 45  ILE A C   1 
ATOM   179  O O   . ILE A 1 65  ? -20.058 -8.892  5.907   1.00 40.05 ? 45  ILE A O   1 
ATOM   180  C CB  . ILE A 1 65  ? -19.111 -8.358  2.979   1.00 39.62 ? 45  ILE A CB  1 
ATOM   181  C CG1 . ILE A 1 65  ? -18.978 -7.400  1.786   1.00 38.01 ? 45  ILE A CG1 1 
ATOM   182  C CG2 . ILE A 1 65  ? -18.845 -9.796  2.528   1.00 39.03 ? 45  ILE A CG2 1 
ATOM   183  C CD1 . ILE A 1 65  ? -17.548 -7.164  1.323   1.00 38.82 ? 45  ILE A CD1 1 
ATOM   184  N N   . SER A 1 66  ? -21.392 -10.258 4.719   1.00 39.79 ? 46  SER A N   1 
ATOM   185  C CA  . SER A 1 66  ? -21.502 -11.240 5.809   1.00 40.17 ? 46  SER A CA  1 
ATOM   186  C C   . SER A 1 66  ? -20.567 -12.431 5.587   1.00 39.68 ? 46  SER A C   1 
ATOM   187  O O   . SER A 1 66  ? -20.186 -12.731 4.450   1.00 39.18 ? 46  SER A O   1 
ATOM   188  C CB  . SER A 1 66  ? -22.950 -11.745 5.955   1.00 40.13 ? 46  SER A CB  1 
ATOM   189  O OG  . SER A 1 66  ? -23.338 -12.523 4.825   1.00 40.84 ? 46  SER A OG  1 
ATOM   190  N N   . VAL A 1 67  ? -20.214 -13.123 6.674   1.00 39.80 ? 47  VAL A N   1 
ATOM   191  C CA  . VAL A 1 67  ? -19.624 -14.476 6.557   1.00 39.60 ? 47  VAL A CA  1 
ATOM   192  C C   . VAL A 1 67  ? -20.408 -15.386 5.570   1.00 40.08 ? 47  VAL A C   1 
ATOM   193  O O   . VAL A 1 67  ? -19.815 -16.189 4.838   1.00 39.66 ? 47  VAL A O   1 
ATOM   194  C CB  . VAL A 1 67  ? -19.482 -15.172 7.943   1.00 39.35 ? 47  VAL A CB  1 
ATOM   195  C CG1 . VAL A 1 67  ? -19.294 -16.687 7.781   1.00 36.92 ? 47  VAL A CG1 1 
ATOM   196  C CG2 . VAL A 1 67  ? -18.349 -14.567 8.715   1.00 38.55 ? 47  VAL A CG2 1 
ATOM   197  N N   . ASP A 1 68  ? -21.741 -15.269 5.569   1.00 41.37 ? 48  ASP A N   1 
ATOM   198  C CA  . ASP A 1 68  ? -22.600 -16.075 4.668   1.00 42.21 ? 48  ASP A CA  1 
ATOM   199  C C   . ASP A 1 68  ? -22.418 -15.714 3.194   1.00 41.27 ? 48  ASP A C   1 
ATOM   200  O O   . ASP A 1 68  ? -22.381 -16.598 2.329   1.00 40.39 ? 48  ASP A O   1 
ATOM   201  C CB  . ASP A 1 68  ? -24.080 -15.938 5.047   1.00 43.33 ? 48  ASP A CB  1 
ATOM   202  C CG  . ASP A 1 68  ? -24.869 -17.260 4.874   1.00 48.59 ? 48  ASP A CG  1 
ATOM   203  O OD1 . ASP A 1 68  ? -25.907 -17.401 5.566   1.00 52.55 ? 48  ASP A OD1 1 
ATOM   204  O OD2 . ASP A 1 68  ? -24.452 -18.169 4.083   1.00 52.42 ? 48  ASP A OD2 1 
ATOM   205  N N   . ASP A 1 69  ? -22.313 -14.405 2.927   1.00 40.46 ? 49  ASP A N   1 
ATOM   206  C CA  . ASP A 1 69  ? -21.944 -13.888 1.601   1.00 39.14 ? 49  ASP A CA  1 
ATOM   207  C C   . ASP A 1 69  ? -20.657 -14.534 1.101   1.00 37.64 ? 49  ASP A C   1 
ATOM   208  O O   . ASP A 1 69  ? -20.575 -14.959 -0.039  1.00 37.83 ? 49  ASP A O   1 
ATOM   209  C CB  . ASP A 1 69  ? -21.724 -12.370 1.661   1.00 39.32 ? 49  ASP A CB  1 
ATOM   210  C CG  . ASP A 1 69  ? -23.001 -11.580 1.837   1.00 40.93 ? 49  ASP A CG  1 
ATOM   211  O OD1 . ASP A 1 69  ? -22.928 -10.473 2.403   1.00 42.04 ? 49  ASP A OD1 1 
ATOM   212  O OD2 . ASP A 1 69  ? -24.077 -12.033 1.403   1.00 43.07 ? 49  ASP A OD2 1 
ATOM   213  N N   . LEU A 1 70  ? -19.649 -14.586 1.974   1.00 36.98 ? 50  LEU A N   1 
ATOM   214  C CA  . LEU A 1 70  ? -18.316 -15.122 1.650   1.00 35.58 ? 50  LEU A CA  1 
ATOM   215  C C   . LEU A 1 70  ? -18.330 -16.621 1.457   1.00 35.37 ? 50  LEU A C   1 
ATOM   216  O O   . LEU A 1 70  ? -17.669 -17.146 0.558   1.00 34.72 ? 50  LEU A O   1 
ATOM   217  C CB  . LEU A 1 70  ? -17.324 -14.751 2.762   1.00 35.60 ? 50  LEU A CB  1 
ATOM   218  C CG  . LEU A 1 70  ? -17.150 -13.237 2.923   1.00 34.40 ? 50  LEU A CG  1 
ATOM   219  C CD1 . LEU A 1 70  ? -16.311 -12.896 4.183   1.00 35.74 ? 50  LEU A CD1 1 
ATOM   220  C CD2 . LEU A 1 70  ? -16.528 -12.702 1.636   1.00 30.85 ? 50  LEU A CD2 1 
ATOM   221  N N   . ALA A 1 71  ? -19.051 -17.309 2.350   1.00 35.37 ? 51  ALA A N   1 
ATOM   222  C CA  . ALA A 1 71  ? -19.296 -18.756 2.215   1.00 35.93 ? 51  ALA A CA  1 
ATOM   223  C C   . ALA A 1 71  ? -19.959 -19.079 0.858   1.00 35.80 ? 51  ALA A C   1 
ATOM   224  O O   . ALA A 1 71  ? -19.434 -19.896 0.097   1.00 34.58 ? 51  ALA A O   1 
ATOM   225  C CB  . ALA A 1 71  ? -20.142 -19.282 3.398   1.00 35.01 ? 51  ALA A CB  1 
ATOM   226  N N   . LYS A 1 72  ? -21.087 -18.421 0.561   1.00 37.19 ? 52  LYS A N   1 
ATOM   227  C CA  . LYS A 1 72  ? -21.840 -18.723 -0.691  1.00 37.42 ? 52  LYS A CA  1 
ATOM   228  C C   . LYS A 1 72  ? -20.964 -18.515 -1.915  1.00 37.16 ? 52  LYS A C   1 
ATOM   229  O O   . LYS A 1 72  ? -20.873 -19.397 -2.772  1.00 37.49 ? 52  LYS A O   1 
ATOM   230  C CB  . LYS A 1 72  ? -23.130 -17.897 -0.769  1.00 38.60 ? 52  LYS A CB  1 
ATOM   231  C CG  . LYS A 1 72  ? -23.931 -17.940 -2.116  1.00 39.75 ? 52  LYS A CG  1 
ATOM   232  C CD  . LYS A 1 72  ? -24.854 -19.186 -2.243  1.00 44.39 ? 52  LYS A CD  1 
ATOM   233  C CE  . LYS A 1 72  ? -26.067 -18.911 -3.178  1.00 42.70 ? 52  LYS A CE  1 
ATOM   234  N NZ  . LYS A 1 72  ? -26.710 -20.178 -3.705  1.00 43.69 ? 52  LYS A NZ  1 
ATOM   235  N N   . GLY A 1 73  ? -20.258 -17.379 -1.965  1.00 36.24 ? 53  GLY A N   1 
ATOM   236  C CA  . GLY A 1 73  ? -19.365 -17.086 -3.080  1.00 34.64 ? 53  GLY A CA  1 
ATOM   237  C C   . GLY A 1 73  ? -18.260 -18.094 -3.227  1.00 34.23 ? 53  GLY A C   1 
ATOM   238  O O   . GLY A 1 73  ? -17.807 -18.344 -4.319  1.00 34.07 ? 53  GLY A O   1 
ATOM   239  N N   . ALA A 1 74  ? -17.819 -18.689 -2.125  1.00 33.83 ? 54  ALA A N   1 
ATOM   240  C CA  . ALA A 1 74  ? -16.691 -19.610 -2.152  1.00 33.31 ? 54  ALA A CA  1 
ATOM   241  C C   . ALA A 1 74  ? -17.159 -21.055 -2.390  1.00 33.36 ? 54  ALA A C   1 
ATOM   242  O O   . ALA A 1 74  ? -16.341 -21.981 -2.522  1.00 33.15 ? 54  ALA A O   1 
ATOM   243  C CB  . ALA A 1 74  ? -15.879 -19.490 -0.867  1.00 32.78 ? 54  ALA A CB  1 
ATOM   244  N N   . GLY A 1 75  ? -18.480 -21.225 -2.451  1.00 32.73 ? 55  GLY A N   1 
ATOM   245  C CA  . GLY A 1 75  ? -19.090 -22.545 -2.650  1.00 33.13 ? 55  GLY A CA  1 
ATOM   246  C C   . GLY A 1 75  ? -18.894 -23.481 -1.469  1.00 32.13 ? 55  GLY A C   1 
ATOM   247  O O   . GLY A 1 75  ? -18.608 -24.664 -1.649  1.00 32.52 ? 55  GLY A O   1 
ATOM   248  N N   . ILE A 1 76  ? -19.017 -22.933 -0.267  1.00 31.71 ? 56  ILE A N   1 
ATOM   249  C CA  . ILE A 1 76  ? -18.850 -23.690 0.990   1.00 30.38 ? 56  ILE A CA  1 
ATOM   250  C C   . ILE A 1 76  ? -19.928 -23.248 1.928   1.00 29.43 ? 56  ILE A C   1 
ATOM   251  O O   . ILE A 1 76  ? -20.543 -22.211 1.723   1.00 29.52 ? 56  ILE A O   1 
ATOM   252  C CB  . ILE A 1 76  ? -17.450 -23.465 1.683   1.00 29.55 ? 56  ILE A CB  1 
ATOM   253  C CG1 . ILE A 1 76  ? -17.252 -22.004 2.139   1.00 29.44 ? 56  ILE A CG1 1 
ATOM   254  C CG2 . ILE A 1 76  ? -16.330 -23.941 0.829   1.00 30.24 ? 56  ILE A CG2 1 
ATOM   255  C CD1 . ILE A 1 76  ? -15.824 -21.719 2.750   1.00 30.29 ? 56  ILE A CD1 1 
ATOM   256  N N   . SER A 1 77  ? -20.167 -24.043 2.974   1.00 29.81 ? 57  SER A N   1 
ATOM   257  C CA  . SER A 1 77  ? -21.112 -23.686 4.030   1.00 28.27 ? 57  SER A CA  1 
ATOM   258  C C   . SER A 1 77  ? -20.484 -22.647 4.954   1.00 28.62 ? 57  SER A C   1 
ATOM   259  O O   . SER A 1 77  ? -19.262 -22.435 4.926   1.00 27.84 ? 57  SER A O   1 
ATOM   260  C CB  . SER A 1 77  ? -21.537 -24.961 4.810   1.00 28.11 ? 57  SER A CB  1 
ATOM   261  O OG  . SER A 1 77  ? -20.461 -25.511 5.573   1.00 24.49 ? 57  SER A OG  1 
ATOM   262  N N   . ARG A 1 78  ? -21.308 -22.013 5.785   1.00 28.83 ? 58  ARG A N   1 
ATOM   263  C CA  . ARG A 1 78  ? -20.807 -21.132 6.844   1.00 30.31 ? 58  ARG A CA  1 
ATOM   264  C C   . ARG A 1 78  ? -19.886 -21.796 7.893   1.00 28.23 ? 58  ARG A C   1 
ATOM   265  O O   . ARG A 1 78  ? -18.832 -21.248 8.190   1.00 28.50 ? 58  ARG A O   1 
ATOM   266  C CB  . ARG A 1 78  ? -21.948 -20.369 7.526   1.00 30.89 ? 58  ARG A CB  1 
ATOM   267  C CG  . ARG A 1 78  ? -22.598 -19.318 6.599   1.00 35.24 ? 58  ARG A CG  1 
ATOM   268  C CD  . ARG A 1 78  ? -23.857 -18.654 7.206   1.00 35.99 ? 58  ARG A CD  1 
ATOM   269  N NE  . ARG A 1 78  ? -23.539 -17.509 8.068   1.00 45.56 ? 58  ARG A NE  1 
ATOM   270  C CZ  . ARG A 1 78  ? -23.093 -17.599 9.332   1.00 47.61 ? 58  ARG A CZ  1 
ATOM   271  N NH1 . ARG A 1 78  ? -22.836 -16.481 10.026  1.00 47.51 ? 58  ARG A NH1 1 
ATOM   272  N NH2 . ARG A 1 78  ? -22.909 -18.796 9.904   1.00 45.85 ? 58  ARG A NH2 1 
ATOM   273  N N   . PRO A 1 79  ? -20.269 -22.970 8.477   1.00 26.67 ? 59  PRO A N   1 
ATOM   274  C CA  . PRO A 1 79  ? -19.292 -23.601 9.377   1.00 25.21 ? 59  PRO A CA  1 
ATOM   275  C C   . PRO A 1 79  ? -17.969 -24.020 8.701   1.00 23.83 ? 59  PRO A C   1 
ATOM   276  O O   . PRO A 1 79  ? -16.921 -24.087 9.388   1.00 23.90 ? 59  PRO A O   1 
ATOM   277  C CB  . PRO A 1 79  ? -20.049 -24.854 9.912   1.00 24.22 ? 59  PRO A CB  1 
ATOM   278  C CG  . PRO A 1 79  ? -21.114 -25.094 8.952   1.00 24.57 ? 59  PRO A CG  1 
ATOM   279  C CD  . PRO A 1 79  ? -21.525 -23.742 8.428   1.00 26.40 ? 59  PRO A CD  1 
ATOM   280  N N   . THR A 1 80  ? -18.013 -24.316 7.400   1.00 22.63 ? 60  THR A N   1 
ATOM   281  C CA  . THR A 1 80  ? -16.784 -24.644 6.666   1.00 22.67 ? 60  THR A CA  1 
ATOM   282  C C   . THR A 1 80  ? -15.892 -23.371 6.518   1.00 23.92 ? 60  THR A C   1 
ATOM   283  O O   . THR A 1 80  ? -14.689 -23.422 6.768   1.00 24.01 ? 60  THR A O   1 
ATOM   284  C CB  . THR A 1 80  ? -17.059 -25.351 5.328   1.00 22.43 ? 60  THR A CB  1 
ATOM   285  O OG1 . THR A 1 80  ? -17.571 -26.673 5.587   1.00 22.01 ? 60  THR A OG1 1 
ATOM   286  C CG2 . THR A 1 80  ? -15.758 -25.520 4.531   1.00 21.74 ? 60  THR A CG2 1 
ATOM   287  N N   . PHE A 1 81  ? -16.492 -22.236 6.189   1.00 25.32 ? 61  PHE A N   1 
ATOM   288  C CA  . PHE A 1 81  ? -15.759 -20.946 6.225   1.00 27.49 ? 61  PHE A CA  1 
ATOM   289  C C   . PHE A 1 81  ? -14.916 -20.847 7.507   1.00 28.53 ? 61  PHE A C   1 
ATOM   290  O O   . PHE A 1 81  ? -13.726 -20.481 7.459   1.00 27.74 ? 61  PHE A O   1 
ATOM   291  C CB  . PHE A 1 81  ? -16.709 -19.748 6.117   1.00 27.58 ? 61  PHE A CB  1 
ATOM   292  C CG  . PHE A 1 81  ? -16.042 -18.415 6.364   1.00 30.30 ? 61  PHE A CG  1 
ATOM   293  C CD1 . PHE A 1 81  ? -15.819 -17.967 7.666   1.00 29.55 ? 61  PHE A CD1 1 
ATOM   294  C CD2 . PHE A 1 81  ? -15.642 -17.599 5.292   1.00 29.11 ? 61  PHE A CD2 1 
ATOM   295  C CE1 . PHE A 1 81  ? -15.197 -16.756 7.909   1.00 32.62 ? 61  PHE A CE1 1 
ATOM   296  C CE2 . PHE A 1 81  ? -15.021 -16.371 5.533   1.00 28.66 ? 61  PHE A CE2 1 
ATOM   297  C CZ  . PHE A 1 81  ? -14.793 -15.949 6.830   1.00 29.76 ? 61  PHE A CZ  1 
ATOM   298  N N   . TYR A 1 82  ? -15.535 -21.197 8.636   1.00 29.46 ? 62  TYR A N   1 
ATOM   299  C CA  . TYR A 1 82  ? -14.921 -21.019 9.954   1.00 30.78 ? 62  TYR A CA  1 
ATOM   300  C C   . TYR A 1 82  ? -13.775 -21.913 10.255  1.00 31.20 ? 62  TYR A C   1 
ATOM   301  O O   . TYR A 1 82  ? -13.042 -21.672 11.222  1.00 32.82 ? 62  TYR A O   1 
ATOM   302  C CB  . TYR A 1 82  ? -15.948 -21.098 11.082  1.00 30.99 ? 62  TYR A CB  1 
ATOM   303  C CG  . TYR A 1 82  ? -16.782 -19.877 11.223  1.00 31.27 ? 62  TYR A CG  1 
ATOM   304  C CD1 . TYR A 1 82  ? -16.205 -18.637 11.511  1.00 32.49 ? 62  TYR A CD1 1 
ATOM   305  C CD2 . TYR A 1 82  ? -18.158 -19.948 11.088  1.00 33.11 ? 62  TYR A CD2 1 
ATOM   306  C CE1 . TYR A 1 82  ? -17.001 -17.489 11.640  1.00 31.26 ? 62  TYR A CE1 1 
ATOM   307  C CE2 . TYR A 1 82  ? -18.940 -18.829 11.208  1.00 32.63 ? 62  TYR A CE2 1 
ATOM   308  C CZ  . TYR A 1 82  ? -18.366 -17.607 11.490  1.00 31.94 ? 62  TYR A CZ  1 
ATOM   309  O OH  . TYR A 1 82  ? -19.203 -16.519 11.639  1.00 32.66 ? 62  TYR A OH  1 
ATOM   310  N N   . PHE A 1 83  ? -13.566 -22.906 9.401   1.00 32.27 ? 63  PHE A N   1 
ATOM   311  C CA  . PHE A 1 83  ? -12.376 -23.717 9.459   1.00 32.45 ? 63  PHE A CA  1 
ATOM   312  C C   . PHE A 1 83  ? -11.160 -22.970 8.868   1.00 32.87 ? 63  PHE A C   1 
ATOM   313  O O   . PHE A 1 83  ? -10.018 -23.160 9.302   1.00 32.16 ? 63  PHE A O   1 
ATOM   314  C CB  . PHE A 1 83  ? -12.603 -25.028 8.711   1.00 33.44 ? 63  PHE A CB  1 
ATOM   315  C CG  . PHE A 1 83  ? -11.412 -25.901 8.698   1.00 35.36 ? 63  PHE A CG  1 
ATOM   316  C CD1 . PHE A 1 83  ? -10.652 -26.037 7.550   1.00 37.89 ? 63  PHE A CD1 1 
ATOM   317  C CD2 . PHE A 1 83  ? -11.006 -26.562 9.870   1.00 38.09 ? 63  PHE A CD2 1 
ATOM   318  C CE1 . PHE A 1 83  ? -9.488  -26.848 7.543   1.00 40.54 ? 63  PHE A CE1 1 
ATOM   319  C CE2 . PHE A 1 83  ? -9.869  -27.366 9.875   1.00 38.09 ? 63  PHE A CE2 1 
ATOM   320  C CZ  . PHE A 1 83  ? -9.107  -27.515 8.714   1.00 37.89 ? 63  PHE A CZ  1 
ATOM   321  N N   . TYR A 1 84  ? -11.428 -22.111 7.888   1.00 32.40 ? 64  TYR A N   1 
ATOM   322  C CA  . TYR A 1 84  ? -10.381 -21.348 7.206   1.00 31.91 ? 64  TYR A CA  1 
ATOM   323  C C   . TYR A 1 84  ? -10.062 -20.010 7.840   1.00 31.07 ? 64  TYR A C   1 
ATOM   324  O O   . TYR A 1 84  ? -8.892  -19.589 7.851   1.00 31.55 ? 64  TYR A O   1 
ATOM   325  C CB  . TYR A 1 84  ? -10.766 -21.180 5.743   1.00 31.60 ? 64  TYR A CB  1 
ATOM   326  C CG  . TYR A 1 84  ? -10.802 -22.503 5.056   1.00 32.30 ? 64  TYR A CG  1 
ATOM   327  C CD1 . TYR A 1 84  ? -12.002 -23.182 4.856   1.00 32.22 ? 64  TYR A CD1 1 
ATOM   328  C CD2 . TYR A 1 84  ? -9.624  -23.118 4.667   1.00 34.30 ? 64  TYR A CD2 1 
ATOM   329  C CE1 . TYR A 1 84  ? -12.019 -24.412 4.254   1.00 32.59 ? 64  TYR A CE1 1 
ATOM   330  C CE2 . TYR A 1 84  ? -9.639  -24.335 4.060   1.00 33.91 ? 64  TYR A CE2 1 
ATOM   331  C CZ  . TYR A 1 84  ? -10.839 -24.975 3.860   1.00 32.58 ? 64  TYR A CZ  1 
ATOM   332  O OH  . TYR A 1 84  ? -10.824 -26.193 3.254   1.00 35.02 ? 64  TYR A OH  1 
ATOM   333  N N   . PHE A 1 85  ? -11.099 -19.332 8.343   1.00 29.80 ? 65  PHE A N   1 
ATOM   334  C CA  . PHE A 1 85  ? -10.933 -18.048 8.948   1.00 29.49 ? 65  PHE A CA  1 
ATOM   335  C C   . PHE A 1 85  ? -11.845 -17.928 10.114  1.00 30.45 ? 65  PHE A C   1 
ATOM   336  O O   . PHE A 1 85  ? -12.994 -18.362 10.031  1.00 31.60 ? 65  PHE A O   1 
ATOM   337  C CB  . PHE A 1 85  ? -11.239 -16.880 7.964   1.00 28.55 ? 65  PHE A CB  1 
ATOM   338  C CG  . PHE A 1 85  ? -10.324 -16.822 6.786   1.00 26.68 ? 65  PHE A CG  1 
ATOM   339  C CD1 . PHE A 1 85  ? -10.679 -17.431 5.594   1.00 24.89 ? 65  PHE A CD1 1 
ATOM   340  C CD2 . PHE A 1 85  ? -9.109  -16.135 6.855   1.00 25.37 ? 65  PHE A CD2 1 
ATOM   341  C CE1 . PHE A 1 85  ? -9.830  -17.372 4.485   1.00 26.18 ? 65  PHE A CE1 1 
ATOM   342  C CE2 . PHE A 1 85  ? -8.285  -16.063 5.754   1.00 25.34 ? 65  PHE A CE2 1 
ATOM   343  C CZ  . PHE A 1 85  ? -8.635  -16.703 4.581   1.00 25.90 ? 65  PHE A CZ  1 
ATOM   344  N N   . PRO A 1 86  ? -11.358 -17.290 11.206  1.00 31.43 ? 66  PRO A N   1 
ATOM   345  C CA  . PRO A 1 86  ? -12.224 -17.074 12.368  1.00 31.47 ? 66  PRO A CA  1 
ATOM   346  C C   . PRO A 1 86  ? -13.230 -15.974 12.170  1.00 31.94 ? 66  PRO A C   1 
ATOM   347  O O   . PRO A 1 86  ? -14.185 -15.910 12.935  1.00 31.47 ? 66  PRO A O   1 
ATOM   348  C CB  . PRO A 1 86  ? -11.244 -16.688 13.485  1.00 32.23 ? 66  PRO A CB  1 
ATOM   349  C CG  . PRO A 1 86  ? -10.012 -16.162 12.784  1.00 30.17 ? 66  PRO A CG  1 
ATOM   350  C CD  . PRO A 1 86  ? -9.984  -16.765 11.413  1.00 30.86 ? 66  PRO A CD  1 
ATOM   351  N N   . SER A 1 87  ? -13.032 -15.105 11.171  1.00 31.86 ? 67  SER A N   1 
ATOM   352  C CA  . SER A 1 87  ? -13.990 -14.012 10.929  1.00 32.56 ? 67  SER A CA  1 
ATOM   353  C C   . SER A 1 87  ? -13.826 -13.372 9.545   1.00 32.19 ? 67  SER A C   1 
ATOM   354  O O   . SER A 1 87  ? -12.890 -13.695 8.821   1.00 31.72 ? 67  SER A O   1 
ATOM   355  C CB  . SER A 1 87  ? -13.846 -12.939 12.009  1.00 32.56 ? 67  SER A CB  1 
ATOM   356  O OG  . SER A 1 87  ? -12.571 -12.338 11.936  1.00 33.01 ? 67  SER A OG  1 
ATOM   357  N N   . LYS A 1 88  ? -14.736 -12.472 9.189   1.00 33.15 ? 68  LYS A N   1 
ATOM   358  C CA  . LYS A 1 88  ? -14.604 -11.726 7.917   1.00 34.47 ? 68  LYS A CA  1 
ATOM   359  C C   . LYS A 1 88  ? -13.494 -10.684 8.024   1.00 34.37 ? 68  LYS A C   1 
ATOM   360  O O   . LYS A 1 88  ? -12.874 -10.341 7.020   1.00 34.58 ? 68  LYS A O   1 
ATOM   361  C CB  . LYS A 1 88  ? -15.929 -11.085 7.459   1.00 34.17 ? 68  LYS A CB  1 
ATOM   362  C CG  . LYS A 1 88  ? -16.388 -9.908  8.270   1.00 35.85 ? 68  LYS A CG  1 
ATOM   363  C CD  . LYS A 1 88  ? -17.815 -9.493  7.902   1.00 35.38 ? 68  LYS A CD  1 
ATOM   364  C CE  . LYS A 1 88  ? -18.236 -8.256  8.713   1.00 37.90 ? 68  LYS A CE  1 
ATOM   365  N NZ  . LYS A 1 88  ? -19.610 -7.797  8.306   1.00 39.74 ? 68  LYS A NZ  1 
ATOM   366  N N   . GLU A 1 89  ? -13.264 -10.190 9.245   1.00 34.04 ? 69  GLU A N   1 
ATOM   367  C CA  . GLU A 1 89  ? -12.172 -9.286  9.534   1.00 33.42 ? 69  GLU A CA  1 
ATOM   368  C C   . GLU A 1 89  ? -10.829 -10.020 9.344   1.00 32.92 ? 69  GLU A C   1 
ATOM   369  O O   . GLU A 1 89  ? -9.857  -9.417  8.921   1.00 32.33 ? 69  GLU A O   1 
ATOM   370  C CB  . GLU A 1 89  ? -12.309 -8.684  10.952  1.00 34.72 ? 69  GLU A CB  1 
ATOM   371  C CG  . GLU A 1 89  ? -13.560 -7.762  11.192  1.00 36.66 ? 69  GLU A CG  1 
ATOM   372  C CD  . GLU A 1 89  ? -14.888 -8.538  11.422  1.00 42.87 ? 69  GLU A CD  1 
ATOM   373  O OE1 . GLU A 1 89  ? -14.878 -9.789  11.613  1.00 44.23 ? 69  GLU A OE1 1 
ATOM   374  O OE2 . GLU A 1 89  ? -15.962 -7.890  11.409  1.00 45.39 ? 69  GLU A OE2 1 
ATOM   375  N N   . ALA A 1 90  ? -10.770 -11.332 9.617   1.00 30.92 ? 70  ALA A N   1 
ATOM   376  C CA  . ALA A 1 90  ? -9.527  -12.077 9.415   1.00 29.63 ? 70  ALA A CA  1 
ATOM   377  C C   . ALA A 1 90  ? -9.267  -12.303 7.921   1.00 28.25 ? 70  ALA A C   1 
ATOM   378  O O   . ALA A 1 90  ? -8.108  -12.418 7.490   1.00 27.94 ? 70  ALA A O   1 
ATOM   379  C CB  . ALA A 1 90  ? -9.534  -13.410 10.189  1.00 30.11 ? 70  ALA A CB  1 
ATOM   380  N N   . VAL A 1 91  ? -10.347 -12.359 7.136   1.00 26.79 ? 71  VAL A N   1 
ATOM   381  C CA  . VAL A 1 91  ? -10.241 -12.442 5.674   1.00 26.26 ? 71  VAL A CA  1 
ATOM   382  C C   . VAL A 1 91  ? -9.569  -11.161 5.109   1.00 25.76 ? 71  VAL A C   1 
ATOM   383  O O   . VAL A 1 91  ? -8.600  -11.249 4.390   1.00 24.88 ? 71  VAL A O   1 
ATOM   384  C CB  . VAL A 1 91  ? -11.618 -12.745 5.010   1.00 26.02 ? 71  VAL A CB  1 
ATOM   385  C CG1 . VAL A 1 91  ? -11.509 -12.788 3.485   1.00 25.00 ? 71  VAL A CG1 1 
ATOM   386  C CG2 . VAL A 1 91  ? -12.142 -14.118 5.501   1.00 25.54 ? 71  VAL A CG2 1 
ATOM   387  N N   . LEU A 1 92  ? -10.080 -9.993  5.483   1.00 25.99 ? 72  LEU A N   1 
ATOM   388  C CA  . LEU A 1 92  ? -9.462  -8.710  5.078   1.00 25.85 ? 72  LEU A CA  1 
ATOM   389  C C   . LEU A 1 92  ? -7.991  -8.609  5.457   1.00 25.95 ? 72  LEU A C   1 
ATOM   390  O O   . LEU A 1 92  ? -7.176  -8.208  4.638   1.00 27.33 ? 72  LEU A O   1 
ATOM   391  C CB  . LEU A 1 92  ? -10.246 -7.540  5.661   1.00 25.92 ? 72  LEU A CB  1 
ATOM   392  C CG  . LEU A 1 92  ? -9.773  -6.098  5.357   1.00 25.71 ? 72  LEU A CG  1 
ATOM   393  C CD1 . LEU A 1 92  ? -9.693  -5.829  3.841   1.00 24.58 ? 72  LEU A CD1 1 
ATOM   394  C CD2 . LEU A 1 92  ? -10.685 -5.101  6.048   1.00 24.78 ? 72  LEU A CD2 1 
ATOM   395  N N   . LEU A 1 93  ? -7.640  -9.018  6.676   1.00 25.26 ? 73  LEU A N   1 
ATOM   396  C CA  . LEU A 1 93  ? -6.260  -8.985  7.146   1.00 25.81 ? 73  LEU A CA  1 
ATOM   397  C C   . LEU A 1 93  ? -5.311  -9.783  6.269   1.00 25.88 ? 73  LEU A C   1 
ATOM   398  O O   . LEU A 1 93  ? -4.171  -9.351  6.008   1.00 25.56 ? 73  LEU A O   1 
ATOM   399  C CB  . LEU A 1 93  ? -6.199  -9.482  8.614   1.00 26.55 ? 73  LEU A CB  1 
ATOM   400  C CG  . LEU A 1 93  ? -4.836  -9.528  9.287   1.00 28.17 ? 73  LEU A CG  1 
ATOM   401  C CD1 . LEU A 1 93  ? -4.298  -8.077  9.420   1.00 26.14 ? 73  LEU A CD1 1 
ATOM   402  C CD2 . LEU A 1 93  ? -4.983  -10.213 10.652  1.00 27.73 ? 73  LEU A CD2 1 
ATOM   403  N N   . THR A 1 94  ? -5.775  -10.959 5.808   1.00 24.90 ? 74  THR A N   1 
ATOM   404  C CA  . THR A 1 94  ? -4.982  -11.814 4.932   1.00 24.02 ? 74  THR A CA  1 
ATOM   405  C C   . THR A 1 94  ? -4.754  -11.151 3.584   1.00 23.69 ? 74  THR A C   1 
ATOM   406  O O   . THR A 1 94  ? -3.616  -11.152 3.060   1.00 24.09 ? 74  THR A O   1 
ATOM   407  C CB  . THR A 1 94  ? -5.677  -13.169 4.735   1.00 24.35 ? 74  THR A CB  1 
ATOM   408  O OG1 . THR A 1 94  ? -5.810  -13.763 6.020   1.00 27.22 ? 74  THR A OG1 1 
ATOM   409  C CG2 . THR A 1 94  ? -4.852  -14.097 3.849   1.00 22.48 ? 74  THR A CG2 1 
ATOM   410  N N   . LEU A 1 95  ? -5.832  -10.602 3.039   1.00 23.52 ? 75  LEU A N   1 
ATOM   411  C CA  . LEU A 1 95  ? -5.802  -9.942  1.740   1.00 24.47 ? 75  LEU A CA  1 
ATOM   412  C C   . LEU A 1 95  ? -4.851  -8.756  1.780   1.00 24.14 ? 75  LEU A C   1 
ATOM   413  O O   . LEU A 1 95  ? -4.037  -8.603  0.871   1.00 25.11 ? 75  LEU A O   1 
ATOM   414  C CB  . LEU A 1 95  ? -7.183  -9.450  1.363   1.00 23.76 ? 75  LEU A CB  1 
ATOM   415  C CG  . LEU A 1 95  ? -8.190  -10.472 0.871   1.00 22.64 ? 75  LEU A CG  1 
ATOM   416  C CD1 . LEU A 1 95  ? -9.608  -9.872  0.849   1.00 21.34 ? 75  LEU A CD1 1 
ATOM   417  C CD2 . LEU A 1 95  ? -7.748  -11.039 -0.457  1.00 18.97 ? 75  LEU A CD2 1 
ATOM   418  N N   . LEU A 1 96  ? -4.988  -7.935  2.822   1.00 24.65 ? 76  LEU A N   1 
ATOM   419  C CA  . LEU A 1 96  ? -4.159  -6.746  3.027   1.00 25.43 ? 76  LEU A CA  1 
ATOM   420  C C   . LEU A 1 96  ? -2.717  -7.130  3.241   1.00 25.83 ? 76  LEU A C   1 
ATOM   421  O O   . LEU A 1 96  ? -1.811  -6.501  2.717   1.00 25.93 ? 76  LEU A O   1 
ATOM   422  C CB  . LEU A 1 96  ? -4.626  -6.020  4.274   1.00 25.71 ? 76  LEU A CB  1 
ATOM   423  C CG  . LEU A 1 96  ? -4.660  -4.499  4.389   1.00 26.83 ? 76  LEU A CG  1 
ATOM   424  C CD1 . LEU A 1 96  ? -4.147  -4.035  5.757   1.00 21.34 ? 76  LEU A CD1 1 
ATOM   425  C CD2 . LEU A 1 96  ? -4.011  -3.705  3.216   1.00 23.21 ? 76  LEU A CD2 1 
ATOM   426  N N   . ASP A 1 97  ? -2.502  -8.179  4.035   1.00 26.16 ? 77  ASP A N   1 
ATOM   427  C CA  . ASP A 1 97  ? -1.175  -8.711  4.267   1.00 26.55 ? 77  ASP A CA  1 
ATOM   428  C C   . ASP A 1 97  ? -0.521  -9.140  2.959   1.00 26.02 ? 77  ASP A C   1 
ATOM   429  O O   . ASP A 1 97  ? 0.659   -8.861  2.722   1.00 25.99 ? 77  ASP A O   1 
ATOM   430  C CB  . ASP A 1 97  ? -1.264  -9.892  5.249   1.00 28.15 ? 77  ASP A CB  1 
ATOM   431  C CG  . ASP A 1 97  ? 0.092   -10.482 5.566   1.00 32.02 ? 77  ASP A CG  1 
ATOM   432  O OD1 . ASP A 1 97  ? 0.393   -11.525 4.981   1.00 38.38 ? 77  ASP A OD1 1 
ATOM   433  O OD2 . ASP A 1 97  ? 0.873   -9.902  6.340   1.00 35.34 ? 77  ASP A OD2 1 
ATOM   434  N N   . ARG A 1 98  ? -1.278  -9.833  2.106   1.00 25.36 ? 78  ARG A N   1 
ATOM   435  C CA  . ARG A 1 98  ? -0.758  -10.259 0.806   1.00 25.50 ? 78  ARG A CA  1 
ATOM   436  C C   . ARG A 1 98  ? -0.393  -9.068  -0.087  1.00 24.04 ? 78  ARG A C   1 
ATOM   437  O O   . ARG A 1 98  ? 0.669   -9.081  -0.721  1.00 23.98 ? 78  ARG A O   1 
ATOM   438  C CB  . ARG A 1 98  ? -1.784  -11.139 0.093   1.00 25.92 ? 78  ARG A CB  1 
ATOM   439  C CG  . ARG A 1 98  ? -2.055  -12.469 0.860   1.00 30.24 ? 78  ARG A CG  1 
ATOM   440  C CD  . ARG A 1 98  ? -1.203  -13.607 0.335   1.00 38.85 ? 78  ARG A CD  1 
ATOM   441  N NE  . ARG A 1 98  ? -1.888  -14.897 0.521   1.00 43.97 ? 78  ARG A NE  1 
ATOM   442  C CZ  . ARG A 1 98  ? -2.618  -15.523 -0.408  1.00 45.83 ? 78  ARG A CZ  1 
ATOM   443  N NH1 . ARG A 1 98  ? -2.793  -15.009 -1.631  1.00 45.37 ? 78  ARG A NH1 1 
ATOM   444  N NH2 . ARG A 1 98  ? -3.180  -16.683 -0.101  1.00 50.31 ? 78  ARG A NH2 1 
ATOM   445  N N   . VAL A 1 99  ? -1.275  -8.066  -0.144  1.00 23.69 ? 79  VAL A N   1 
ATOM   446  C CA  . VAL A 1 99  ? -1.028  -6.820  -0.967  1.00 24.51 ? 79  VAL A CA  1 
ATOM   447  C C   . VAL A 1 99  ? 0.205   -6.001  -0.507  1.00 24.50 ? 79  VAL A C   1 
ATOM   448  O O   . VAL A 1 99  ? 1.061   -5.576  -1.302  1.00 24.06 ? 79  VAL A O   1 
ATOM   449  C CB  . VAL A 1 99  ? -2.313  -5.871  -0.995  1.00 24.54 ? 79  VAL A CB  1 
ATOM   450  C CG1 . VAL A 1 99  ? -2.021  -4.561  -1.748  1.00 24.81 ? 79  VAL A CG1 1 
ATOM   451  C CG2 . VAL A 1 99  ? -3.452  -6.550  -1.701  1.00 25.64 ? 79  VAL A CG2 1 
ATOM   452  N N   . VAL A 1 100 ? 0.257   -5.741  0.792   1.00 25.19 ? 80  VAL A N   1 
ATOM   453  C CA  . VAL A 1 100 ? 1.375   -5.035  1.441   1.00 24.94 ? 80  VAL A CA  1 
ATOM   454  C C   . VAL A 1 100 ? 2.720   -5.814  1.213   1.00 25.64 ? 80  VAL A C   1 
ATOM   455  O O   . VAL A 1 100 ? 3.754   -5.245  0.815   1.00 24.80 ? 80  VAL A O   1 
ATOM   456  C CB  . VAL A 1 100 ? 0.915   -4.823  2.907   1.00 25.79 ? 80  VAL A CB  1 
ATOM   457  C CG1 . VAL A 1 100 ? 1.960   -4.998  3.897   1.00 27.98 ? 80  VAL A CG1 1 
ATOM   458  C CG2 . VAL A 1 100 ? 0.120   -3.527  3.081   1.00 24.87 ? 80  VAL A CG2 1 
ATOM   459  N N   . ASN A 1 101 ? 2.704   -7.140  1.380   1.00 24.94 ? 81  ASN A N   1 
ATOM   460  C CA  . ASN A 1 101 ? 3.905   -7.903  1.070   1.00 24.78 ? 81  ASN A CA  1 
ATOM   461  C C   . ASN A 1 101 ? 4.266   -7.898  -0.410  1.00 23.61 ? 81  ASN A C   1 
ATOM   462  O O   . ASN A 1 101 ? 5.447   -7.851  -0.729  1.00 23.43 ? 81  ASN A O   1 
ATOM   463  C CB  . ASN A 1 101 ? 3.854   -9.328  1.611   1.00 25.64 ? 81  ASN A CB  1 
ATOM   464  C CG  . ASN A 1 101 ? 4.268   -9.385  3.045   1.00 27.21 ? 81  ASN A CG  1 
ATOM   465  O OD1 . ASN A 1 101 ? 5.467   -9.354  3.349   1.00 27.49 ? 81  ASN A OD1 1 
ATOM   466  N ND2 . ASN A 1 101 ? 3.282   -9.401  3.949   1.00 26.91 ? 81  ASN A ND2 1 
ATOM   467  N N   . GLN A 1 102 ? 3.263   -7.879  -1.300  1.00 23.29 ? 82  GLN A N   1 
ATOM   468  C CA  . GLN A 1 102 ? 3.526   -7.756  -2.747  1.00 24.10 ? 82  GLN A CA  1 
ATOM   469  C C   . GLN A 1 102 ? 4.258   -6.434  -3.071  1.00 22.93 ? 82  GLN A C   1 
ATOM   470  O O   . GLN A 1 102 ? 5.261   -6.422  -3.776  1.00 22.52 ? 82  GLN A O   1 
ATOM   471  C CB  . GLN A 1 102 ? 2.217   -7.827  -3.525  1.00 25.05 ? 82  GLN A CB  1 
ATOM   472  C CG  . GLN A 1 102 ? 2.353   -8.043  -5.025  1.00 27.65 ? 82  GLN A CG  1 
ATOM   473  C CD  . GLN A 1 102 ? 0.981   -8.125  -5.646  1.00 34.02 ? 82  GLN A CD  1 
ATOM   474  O OE1 . GLN A 1 102 ? 0.096   -8.828  -5.125  1.00 36.75 ? 82  GLN A OE1 1 
ATOM   475  N NE2 . GLN A 1 102 ? 0.768   -7.374  -6.706  1.00 34.29 ? 82  GLN A NE2 1 
ATOM   476  N N   . ALA A 1 103 ? 3.772   -5.326  -2.506  1.00 22.39 ? 83  ALA A N   1 
ATOM   477  C CA  . ALA A 1 103 ? 4.424   -4.017  -2.659  1.00 21.66 ? 83  ALA A CA  1 
ATOM   478  C C   . ALA A 1 103 ? 5.842   -4.071  -2.126  1.00 21.35 ? 83  ALA A C   1 
ATOM   479  O O   . ALA A 1 103 ? 6.756   -3.584  -2.749  1.00 22.20 ? 83  ALA A O   1 
ATOM   480  C CB  . ALA A 1 103 ? 3.604   -2.924  -1.911  1.00 21.31 ? 83  ALA A CB  1 
ATOM   481  N N   . ASP A 1 104 ? 6.002   -4.670  -0.950  1.00 22.84 ? 84  ASP A N   1 
ATOM   482  C CA  . ASP A 1 104 ? 7.283   -4.747  -0.289  1.00 24.33 ? 84  ASP A CA  1 
ATOM   483  C C   . ASP A 1 104 ? 8.310   -5.558  -1.073  1.00 25.61 ? 84  ASP A C   1 
ATOM   484  O O   . ASP A 1 104 ? 9.444   -5.108  -1.241  1.00 24.65 ? 84  ASP A O   1 
ATOM   485  C CB  . ASP A 1 104 ? 7.098   -5.295  1.121   1.00 24.85 ? 84  ASP A CB  1 
ATOM   486  C CG  . ASP A 1 104 ? 8.295   -5.050  1.986   1.00 27.37 ? 84  ASP A CG  1 
ATOM   487  O OD1 . ASP A 1 104 ? 8.864   -6.042  2.473   1.00 28.39 ? 84  ASP A OD1 1 
ATOM   488  O OD2 . ASP A 1 104 ? 8.679   -3.876  2.172   1.00 27.64 ? 84  ASP A OD2 1 
ATOM   489  N N   . MET A 1 105 ? 7.889   -6.729  -1.584  1.00 26.85 ? 85  MET A N   1 
ATOM   490  C CA  . MET A 1 105 ? 8.748   -7.593  -2.390  1.00 29.51 ? 85  MET A CA  1 
ATOM   491  C C   . MET A 1 105 ? 9.144   -6.878  -3.667  1.00 27.18 ? 85  MET A C   1 
ATOM   492  O O   . MET A 1 105 ? 10.295  -6.933  -4.051  1.00 27.27 ? 85  MET A O   1 
ATOM   493  C CB  . MET A 1 105 ? 8.040   -8.929  -2.710  1.00 28.57 ? 85  MET A CB  1 
ATOM   494  C CG  . MET A 1 105 ? 7.762   -9.799  -1.484  1.00 32.82 ? 85  MET A CG  1 
ATOM   495  S SD  . MET A 1 105 ? 7.025   -11.454 -1.820  1.00 39.80 ? 85  MET A SD  1 
ATOM   496  C CE  . MET A 1 105 ? 5.260   -11.079 -1.977  1.00 35.65 ? 85  MET A CE  1 
ATOM   497  N N   . ALA A 1 106 ? 8.195   -6.195  -4.315  1.00 26.89 ? 86  ALA A N   1 
ATOM   498  C CA  . ALA A 1 106 ? 8.507   -5.418  -5.505  1.00 27.05 ? 86  ALA A CA  1 
ATOM   499  C C   . ALA A 1 106 ? 9.507   -4.315  -5.209  1.00 27.03 ? 86  ALA A C   1 
ATOM   500  O O   . ALA A 1 106 ? 10.409  -4.087  -5.976  1.00 26.30 ? 86  ALA A O   1 
ATOM   501  C CB  . ALA A 1 106 ? 7.249   -4.851  -6.185  1.00 27.72 ? 86  ALA A CB  1 
ATOM   502  N N   . LEU A 1 107 ? 9.366   -3.647  -4.069  1.00 27.68 ? 87  LEU A N   1 
ATOM   503  C CA  . LEU A 1 107 ? 10.363  -2.660  -3.676  1.00 27.87 ? 87  LEU A CA  1 
ATOM   504  C C   . LEU A 1 107 ? 11.756  -3.296  -3.420  1.00 28.46 ? 87  LEU A C   1 
ATOM   505  O O   . LEU A 1 107 ? 12.767  -2.770  -3.836  1.00 27.70 ? 87  LEU A O   1 
ATOM   506  C CB  . LEU A 1 107 ? 9.868   -1.904  -2.450  1.00 27.13 ? 87  LEU A CB  1 
ATOM   507  C CG  . LEU A 1 107 ? 10.651  -0.627  -2.117  1.00 26.31 ? 87  LEU A CG  1 
ATOM   508  C CD1 . LEU A 1 107 ? 10.692  0.406   -3.280  1.00 21.87 ? 87  LEU A CD1 1 
ATOM   509  C CD2 . LEU A 1 107 ? 10.084  -0.042  -0.798  1.00 22.43 ? 87  LEU A CD2 1 
ATOM   510  N N   . GLN A 1 108 ? 11.789  -4.437  -2.733  1.00 30.87 ? 88  GLN A N   1 
ATOM   511  C CA  . GLN A 1 108 ? 13.050  -5.202  -2.555  1.00 32.63 ? 88  GLN A CA  1 
ATOM   512  C C   . GLN A 1 108 ? 13.715  -5.567  -3.882  1.00 32.60 ? 88  GLN A C   1 
ATOM   513  O O   . GLN A 1 108 ? 14.939  -5.515  -3.999  1.00 32.69 ? 88  GLN A O   1 
ATOM   514  C CB  . GLN A 1 108 ? 12.796  -6.471  -1.754  1.00 32.98 ? 88  GLN A CB  1 
ATOM   515  C CG  . GLN A 1 108 ? 12.245  -6.193  -0.371  1.00 37.74 ? 88  GLN A CG  1 
ATOM   516  C CD  . GLN A 1 108 ? 12.260  -7.404  0.517   1.00 43.17 ? 88  GLN A CD  1 
ATOM   517  O OE1 . GLN A 1 108 ? 11.552  -7.453  1.531   1.00 43.54 ? 88  GLN A OE1 1 
ATOM   518  N NE2 . GLN A 1 108 ? 13.072  -8.394  0.153   1.00 41.73 ? 88  GLN A NE2 1 
ATOM   519  N N   . THR A 1 109 ? 12.901  -5.924  -4.870  1.00 33.44 ? 89  THR A N   1 
ATOM   520  C CA  . THR A 1 109 ? 13.401  -6.345  -6.182  1.00 34.69 ? 89  THR A CA  1 
ATOM   521  C C   . THR A 1 109 ? 14.065  -5.182  -6.871  1.00 35.35 ? 89  THR A C   1 
ATOM   522  O O   . THR A 1 109 ? 15.156  -5.333  -7.432  1.00 35.95 ? 89  THR A O   1 
ATOM   523  C CB  . THR A 1 109 ? 12.258  -6.907  -7.069  1.00 34.30 ? 89  THR A CB  1 
ATOM   524  O OG1 . THR A 1 109 ? 11.830  -8.166  -6.535  1.00 36.10 ? 89  THR A OG1 1 
ATOM   525  C CG2 . THR A 1 109 ? 12.693  -7.085  -8.503  1.00 34.19 ? 89  THR A CG2 1 
ATOM   526  N N   . LEU A 1 110 ? 13.411  -4.016  -6.822  1.00 35.43 ? 90  LEU A N   1 
ATOM   527  C CA  . LEU A 1 110 ? 13.984  -2.781  -7.359  1.00 35.94 ? 90  LEU A CA  1 
ATOM   528  C C   . LEU A 1 110 ? 15.284  -2.412  -6.677  1.00 36.95 ? 90  LEU A C   1 
ATOM   529  O O   . LEU A 1 110 ? 16.240  -1.973  -7.341  1.00 36.20 ? 90  LEU A O   1 
ATOM   530  C CB  . LEU A 1 110 ? 13.016  -1.600  -7.188  1.00 35.08 ? 90  LEU A CB  1 
ATOM   531  C CG  . LEU A 1 110 ? 11.897  -1.405  -8.197  1.00 35.95 ? 90  LEU A CG  1 
ATOM   532  C CD1 . LEU A 1 110 ? 11.163  -0.093  -7.912  1.00 33.96 ? 90  LEU A CD1 1 
ATOM   533  C CD2 . LEU A 1 110 ? 12.450  -1.440  -9.629  1.00 34.83 ? 90  LEU A CD2 1 
ATOM   534  N N   . ALA A 1 111 ? 15.294  -2.533  -5.345  1.00 38.58 ? 91  ALA A N   1 
ATOM   535  C CA  . ALA A 1 111 ? 16.478  -2.231  -4.557  1.00 40.82 ? 91  ALA A CA  1 
ATOM   536  C C   . ALA A 1 111 ? 17.657  -3.124  -4.943  1.00 42.86 ? 91  ALA A C   1 
ATOM   537  O O   . ALA A 1 111 ? 18.739  -2.617  -5.192  1.00 43.63 ? 91  ALA A O   1 
ATOM   538  C CB  . ALA A 1 111 ? 16.182  -2.343  -3.069  1.00 40.11 ? 91  ALA A CB  1 
ATOM   539  N N   . GLU A 1 112 ? 17.448  -4.441  -5.017  1.00 45.16 ? 92  GLU A N   1 
ATOM   540  C CA  . GLU A 1 112 ? 18.539  -5.379  -5.345  1.00 47.73 ? 92  GLU A CA  1 
ATOM   541  C C   . GLU A 1 112 ? 19.023  -5.265  -6.778  1.00 49.29 ? 92  GLU A C   1 
ATOM   542  O O   . GLU A 1 112 ? 20.114  -5.732  -7.113  1.00 50.16 ? 92  GLU A O   1 
ATOM   543  C CB  . GLU A 1 112 ? 18.125  -6.814  -5.083  1.00 47.82 ? 92  GLU A CB  1 
ATOM   544  C CG  . GLU A 1 112 ? 17.777  -7.096  -3.648  1.00 48.45 ? 92  GLU A CG  1 
ATOM   545  C CD  . GLU A 1 112 ? 17.021  -8.394  -3.486  1.00 50.00 ? 92  GLU A CD  1 
ATOM   546  O OE1 . GLU A 1 112 ? 16.706  -9.075  -4.503  1.00 48.42 ? 92  GLU A OE1 1 
ATOM   547  O OE2 . GLU A 1 112 ? 16.744  -8.729  -2.318  1.00 52.55 ? 92  GLU A OE2 1 
ATOM   548  N N   . ASN A 1 113 ? 18.205  -4.665  -7.634  1.00 50.94 ? 93  ASN A N   1 
ATOM   549  C CA  . ASN A 1 113 ? 18.628  -4.392  -8.989  1.00 51.92 ? 93  ASN A CA  1 
ATOM   550  C C   . ASN A 1 113 ? 18.926  -2.901  -9.183  1.00 53.12 ? 93  ASN A C   1 
ATOM   551  O O   . ASN A 1 113 ? 18.017  -2.119  -9.483  1.00 53.18 ? 93  ASN A O   1 
ATOM   552  C CB  . ASN A 1 113 ? 17.589  -4.908  -9.981  1.00 51.97 ? 93  ASN A CB  1 
ATOM   553  C CG  . ASN A 1 113 ? 17.481  -6.423  -9.971  1.00 51.84 ? 93  ASN A CG  1 
ATOM   554  O OD1 . ASN A 1 113 ? 16.645  -6.999  -9.263  1.00 49.31 ? 93  ASN A OD1 1 
ATOM   555  N ND2 . ASN A 1 113 ? 18.352  -7.080  -10.734 1.00 51.46 ? 93  ASN A ND2 1 
ATOM   556  N N   . PRO A 1 114 ? 20.212  -2.508  -9.037  1.00 53.78 ? 94  PRO A N   1 
ATOM   557  C CA  . PRO A 1 114 ? 20.664  -1.120  -9.195  1.00 54.22 ? 94  PRO A CA  1 
ATOM   558  C C   . PRO A 1 114 ? 19.657  -0.214  -9.943  1.00 54.62 ? 94  PRO A C   1 
ATOM   559  O O   . PRO A 1 114 ? 19.045  0.622   -9.273  1.00 55.01 ? 94  PRO A O   1 
ATOM   560  C CB  . PRO A 1 114 ? 22.007  -1.278  -9.946  1.00 54.73 ? 94  PRO A CB  1 
ATOM   561  C CG  . PRO A 1 114 ? 22.483  -2.763  -9.632  1.00 54.63 ? 94  PRO A CG  1 
ATOM   562  C CD  . PRO A 1 114 ? 21.362  -3.399  -8.783  1.00 54.24 ? 94  PRO A CD  1 
ATOM   563  N N   . ALA A 1 115 ? 19.474  -0.397  -11.273 1.00 54.02 ? 95  ALA A N   1 
ATOM   564  C CA  . ALA A 1 115 ? 18.418  0.265   -12.098 1.00 53.25 ? 95  ALA A CA  1 
ATOM   565  C C   . ALA A 1 115 ? 18.844  1.576   -12.817 1.00 52.65 ? 95  ALA A C   1 
ATOM   566  O O   . ALA A 1 115 ? 19.068  2.600   -12.174 1.00 52.77 ? 95  ALA A O   1 
ATOM   567  C CB  . ALA A 1 115 ? 17.159  0.470   -11.301 1.00 53.11 ? 95  ALA A CB  1 
ATOM   568  N N   . ASP A 1 116 ? 18.902  1.554   -14.152 1.00 51.56 ? 96  ASP A N   1 
ATOM   569  C CA  . ASP A 1 116 ? 19.839  2.426   -14.902 1.00 50.01 ? 96  ASP A CA  1 
ATOM   570  C C   . ASP A 1 116 ? 19.238  3.682   -15.529 1.00 48.62 ? 96  ASP A C   1 
ATOM   571  O O   . ASP A 1 116 ? 18.846  3.690   -16.708 1.00 48.67 ? 96  ASP A O   1 
ATOM   572  C CB  . ASP A 1 116 ? 20.603  1.586   -15.953 1.00 50.99 ? 96  ASP A CB  1 
ATOM   573  C CG  . ASP A 1 116 ? 21.649  2.399   -16.751 1.00 53.06 ? 96  ASP A CG  1 
ATOM   574  O OD1 . ASP A 1 116 ? 21.960  1.988   -17.895 1.00 56.38 ? 96  ASP A OD1 1 
ATOM   575  O OD2 . ASP A 1 116 ? 22.170  3.427   -16.250 1.00 53.95 ? 96  ASP A OD2 1 
ATOM   576  N N   . THR A 1 117 ? 19.205  4.765   -14.748 1.00 46.33 ? 97  THR A N   1 
ATOM   577  C CA  . THR A 1 117 ? 18.566  6.010   -15.183 1.00 44.05 ? 97  THR A CA  1 
ATOM   578  C C   . THR A 1 117 ? 18.903  7.183   -14.224 1.00 42.27 ? 97  THR A C   1 
ATOM   579  O O   . THR A 1 117 ? 19.726  7.023   -13.323 1.00 41.91 ? 97  THR A O   1 
ATOM   580  C CB  . THR A 1 117 ? 17.023  5.783   -15.431 1.00 43.96 ? 97  THR A CB  1 
ATOM   581  O OG1 . THR A 1 117 ? 16.440  6.935   -16.052 1.00 43.51 ? 97  THR A OG1 1 
ATOM   582  C CG2 . THR A 1 117 ? 16.288  5.365   -14.139 1.00 44.15 ? 97  THR A CG2 1 
ATOM   583  N N   . ASP A 1 118 ? 18.295  8.348   -14.431 1.00 39.88 ? 98  ASP A N   1 
ATOM   584  C CA  . ASP A 1 118 ? 18.526  9.495   -13.559 1.00 38.22 ? 98  ASP A CA  1 
ATOM   585  C C   . ASP A 1 118 ? 17.783  9.396   -12.212 1.00 36.87 ? 98  ASP A C   1 
ATOM   586  O O   . ASP A 1 118 ? 16.960  8.485   -11.983 1.00 35.74 ? 98  ASP A O   1 
ATOM   587  C CB  . ASP A 1 118 ? 18.181  10.810  -14.275 1.00 38.82 ? 98  ASP A CB  1 
ATOM   588  C CG  . ASP A 1 118 ? 16.747  10.855  -14.789 1.00 40.20 ? 98  ASP A CG  1 
ATOM   589  O OD1 . ASP A 1 118 ? 15.835  10.259  -14.171 1.00 40.62 ? 98  ASP A OD1 1 
ATOM   590  O OD2 . ASP A 1 118 ? 16.530  11.526  -15.820 1.00 42.76 ? 98  ASP A OD2 1 
ATOM   591  N N   . ARG A 1 119 ? 18.099  10.329  -11.324 1.00 34.97 ? 99  ARG A N   1 
ATOM   592  C CA  . ARG A 1 119 ? 17.525  10.355  -9.969  1.00 34.44 ? 99  ARG A CA  1 
ATOM   593  C C   . ARG A 1 119 ? 16.002  10.496  -9.960  1.00 32.55 ? 99  ARG A C   1 
ATOM   594  O O   . ARG A 1 119 ? 15.342  9.868   -9.153  1.00 32.38 ? 99  ARG A O   1 
ATOM   595  C CB  . ARG A 1 119 ? 18.192  11.437  -9.115  1.00 34.26 ? 99  ARG A CB  1 
ATOM   596  C CG  . ARG A 1 119 ? 17.736  12.842  -9.407  1.00 36.66 ? 99  ARG A CG  1 
ATOM   597  C CD  . ARG A 1 119 ? 18.918  13.782  -9.284  1.00 40.24 ? 99  ARG A CD  1 
ATOM   598  N NE  . ARG A 1 119 ? 18.549  15.182  -9.145  1.00 41.29 ? 99  ARG A NE  1 
ATOM   599  C CZ  . ARG A 1 119 ? 19.393  16.115  -8.718  1.00 43.73 ? 99  ARG A CZ  1 
ATOM   600  N NH1 . ARG A 1 119 ? 20.644  15.785  -8.390  1.00 46.61 ? 99  ARG A NH1 1 
ATOM   601  N NH2 . ARG A 1 119 ? 18.998  17.370  -8.606  1.00 44.50 ? 99  ARG A NH2 1 
ATOM   602  N N   . GLU A 1 120 ? 15.460  11.317  -10.859 1.00 31.90 ? 100 GLU A N   1 
ATOM   603  C CA  . GLU A 1 120 ? 14.047  11.554  -10.923 1.00 31.21 ? 100 GLU A CA  1 
ATOM   604  C C   . GLU A 1 120 ? 13.344  10.283  -11.318 1.00 30.85 ? 100 GLU A C   1 
ATOM   605  O O   . GLU A 1 120 ? 12.310  9.936   -10.752 1.00 29.58 ? 100 GLU A O   1 
ATOM   606  C CB  . GLU A 1 120 ? 13.713  12.678  -11.908 1.00 31.84 ? 100 GLU A CB  1 
ATOM   607  C CG  . GLU A 1 120 ? 12.218  12.870  -12.081 1.00 34.74 ? 100 GLU A CG  1 
ATOM   608  C CD  . GLU A 1 120 ? 11.842  13.972  -13.042 1.00 39.38 ? 100 GLU A CD  1 
ATOM   609  O OE1 . GLU A 1 120 ? 10.647  14.066  -13.400 1.00 42.31 ? 100 GLU A OE1 1 
ATOM   610  O OE2 . GLU A 1 120 ? 12.718  14.755  -13.446 1.00 43.28 ? 100 GLU A OE2 1 
ATOM   611  N N   . ASN A 1 121 ? 13.936  9.551   -12.271 1.00 30.13 ? 101 ASN A N   1 
ATOM   612  C CA  . ASN A 1 121 ? 13.320  8.317   -12.722 1.00 30.31 ? 101 ASN A CA  1 
ATOM   613  C C   . ASN A 1 121 ? 13.458  7.214   -11.679 1.00 28.84 ? 101 ASN A C   1 
ATOM   614  O O   . ASN A 1 121 ? 12.579  6.353   -11.563 1.00 27.72 ? 101 ASN A O   1 
ATOM   615  C CB  . ASN A 1 121 ? 13.868  7.876   -14.079 1.00 30.72 ? 101 ASN A CB  1 
ATOM   616  C CG  . ASN A 1 121 ? 12.792  7.346   -14.966 1.00 35.14 ? 101 ASN A CG  1 
ATOM   617  O OD1 . ASN A 1 121 ? 11.999  8.104   -15.535 1.00 39.43 ? 101 ASN A OD1 1 
ATOM   618  N ND2 . ASN A 1 121 ? 12.737  6.026   -15.089 1.00 38.72 ? 101 ASN A ND2 1 
ATOM   619  N N   . MET A 1 122 ? 14.549  7.266   -10.911 1.00 28.02 ? 102 MET A N   1 
ATOM   620  C CA  . MET A 1 122 ? 14.758  6.320   -9.822  1.00 29.30 ? 102 MET A CA  1 
ATOM   621  C C   . MET A 1 122 ? 13.628  6.419   -8.780  1.00 25.85 ? 102 MET A C   1 
ATOM   622  O O   . MET A 1 122 ? 13.091  5.409   -8.351  1.00 25.61 ? 102 MET A O   1 
ATOM   623  C CB  . MET A 1 122 ? 16.128  6.536   -9.142  1.00 28.82 ? 102 MET A CB  1 
ATOM   624  C CG  . MET A 1 122 ? 16.160  6.018   -7.692  1.00 31.50 ? 102 MET A CG  1 
ATOM   625  S SD  . MET A 1 122 ? 17.606  6.330   -6.638  1.00 38.73 ? 102 MET A SD  1 
ATOM   626  C CE  . MET A 1 122 ? 17.473  8.053   -6.171  1.00 34.05 ? 102 MET A CE  1 
ATOM   627  N N   . TRP A 1 123 ? 13.307  7.649   -8.366  1.00 23.53 ? 103 TRP A N   1 
ATOM   628  C CA  . TRP A 1 123 ? 12.226  7.914   -7.413  1.00 21.32 ? 103 TRP A CA  1 
ATOM   629  C C   . TRP A 1 123 ? 10.874  7.522   -8.008  1.00 20.65 ? 103 TRP A C   1 
ATOM   630  O O   . TRP A 1 123 ? 10.059  6.889   -7.328  1.00 19.67 ? 103 TRP A O   1 
ATOM   631  C CB  . TRP A 1 123 ? 12.256  9.386   -6.968  1.00 21.49 ? 103 TRP A CB  1 
ATOM   632  C CG  . TRP A 1 123 ? 13.437  9.625   -6.006  1.00 20.74 ? 103 TRP A CG  1 
ATOM   633  C CD1 . TRP A 1 123 ? 14.547  10.358  -6.243  1.00 20.39 ? 103 TRP A CD1 1 
ATOM   634  C CD2 . TRP A 1 123 ? 13.595  9.055   -4.690  1.00 19.48 ? 103 TRP A CD2 1 
ATOM   635  N NE1 . TRP A 1 123 ? 15.396  10.305  -5.144  1.00 20.98 ? 103 TRP A NE1 1 
ATOM   636  C CE2 . TRP A 1 123 ? 14.835  9.506   -4.185  1.00 19.43 ? 103 TRP A CE2 1 
ATOM   637  C CE3 . TRP A 1 123 ? 12.815  8.190   -3.901  1.00 19.66 ? 103 TRP A CE3 1 
ATOM   638  C CZ2 . TRP A 1 123 ? 15.310  9.144   -2.913  1.00 20.93 ? 103 TRP A CZ2 1 
ATOM   639  C CZ3 . TRP A 1 123 ? 13.277  7.852   -2.621  1.00 21.68 ? 103 TRP A CZ3 1 
ATOM   640  C CH2 . TRP A 1 123 ? 14.508  8.336   -2.143  1.00 20.22 ? 103 TRP A CH2 1 
ATOM   641  N N   . ARG A 1 124 ? 10.678  7.838   -9.291  1.00 18.89 ? 104 ARG A N   1 
ATOM   642  C CA  . ARG A 1 124 ? 9.456   7.476   -9.994  1.00 19.01 ? 104 ARG A CA  1 
ATOM   643  C C   . ARG A 1 124 ? 9.179   5.967   -9.973  1.00 18.88 ? 104 ARG A C   1 
ATOM   644  O O   . ARG A 1 124 ? 8.069   5.534   -9.692  1.00 18.89 ? 104 ARG A O   1 
ATOM   645  C CB  . ARG A 1 124 ? 9.521   7.991   -11.440 1.00 17.41 ? 104 ARG A CB  1 
ATOM   646  C CG  . ARG A 1 124 ? 8.306   7.608   -12.269 1.00 19.56 ? 104 ARG A CG  1 
ATOM   647  C CD  . ARG A 1 124 ? 8.339   8.194   -13.689 1.00 20.38 ? 104 ARG A CD  1 
ATOM   648  N NE  . ARG A 1 124 ? 7.809   9.557   -13.628 1.00 24.91 ? 104 ARG A NE  1 
ATOM   649  C CZ  . ARG A 1 124 ? 8.540   10.649  -13.724 1.00 28.44 ? 104 ARG A CZ  1 
ATOM   650  N NH1 . ARG A 1 124 ? 9.851   10.537  -13.950 1.00 31.28 ? 104 ARG A NH1 1 
ATOM   651  N NH2 . ARG A 1 124 ? 7.945   11.852  -13.616 1.00 26.94 ? 104 ARG A NH2 1 
ATOM   652  N N   . THR A 1 125 ? 10.218  5.178   -10.258 1.00 18.38 ? 105 THR A N   1 
ATOM   653  C CA  . THR A 1 125 ? 10.134  3.721   -10.226 1.00 19.30 ? 105 THR A CA  1 
ATOM   654  C C   . THR A 1 125 ? 9.719   3.228   -8.858  1.00 18.29 ? 105 THR A C   1 
ATOM   655  O O   . THR A 1 125 ? 8.910   2.315   -8.749  1.00 17.42 ? 105 THR A O   1 
ATOM   656  C CB  . THR A 1 125 ? 11.521  3.110   -10.704 1.00 20.04 ? 105 THR A CB  1 
ATOM   657  O OG1 . THR A 1 125 ? 11.785  3.605   -12.023 1.00 24.46 ? 105 THR A OG1 1 
ATOM   658  C CG2 . THR A 1 125 ? 11.475  1.629   -10.823 1.00 24.34 ? 105 THR A CG2 1 
ATOM   659  N N   . GLY A 1 126 ? 10.263  3.820   -7.787  1.00 18.54 ? 106 GLY A N   1 
ATOM   660  C CA  . GLY A 1 126 ? 9.876   3.361   -6.441  1.00 17.76 ? 106 GLY A CA  1 
ATOM   661  C C   . GLY A 1 126 ? 8.451   3.708   -6.080  1.00 16.90 ? 106 GLY A C   1 
ATOM   662  O O   . GLY A 1 126 ? 7.717   2.889   -5.516  1.00 16.85 ? 106 GLY A O   1 
ATOM   663  N N   . ILE A 1 127 ? 8.051   4.942   -6.362  1.00 16.90 ? 107 ILE A N   1 
ATOM   664  C CA  . ILE A 1 127 ? 6.663   5.351   -6.116  1.00 16.52 ? 107 ILE A CA  1 
ATOM   665  C C   . ILE A 1 127 ? 5.676   4.508   -6.939  1.00 17.66 ? 107 ILE A C   1 
ATOM   666  O O   . ILE A 1 127 ? 4.639   4.061   -6.427  1.00 18.48 ? 107 ILE A O   1 
ATOM   667  C CB  . ILE A 1 127 ? 6.472   6.875   -6.394  1.00 17.21 ? 107 ILE A CB  1 
ATOM   668  C CG1 . ILE A 1 127 ? 7.362   7.709   -5.443  1.00 14.10 ? 107 ILE A CG1 1 
ATOM   669  C CG2 . ILE A 1 127 ? 5.020   7.263   -6.188  1.00 16.39 ? 107 ILE A CG2 1 
ATOM   670  C CD1 . ILE A 1 127 ? 7.378   9.211   -5.786  1.00 15.88 ? 107 ILE A CD1 1 
ATOM   671  N N   . ASN A 1 128 ? 6.054   4.245   -8.190  1.00 17.69 ? 108 ASN A N   1 
ATOM   672  C CA  . ASN A 1 128 ? 5.305   3.356   -9.093  1.00 18.68 ? 108 ASN A CA  1 
ATOM   673  C C   . ASN A 1 128 ? 4.984   1.968   -8.549  1.00 18.16 ? 108 ASN A C   1 
ATOM   674  O O   . ASN A 1 128 ? 3.942   1.421   -8.877  1.00 19.70 ? 108 ASN A O   1 
ATOM   675  C CB  . ASN A 1 128 ? 5.996   3.234   -10.441 1.00 17.84 ? 108 ASN A CB  1 
ATOM   676  C CG  . ASN A 1 128 ? 5.079   2.603   -11.503 1.00 20.67 ? 108 ASN A CG  1 
ATOM   677  O OD1 . ASN A 1 128 ? 5.398   1.521   -12.080 1.00 21.96 ? 108 ASN A OD1 1 
ATOM   678  N ND2 . ASN A 1 128 ? 3.939   3.242   -11.748 1.00 12.89 ? 108 ASN A ND2 1 
ATOM   679  N N   . VAL A 1 129 ? 5.855   1.405   -7.712  1.00 19.12 ? 109 VAL A N   1 
ATOM   680  C CA  . VAL A 1 129 ? 5.533   0.146   -7.031  1.00 19.21 ? 109 VAL A CA  1 
ATOM   681  C C   . VAL A 1 129 ? 4.194   0.239   -6.289  1.00 19.06 ? 109 VAL A C   1 
ATOM   682  O O   . VAL A 1 129 ? 3.354   -0.680  -6.334  1.00 17.95 ? 109 VAL A O   1 
ATOM   683  C CB  . VAL A 1 129 ? 6.668   -0.280  -6.017  1.00 20.57 ? 109 VAL A CB  1 
ATOM   684  C CG1 . VAL A 1 129 ? 6.129   -1.283  -4.968  1.00 20.65 ? 109 VAL A CG1 1 
ATOM   685  C CG2 . VAL A 1 129 ? 7.810   -0.837  -6.774  1.00 22.28 ? 109 VAL A CG2 1 
ATOM   686  N N   . PHE A 1 130 ? 4.014   1.342   -5.564  1.00 17.44 ? 110 PHE A N   1 
ATOM   687  C CA  . PHE A 1 130 ? 2.861   1.521   -4.735  1.00 17.16 ? 110 PHE A CA  1 
ATOM   688  C C   . PHE A 1 130 ? 1.652   1.864   -5.593  1.00 17.56 ? 110 PHE A C   1 
ATOM   689  O O   . PHE A 1 130 ? 0.578   1.302   -5.404  1.00 16.84 ? 110 PHE A O   1 
ATOM   690  C CB  . PHE A 1 130 ? 3.187   2.593   -3.677  1.00 17.55 ? 110 PHE A CB  1 
ATOM   691  C CG  . PHE A 1 130 ? 4.188   2.093   -2.676  1.00 18.19 ? 110 PHE A CG  1 
ATOM   692  C CD1 . PHE A 1 130 ? 5.558   2.318   -2.855  1.00 17.40 ? 110 PHE A CD1 1 
ATOM   693  C CD2 . PHE A 1 130 ? 3.768   1.241   -1.669  1.00 18.26 ? 110 PHE A CD2 1 
ATOM   694  C CE1 . PHE A 1 130 ? 6.492   1.786   -1.940  1.00 18.52 ? 110 PHE A CE1 1 
ATOM   695  C CE2 . PHE A 1 130 ? 4.698   0.709   -0.761  1.00 19.55 ? 110 PHE A CE2 1 
ATOM   696  C CZ  . PHE A 1 130 ? 6.057   0.988   -0.920  1.00 14.82 ? 110 PHE A CZ  1 
ATOM   697  N N   . PHE A 1 131 ? 1.866   2.775   -6.533  1.00 17.18 ? 111 PHE A N   1 
ATOM   698  C CA  . PHE A 1 131 ? 0.850   3.190   -7.527  1.00 18.72 ? 111 PHE A CA  1 
ATOM   699  C C   . PHE A 1 131 ? 0.248   1.973   -8.261  1.00 18.65 ? 111 PHE A C   1 
ATOM   700  O O   . PHE A 1 131 ? -0.955  1.829   -8.318  1.00 19.22 ? 111 PHE A O   1 
ATOM   701  C CB  . PHE A 1 131 ? 1.446   4.230   -8.507  1.00 18.27 ? 111 PHE A CB  1 
ATOM   702  C CG  . PHE A 1 131 ? 0.483   4.693   -9.552  1.00 19.20 ? 111 PHE A CG  1 
ATOM   703  C CD1 . PHE A 1 131 ? 0.609   4.248   -10.866 1.00 22.50 ? 111 PHE A CD1 1 
ATOM   704  C CD2 . PHE A 1 131 ? -0.585  5.533   -9.228  1.00 19.16 ? 111 PHE A CD2 1 
ATOM   705  C CE1 . PHE A 1 131 ? -0.306  4.678   -11.886 1.00 21.55 ? 111 PHE A CE1 1 
ATOM   706  C CE2 . PHE A 1 131 ? -1.496  5.970   -10.226 1.00 18.40 ? 111 PHE A CE2 1 
ATOM   707  C CZ  . PHE A 1 131 ? -1.346  5.533   -11.562 1.00 19.97 ? 111 PHE A CZ  1 
ATOM   708  N N   . GLU A 1 132 ? 1.099   1.055   -8.702  1.00 18.70 ? 112 GLU A N   1 
ATOM   709  C CA  . GLU A 1 132 ? 0.645   -0.111  -9.444  1.00 19.46 ? 112 GLU A CA  1 
ATOM   710  C C   . GLU A 1 132 ? 0.129   -1.221  -8.556  1.00 18.98 ? 112 GLU A C   1 
ATOM   711  O O   . GLU A 1 132 ? -0.860  -1.854  -8.885  1.00 18.91 ? 112 GLU A O   1 
ATOM   712  C CB  . GLU A 1 132 ? 1.773   -0.668  -10.326 1.00 19.72 ? 112 GLU A CB  1 
ATOM   713  C CG  . GLU A 1 132 ? 2.080   0.176   -11.547 1.00 19.93 ? 112 GLU A CG  1 
ATOM   714  C CD  . GLU A 1 132 ? 0.931   0.198   -12.523 1.00 25.83 ? 112 GLU A CD  1 
ATOM   715  O OE1 . GLU A 1 132 ? 0.127   -0.774  -12.545 1.00 25.23 ? 112 GLU A OE1 1 
ATOM   716  O OE2 . GLU A 1 132 ? 0.822   1.203   -13.264 1.00 27.07 ? 112 GLU A OE2 1 
ATOM   717  N N   . THR A 1 133 ? 0.824   -1.498  -7.456  1.00 18.90 ? 113 THR A N   1 
ATOM   718  C CA  . THR A 1 133 ? 0.385   -2.559  -6.548  1.00 19.69 ? 113 THR A CA  1 
ATOM   719  C C   . THR A 1 133 ? -0.918  -2.227  -5.865  1.00 20.04 ? 113 THR A C   1 
ATOM   720  O O   . THR A 1 133 ? -1.854  -3.040  -5.830  1.00 19.69 ? 113 THR A O   1 
ATOM   721  C CB  . THR A 1 133 ? 1.468   -2.879  -5.458  1.00 19.53 ? 113 THR A CB  1 
ATOM   722  O OG1 . THR A 1 133 ? 2.681   -3.250  -6.102  1.00 19.59 ? 113 THR A OG1 1 
ATOM   723  C CG2 . THR A 1 133 ? 1.028   -4.048  -4.583  1.00 21.98 ? 113 THR A CG2 1 
ATOM   724  N N   . PHE A 1 134 ? -0.996  -1.036  -5.277  1.00 19.11 ? 114 PHE A N   1 
ATOM   725  C CA  . PHE A 1 134 ? -2.211  -0.673  -4.564  1.00 19.80 ? 114 PHE A CA  1 
ATOM   726  C C   . PHE A 1 134 ? -3.337  -0.326  -5.573  1.00 19.44 ? 114 PHE A C   1 
ATOM   727  O O   . PHE A 1 134 ? -4.511  -0.588  -5.323  1.00 18.98 ? 114 PHE A O   1 
ATOM   728  C CB  . PHE A 1 134 ? -1.918  0.478   -3.591  1.00 20.15 ? 114 PHE A CB  1 
ATOM   729  C CG  . PHE A 1 134 ? -1.056  0.073   -2.418  1.00 22.69 ? 114 PHE A CG  1 
ATOM   730  C CD1 . PHE A 1 134 ? -0.216  0.989   -1.807  1.00 21.86 ? 114 PHE A CD1 1 
ATOM   731  C CD2 . PHE A 1 134 ? -1.098  -1.236  -1.911  1.00 26.02 ? 114 PHE A CD2 1 
ATOM   732  C CE1 . PHE A 1 134 ? 0.546   0.633   -0.711  1.00 23.58 ? 114 PHE A CE1 1 
ATOM   733  C CE2 . PHE A 1 134 ? -0.298  -1.621  -0.813  1.00 27.16 ? 114 PHE A CE2 1 
ATOM   734  C CZ  . PHE A 1 134 ? 0.519   -0.691  -0.211  1.00 24.76 ? 114 PHE A CZ  1 
ATOM   735  N N   . GLY A 1 135 ? -2.962  0.231   -6.723  1.00 19.13 ? 115 GLY A N   1 
ATOM   736  C CA  . GLY A 1 135 ? -3.944  0.526   -7.817  1.00 20.02 ? 115 GLY A CA  1 
ATOM   737  C C   . GLY A 1 135 ? -4.523  -0.757  -8.459  1.00 20.32 ? 115 GLY A C   1 
ATOM   738  O O   . GLY A 1 135 ? -5.588  -0.730  -9.068  1.00 19.20 ? 115 GLY A O   1 
ATOM   739  N N   . SER A 1 136 ? -3.800  -1.867  -8.347  1.00 21.19 ? 116 SER A N   1 
ATOM   740  C CA  . SER A 1 136 ? -4.347  -3.187  -8.760  1.00 22.46 ? 116 SER A CA  1 
ATOM   741  C C   . SER A 1 136 ? -5.230  -3.842  -7.709  1.00 22.63 ? 116 SER A C   1 
ATOM   742  O O   . SER A 1 136 ? -5.900  -4.847  -7.993  1.00 23.67 ? 116 SER A O   1 
ATOM   743  C CB  . SER A 1 136 ? -3.214  -4.130  -9.139  1.00 21.84 ? 116 SER A CB  1 
ATOM   744  O OG  . SER A 1 136 ? -2.506  -3.542  -10.211 1.00 27.04 ? 116 SER A OG  1 
ATOM   745  N N   . HIS A 1 137 ? -5.243  -3.268  -6.507  1.00 22.63 ? 117 HIS A N   1 
ATOM   746  C CA  . HIS A 1 137 ? -6.008  -3.791  -5.386  1.00 23.21 ? 117 HIS A CA  1 
ATOM   747  C C   . HIS A 1 137 ? -6.643  -2.681  -4.571  1.00 23.51 ? 117 HIS A C   1 
ATOM   748  O O   . HIS A 1 137 ? -6.463  -2.635  -3.352  1.00 22.37 ? 117 HIS A O   1 
ATOM   749  C CB  . HIS A 1 137 ? -5.135  -4.659  -4.480  1.00 22.77 ? 117 HIS A CB  1 
ATOM   750  C CG  . HIS A 1 137 ? -4.527  -5.812  -5.199  1.00 25.37 ? 117 HIS A CG  1 
ATOM   751  N ND1 . HIS A 1 137 ? -5.207  -6.999  -5.422  1.00 26.86 ? 117 HIS A ND1 1 
ATOM   752  C CD2 . HIS A 1 137 ? -3.323  -5.939  -5.805  1.00 24.34 ? 117 HIS A CD2 1 
ATOM   753  C CE1 . HIS A 1 137 ? -4.438  -7.805  -6.138  1.00 26.06 ? 117 HIS A CE1 1 
ATOM   754  N NE2 . HIS A 1 137 ? -3.306  -7.175  -6.410  1.00 28.07 ? 117 HIS A NE2 1 
ATOM   755  N N   . LYS A 1 138 ? -7.400  -1.818  -5.247  1.00 23.64 ? 118 LYS A N   1 
ATOM   756  C CA  . LYS A 1 138 ? -7.955  -0.591  -4.646  1.00 24.40 ? 118 LYS A CA  1 
ATOM   757  C C   . LYS A 1 138 ? -8.947  -0.889  -3.521  1.00 25.03 ? 118 LYS A C   1 
ATOM   758  O O   . LYS A 1 138 ? -9.008  -0.170  -2.494  1.00 24.40 ? 118 LYS A O   1 
ATOM   759  C CB  . LYS A 1 138 ? -8.698  0.218   -5.725  1.00 24.18 ? 118 LYS A CB  1 
ATOM   760  C CG  . LYS A 1 138 ? -7.799  1.076   -6.625  1.00 24.36 ? 118 LYS A CG  1 
ATOM   761  C CD  . LYS A 1 138 ? -8.683  1.763   -7.676  1.00 24.93 ? 118 LYS A CD  1 
ATOM   762  C CE  . LYS A 1 138 ? -7.913  2.621   -8.654  1.00 28.59 ? 118 LYS A CE  1 
ATOM   763  N NZ  . LYS A 1 138 ? -7.109  1.838   -9.639  1.00 33.87 ? 118 LYS A NZ  1 
ATOM   764  N N   . ALA A 1 139 ? -9.760  -1.922  -3.751  1.00 25.57 ? 119 ALA A N   1 
ATOM   765  C CA  . ALA A 1 139 ? -10.827 -2.273  -2.823  1.00 25.25 ? 119 ALA A CA  1 
ATOM   766  C C   . ALA A 1 139 ? -10.251 -2.817  -1.532  1.00 25.15 ? 119 ALA A C   1 
ATOM   767  O O   . ALA A 1 139 ? -10.637 -2.374  -0.459  1.00 25.92 ? 119 ALA A O   1 
ATOM   768  C CB  . ALA A 1 139 ? -11.781 -3.239  -3.457  1.00 25.43 ? 119 ALA A CB  1 
ATOM   769  N N   . VAL A 1 140 ? -9.325  -3.768  -1.619  1.00 25.00 ? 120 VAL A N   1 
ATOM   770  C CA  . VAL A 1 140 ? -8.653  -4.280  -0.425  1.00 24.98 ? 120 VAL A CA  1 
ATOM   771  C C   . VAL A 1 140 ? -7.867  -3.188  0.279   1.00 26.37 ? 120 VAL A C   1 
ATOM   772  O O   . VAL A 1 140 ? -7.888  -3.055  1.503   1.00 26.58 ? 120 VAL A O   1 
ATOM   773  C CB  . VAL A 1 140 ? -7.673  -5.401  -0.789  1.00 24.42 ? 120 VAL A CB  1 
ATOM   774  C CG1 . VAL A 1 140 ? -6.874  -5.802  0.408   1.00 23.09 ? 120 VAL A CG1 1 
ATOM   775  C CG2 . VAL A 1 140 ? -8.465  -6.597  -1.346  1.00 24.47 ? 120 VAL A CG2 1 
ATOM   776  N N   . THR A 1 141 ? -7.153  -2.414  -0.519  1.00 27.18 ? 121 THR A N   1 
ATOM   777  C CA  . THR A 1 141 ? -6.234  -1.409  -0.009  1.00 29.06 ? 121 THR A CA  1 
ATOM   778  C C   . THR A 1 141 ? -7.061  -0.307  0.767   1.00 28.49 ? 121 THR A C   1 
ATOM   779  O O   . THR A 1 141 ? -6.717  0.136   1.870   1.00 27.42 ? 121 THR A O   1 
ATOM   780  C CB  . THR A 1 141 ? -5.343  -1.024  -1.240  1.00 29.30 ? 121 THR A CB  1 
ATOM   781  O OG1 . THR A 1 141 ? -3.968  -1.251  -0.960  1.00 35.16 ? 121 THR A OG1 1 
ATOM   782  C CG2 . THR A 1 141 ? -5.601  0.322   -1.803  1.00 30.97 ? 121 THR A CG2 1 
ATOM   783  N N   . ARG A 1 142 ? -8.206  0.033   0.205   1.00 28.55 ? 122 ARG A N   1 
ATOM   784  C CA  . ARG A 1 142 ? -9.151  0.966   0.790   1.00 30.37 ? 122 ARG A CA  1 
ATOM   785  C C   . ARG A 1 142 ? -9.844  0.422   2.053   1.00 30.41 ? 122 ARG A C   1 
ATOM   786  O O   . ARG A 1 142 ? -9.985  1.139   3.029   1.00 30.36 ? 122 ARG A O   1 
ATOM   787  C CB  . ARG A 1 142 ? -10.157 1.315   -0.299  1.00 30.63 ? 122 ARG A CB  1 
ATOM   788  C CG  . ARG A 1 142 ? -11.437 1.890   0.147   1.00 35.79 ? 122 ARG A CG  1 
ATOM   789  C CD  . ARG A 1 142 ? -11.700 3.162   -0.646  1.00 39.35 ? 122 ARG A CD  1 
ATOM   790  N NE  . ARG A 1 142 ? -11.922 2.929   -2.061  1.00 39.61 ? 122 ARG A NE  1 
ATOM   791  C CZ  . ARG A 1 142 ? -13.012 3.328   -2.710  1.00 39.87 ? 122 ARG A CZ  1 
ATOM   792  N NH1 . ARG A 1 142 ? -13.973 3.997   -2.076  1.00 35.93 ? 122 ARG A NH1 1 
ATOM   793  N NH2 . ARG A 1 142 ? -13.120 3.071   -4.008  1.00 41.84 ? 122 ARG A NH2 1 
ATOM   794  N N   . ALA A 1 143 ? -10.281 -0.838  2.008   1.00 29.93 ? 123 ALA A N   1 
ATOM   795  C CA  . ALA A 1 143 ? -10.855 -1.525  3.165   1.00 29.37 ? 123 ALA A CA  1 
ATOM   796  C C   . ALA A 1 143 ? -9.858  -1.653  4.317   1.00 28.91 ? 123 ALA A C   1 
ATOM   797  O O   . ALA A 1 143 ? -10.257 -1.568  5.464   1.00 28.83 ? 123 ALA A O   1 
ATOM   798  C CB  . ALA A 1 143 ? -11.383 -2.897  2.751   1.00 29.09 ? 123 ALA A CB  1 
ATOM   799  N N   . GLY A 1 144 ? -8.571  -1.867  4.017   1.00 28.90 ? 124 GLY A N   1 
ATOM   800  C CA  . GLY A 1 144 ? -7.512  -1.857  5.056   1.00 29.71 ? 124 GLY A CA  1 
ATOM   801  C C   . GLY A 1 144 ? -7.477  -0.551  5.852   1.00 31.20 ? 124 GLY A C   1 
ATOM   802  O O   . GLY A 1 144 ? -7.392  -0.533  7.115   1.00 30.29 ? 124 GLY A O   1 
ATOM   803  N N   . GLN A 1 145 ? -7.575  0.559   5.122   1.00 31.31 ? 125 GLN A N   1 
ATOM   804  C CA  . GLN A 1 145 ? -7.535  1.875   5.764   1.00 32.90 ? 125 GLN A CA  1 
ATOM   805  C C   . GLN A 1 145 ? -8.743  2.038   6.676   1.00 32.97 ? 125 GLN A C   1 
ATOM   806  O O   . GLN A 1 145 ? -8.588  2.426   7.828   1.00 33.85 ? 125 GLN A O   1 
ATOM   807  C CB  . GLN A 1 145 ? -7.472  3.027   4.745   1.00 32.73 ? 125 GLN A CB  1 
ATOM   808  C CG  . GLN A 1 145 ? -6.143  3.132   3.975   1.00 34.36 ? 125 GLN A CG  1 
ATOM   809  C CD  . GLN A 1 145 ? -4.911  3.065   4.853   1.00 36.44 ? 125 GLN A CD  1 
ATOM   810  O OE1 . GLN A 1 145 ? -4.068  2.210   4.650   1.00 38.31 ? 125 GLN A OE1 1 
ATOM   811  N NE2 . GLN A 1 145 ? -4.815  3.944   5.851   1.00 36.73 ? 125 GLN A NE2 1 
ATOM   812  N N   . ALA A 1 146 ? -9.926  1.713   6.180   1.00 32.95 ? 126 ALA A N   1 
ATOM   813  C CA  . ALA A 1 146 ? -11.119 1.786   7.014   1.00 34.21 ? 126 ALA A CA  1 
ATOM   814  C C   . ALA A 1 146 ? -11.015 0.873   8.250   1.00 34.97 ? 126 ALA A C   1 
ATOM   815  O O   . ALA A 1 146 ? -11.434 1.274   9.346   1.00 36.01 ? 126 ALA A O   1 
ATOM   816  C CB  . ALA A 1 146 ? -12.365 1.488   6.198   1.00 33.85 ? 126 ALA A CB  1 
ATOM   817  N N   . ALA A 1 147 ? -10.403 -0.307  8.088   1.00 35.04 ? 127 ALA A N   1 
ATOM   818  C CA  . ALA A 1 147 ? -10.198 -1.266  9.194   1.00 35.06 ? 127 ALA A CA  1 
ATOM   819  C C   . ALA A 1 147 ? -9.173  -0.857  10.265  1.00 35.81 ? 127 ALA A C   1 
ATOM   820  O O   . ALA A 1 147 ? -9.239  -1.337  11.403  1.00 34.89 ? 127 ALA A O   1 
ATOM   821  C CB  . ALA A 1 147 ? -9.850  -2.658  8.647   1.00 34.29 ? 127 ALA A CB  1 
ATOM   822  N N   . ARG A 1 148 ? -8.232  0.019   9.917   1.00 36.64 ? 128 ARG A N   1 
ATOM   823  C CA  . ARG A 1 148 ? -7.205  0.476   10.855  1.00 38.19 ? 128 ARG A CA  1 
ATOM   824  C C   . ARG A 1 148 ? -7.768  1.000   12.176  1.00 39.40 ? 128 ARG A C   1 
ATOM   825  O O   . ARG A 1 148 ? -7.148  0.836   13.243  1.00 38.88 ? 128 ARG A O   1 
ATOM   826  C CB  . ARG A 1 148 ? -6.274  1.485   10.169  1.00 38.73 ? 128 ARG A CB  1 
ATOM   827  C CG  . ARG A 1 148 ? -6.062  2.863   10.850  1.00 43.06 ? 128 ARG A CG  1 
ATOM   828  C CD  . ARG A 1 148 ? -6.875  4.001   10.154  1.00 49.68 ? 128 ARG A CD  1 
ATOM   829  N NE  . ARG A 1 148 ? -6.151  5.275   10.009  1.00 53.76 ? 128 ARG A NE  1 
ATOM   830  C CZ  . ARG A 1 148 ? -6.163  6.275   10.899  1.00 56.73 ? 128 ARG A CZ  1 
ATOM   831  N NH1 . ARG A 1 148 ? -6.862  6.167   12.035  1.00 58.04 ? 128 ARG A NH1 1 
ATOM   832  N NH2 . ARG A 1 148 ? -5.458  7.388   10.665  1.00 54.56 ? 128 ARG A NH2 1 
ATOM   833  N N   . ALA A 1 149 ? -8.950  1.610   12.099  1.00 40.32 ? 129 ALA A N   1 
ATOM   834  C CA  . ALA A 1 149 ? -9.617  2.205   13.267  1.00 41.59 ? 129 ALA A CA  1 
ATOM   835  C C   . ALA A 1 149 ? -10.260 1.159   14.187  1.00 42.06 ? 129 ALA A C   1 
ATOM   836  O O   . ALA A 1 149 ? -10.449 1.405   15.379  1.00 43.13 ? 129 ALA A O   1 
ATOM   837  C CB  . ALA A 1 149 ? -10.674 3.230   12.803  1.00 41.17 ? 129 ALA A CB  1 
ATOM   838  N N   . THR A 1 150 ? -10.576 -0.014  13.648  1.00 42.30 ? 130 THR A N   1 
ATOM   839  C CA  . THR A 1 150 ? -11.388 -0.997  14.379  1.00 41.81 ? 130 THR A CA  1 
ATOM   840  C C   . THR A 1 150 ? -10.656 -2.315  14.619  1.00 41.48 ? 130 THR A C   1 
ATOM   841  O O   . THR A 1 150 ? -11.121 -3.184  15.379  1.00 41.37 ? 130 THR A O   1 
ATOM   842  C CB  . THR A 1 150 ? -12.700 -1.276  13.619  1.00 41.87 ? 130 THR A CB  1 
ATOM   843  O OG1 . THR A 1 150 ? -12.396 -1.821  12.321  1.00 41.83 ? 130 THR A OG1 1 
ATOM   844  C CG2 . THR A 1 150 ? -13.487 0.014   13.457  1.00 42.13 ? 130 THR A CG2 1 
ATOM   845  N N   . SER A 1 151 ? -9.512  -2.471  13.964  1.00 40.20 ? 131 SER A N   1 
ATOM   846  C CA  . SER A 1 151 ? -8.752  -3.703  14.049  1.00 39.07 ? 131 SER A CA  1 
ATOM   847  C C   . SER A 1 151 ? -7.311  -3.387  14.400  1.00 39.14 ? 131 SER A C   1 
ATOM   848  O O   . SER A 1 151 ? -6.591  -2.822  13.574  1.00 39.57 ? 131 SER A O   1 
ATOM   849  C CB  . SER A 1 151 ? -8.827  -4.482  12.740  1.00 38.55 ? 131 SER A CB  1 
ATOM   850  O OG  . SER A 1 151 ? -7.772  -5.410  12.680  1.00 35.89 ? 131 SER A OG  1 
ATOM   851  N N   . VAL A 1 152 ? -6.902  -3.751  15.618  1.00 38.19 ? 132 VAL A N   1 
ATOM   852  C CA  . VAL A 1 152 ? -5.539  -3.492  16.085  1.00 37.73 ? 132 VAL A CA  1 
ATOM   853  C C   . VAL A 1 152 ? -4.509  -4.242  15.221  1.00 36.46 ? 132 VAL A C   1 
ATOM   854  O O   . VAL A 1 152 ? -3.432  -3.711  14.965  1.00 36.14 ? 132 VAL A O   1 
ATOM   855  C CB  . VAL A 1 152 ? -5.334  -3.750  17.648  1.00 38.11 ? 132 VAL A CB  1 
ATOM   856  C CG1 . VAL A 1 152 ? -6.356  -2.968  18.474  1.00 38.49 ? 132 VAL A CG1 1 
ATOM   857  C CG2 . VAL A 1 152 ? -5.385  -5.229  18.002  1.00 39.33 ? 132 VAL A CG2 1 
ATOM   858  N N   . GLU A 1 153 ? -4.857  -5.447  14.757  1.00 34.45 ? 133 GLU A N   1 
ATOM   859  C CA  . GLU A 1 153 ? -3.993  -6.230  13.870  1.00 33.35 ? 133 GLU A CA  1 
ATOM   860  C C   . GLU A 1 153 ? -3.755  -5.583  12.507  1.00 30.95 ? 133 GLU A C   1 
ATOM   861  O O   . GLU A 1 153 ? -2.650  -5.643  11.981  1.00 31.61 ? 133 GLU A O   1 
ATOM   862  C CB  . GLU A 1 153 ? -4.556  -7.638  13.660  1.00 33.97 ? 133 GLU A CB  1 
ATOM   863  C CG  . GLU A 1 153 ? -4.767  -8.367  14.959  1.00 38.40 ? 133 GLU A CG  1 
ATOM   864  C CD  . GLU A 1 153 ? -6.234  -8.545  15.266  1.00 45.52 ? 133 GLU A CD  1 
ATOM   865  O OE1 . GLU A 1 153 ? -6.962  -7.535  15.491  1.00 47.17 ? 133 GLU A OE1 1 
ATOM   866  O OE2 . GLU A 1 153 ? -6.658  -9.722  15.266  1.00 49.37 ? 133 GLU A OE2 1 
ATOM   867  N N   . VAL A 1 154 ? -4.800  -5.004  11.931  1.00 30.08 ? 134 VAL A N   1 
ATOM   868  C CA  . VAL A 1 154 ? -4.678  -4.207  10.688  1.00 28.37 ? 134 VAL A CA  1 
ATOM   869  C C   . VAL A 1 154 ? -3.825  -2.952  10.922  1.00 27.91 ? 134 VAL A C   1 
ATOM   870  O O   . VAL A 1 154 ? -2.958  -2.643  10.100  1.00 27.61 ? 134 VAL A O   1 
ATOM   871  C CB  . VAL A 1 154 ? -6.065  -3.836  10.055  1.00 28.30 ? 134 VAL A CB  1 
ATOM   872  C CG1 . VAL A 1 154 ? -5.892  -2.839  8.906   1.00 26.66 ? 134 VAL A CG1 1 
ATOM   873  C CG2 . VAL A 1 154 ? -6.796  -5.102  9.535   1.00 27.33 ? 134 VAL A CG2 1 
ATOM   874  N N   . ALA A 1 155 ? -4.092  -2.239  12.023  1.00 27.26 ? 135 ALA A N   1 
ATOM   875  C CA  . ALA A 1 155 ? -3.334  -1.031  12.415  1.00 26.70 ? 135 ALA A CA  1 
ATOM   876  C C   . ALA A 1 155 ? -1.859  -1.344  12.594  1.00 26.42 ? 135 ALA A C   1 
ATOM   877  O O   . ALA A 1 155 ? -0.993  -0.643  12.071  1.00 25.82 ? 135 ALA A O   1 
ATOM   878  C CB  . ALA A 1 155 ? -3.939  -0.388  13.694  1.00 27.02 ? 135 ALA A CB  1 
ATOM   879  N N   . GLU A 1 156 ? -1.586  -2.451  13.274  1.00 25.53 ? 136 GLU A N   1 
ATOM   880  C CA  . GLU A 1 156 ? -0.252  -2.963  13.527  1.00 25.98 ? 136 GLU A CA  1 
ATOM   881  C C   . GLU A 1 156 ? 0.460   -3.394  12.223  1.00 25.21 ? 136 GLU A C   1 
ATOM   882  O O   . GLU A 1 156 ? 1.633   -3.056  11.994  1.00 24.23 ? 136 GLU A O   1 
ATOM   883  C CB  . GLU A 1 156 ? -0.372  -4.178  14.464  1.00 26.85 ? 136 GLU A CB  1 
ATOM   884  C CG  . GLU A 1 156 ? 0.494   -4.156  15.645  1.00 31.74 ? 136 GLU A CG  1 
ATOM   885  C CD  . GLU A 1 156 ? -0.140  -4.852  16.836  1.00 38.41 ? 136 GLU A CD  1 
ATOM   886  O OE1 . GLU A 1 156 ? -0.146  -4.249  17.952  1.00 38.42 ? 136 GLU A OE1 1 
ATOM   887  O OE2 . GLU A 1 156 ? -0.643  -5.993  16.653  1.00 41.68 ? 136 GLU A OE2 1 
ATOM   888  N N   . LEU A 1 157 ? -0.238  -4.156  11.384  1.00 24.39 ? 137 LEU A N   1 
ATOM   889  C CA  . LEU A 1 157 ? 0.309   -4.521  10.080  1.00 23.83 ? 137 LEU A CA  1 
ATOM   890  C C   . LEU A 1 157 ? 0.665   -3.280  9.235   1.00 22.87 ? 137 LEU A C   1 
ATOM   891  O O   . LEU A 1 157 ? 1.752   -3.206  8.678   1.00 22.37 ? 137 LEU A O   1 
ATOM   892  C CB  . LEU A 1 157 ? -0.725  -5.330  9.296   1.00 24.30 ? 137 LEU A CB  1 
ATOM   893  C CG  . LEU A 1 157 ? -0.452  -5.713  7.841   1.00 25.25 ? 137 LEU A CG  1 
ATOM   894  C CD1 . LEU A 1 157 ? 0.806   -6.522  7.723   1.00 25.02 ? 137 LEU A CD1 1 
ATOM   895  C CD2 . LEU A 1 157 ? -1.658  -6.494  7.294   1.00 24.62 ? 137 LEU A CD2 1 
ATOM   896  N N   . TRP A 1 158 ? -0.272  -2.344  9.109   1.00 21.99 ? 138 TRP A N   1 
ATOM   897  C CA  . TRP A 1 158 ? 0.002   -1.114  8.351   1.00 22.41 ? 138 TRP A CA  1 
ATOM   898  C C   . TRP A 1 158 ? 1.203   -0.353  8.934   1.00 21.75 ? 138 TRP A C   1 
ATOM   899  O O   . TRP A 1 158 ? 2.148   -0.005  8.232   1.00 21.58 ? 138 TRP A O   1 
ATOM   900  C CB  . TRP A 1 158 ? -1.241  -0.219  8.229   1.00 22.01 ? 138 TRP A CB  1 
ATOM   901  C CG  . TRP A 1 158 ? -1.010  0.828   7.160   1.00 22.70 ? 138 TRP A CG  1 
ATOM   902  C CD1 . TRP A 1 158 ? -0.645  2.147   7.331   1.00 22.20 ? 138 TRP A CD1 1 
ATOM   903  C CD2 . TRP A 1 158 ? -1.041  0.598   5.743   1.00 22.04 ? 138 TRP A CD2 1 
ATOM   904  N NE1 . TRP A 1 158 ? -0.509  2.769   6.081   1.00 19.04 ? 138 TRP A NE1 1 
ATOM   905  C CE2 . TRP A 1 158 ? -0.718  1.828   5.102   1.00 21.36 ? 138 TRP A CE2 1 
ATOM   906  C CE3 . TRP A 1 158 ? -1.306  -0.535  4.951   1.00 22.01 ? 138 TRP A CE3 1 
ATOM   907  C CZ2 . TRP A 1 158 ? -0.664  1.949   3.712   1.00 19.74 ? 138 TRP A CZ2 1 
ATOM   908  C CZ3 . TRP A 1 158 ? -1.275  -0.402  3.556   1.00 22.97 ? 138 TRP A CZ3 1 
ATOM   909  C CH2 . TRP A 1 158 ? -0.960  0.835   2.957   1.00 22.40 ? 138 TRP A CH2 1 
ATOM   910  N N   . SER A 1 159 ? 1.171   -0.139  10.239  1.00 22.16 ? 139 SER A N   1 
ATOM   911  C CA  . SER A 1 159 ? 2.202   0.589   10.947  1.00 22.57 ? 139 SER A CA  1 
ATOM   912  C C   . SER A 1 159 ? 3.556   -0.048  10.727  1.00 21.98 ? 139 SER A C   1 
ATOM   913  O O   . SER A 1 159 ? 4.501   0.686   10.444  1.00 22.80 ? 139 SER A O   1 
ATOM   914  C CB  . SER A 1 159 ? 1.873   0.721   12.450  1.00 23.15 ? 139 SER A CB  1 
ATOM   915  O OG  . SER A 1 159 ? 2.979   1.239   13.162  1.00 27.24 ? 139 SER A OG  1 
ATOM   916  N N   . THR A 1 160 ? 3.660   -1.385  10.810  1.00 21.39 ? 140 THR A N   1 
ATOM   917  C CA  . THR A 1 160 ? 4.913   -2.114  10.514  1.00 21.47 ? 140 THR A CA  1 
ATOM   918  C C   . THR A 1 160 ? 5.503   -1.844  9.150   1.00 20.00 ? 140 THR A C   1 
ATOM   919  O O   . THR A 1 160 ? 6.703   -1.633  9.010   1.00 19.79 ? 140 THR A O   1 
ATOM   920  C CB  . THR A 1 160 ? 4.736   -3.672  10.587  1.00 22.70 ? 140 THR A CB  1 
ATOM   921  O OG1 . THR A 1 160 ? 4.382   -4.036  11.915  1.00 27.33 ? 140 THR A OG1 1 
ATOM   922  C CG2 . THR A 1 160 ? 6.024   -4.365  10.229  1.00 24.40 ? 140 THR A CG2 1 
ATOM   923  N N   . PHE A 1 161 ? 4.660   -1.882  8.121   1.00 19.63 ? 141 PHE A N   1 
ATOM   924  C CA  . PHE A 1 161 ? 5.169   -1.655  6.784   1.00 18.83 ? 141 PHE A CA  1 
ATOM   925  C C   . PHE A 1 161 ? 5.478   -0.220  6.526   1.00 17.97 ? 141 PHE A C   1 
ATOM   926  O O   . PHE A 1 161 ? 6.455   0.079   5.879   1.00 17.91 ? 141 PHE A O   1 
ATOM   927  C CB  . PHE A 1 161 ? 4.252   -2.289  5.749   1.00 19.07 ? 141 PHE A CB  1 
ATOM   928  C CG  . PHE A 1 161 ? 4.534   -3.771  5.584   1.00 20.40 ? 141 PHE A CG  1 
ATOM   929  C CD1 . PHE A 1 161 ? 3.869   -4.711  6.375   1.00 23.06 ? 141 PHE A CD1 1 
ATOM   930  C CD2 . PHE A 1 161 ? 5.530   -4.205  4.708   1.00 20.20 ? 141 PHE A CD2 1 
ATOM   931  C CE1 . PHE A 1 161 ? 4.158   -6.091  6.257   1.00 22.04 ? 141 PHE A CE1 1 
ATOM   932  C CE2 . PHE A 1 161 ? 5.818   -5.593  4.576   1.00 22.41 ? 141 PHE A CE2 1 
ATOM   933  C CZ  . PHE A 1 161 ? 5.143   -6.516  5.351   1.00 22.41 ? 141 PHE A CZ  1 
ATOM   934  N N   . MET A 1 162 ? 4.683   0.683   7.097   1.00 18.77 ? 142 MET A N   1 
ATOM   935  C CA  . MET A 1 162 ? 4.988   2.109   6.951   1.00 18.43 ? 142 MET A CA  1 
ATOM   936  C C   . MET A 1 162 ? 6.354   2.416   7.582   1.00 19.22 ? 142 MET A C   1 
ATOM   937  O O   . MET A 1 162 ? 7.174   3.101   7.003   1.00 18.30 ? 142 MET A O   1 
ATOM   938  C CB  . MET A 1 162 ? 3.864   2.956   7.553   1.00 18.38 ? 142 MET A CB  1 
ATOM   939  C CG  . MET A 1 162 ? 2.609   2.968   6.714   1.00 19.96 ? 142 MET A CG  1 
ATOM   940  S SD  . MET A 1 162 ? 2.841   3.770   5.078   1.00 23.51 ? 142 MET A SD  1 
ATOM   941  C CE  . MET A 1 162 ? 3.196   5.457   5.441   1.00 19.59 ? 142 MET A CE  1 
ATOM   942  N N   . GLN A 1 163 ? 6.624   1.865   8.761   1.00 19.65 ? 143 GLN A N   1 
ATOM   943  C CA  . GLN A 1 163 ? 7.961   2.054   9.331   1.00 20.11 ? 143 GLN A CA  1 
ATOM   944  C C   . GLN A 1 163 ? 9.109   1.538   8.457   1.00 19.34 ? 143 GLN A C   1 
ATOM   945  O O   . GLN A 1 163 ? 10.109  2.239   8.287   1.00 18.24 ? 143 GLN A O   1 
ATOM   946  C CB  . GLN A 1 163 ? 8.039   1.443   10.717  1.00 21.18 ? 143 GLN A CB  1 
ATOM   947  C CG  . GLN A 1 163 ? 7.038   2.084   11.717  1.00 24.97 ? 143 GLN A CG  1 
ATOM   948  C CD  . GLN A 1 163 ? 7.068   1.319   13.041  1.00 32.49 ? 143 GLN A CD  1 
ATOM   949  O OE1 . GLN A 1 163 ? 6.142   0.584   13.387  1.00 36.26 ? 143 GLN A OE1 1 
ATOM   950  N NE2 . GLN A 1 163 ? 8.167   1.444   13.744  1.00 35.22 ? 143 GLN A NE2 1 
ATOM   951  N N   . LYS A 1 164 ? 8.967   0.312   7.933   1.00 18.67 ? 144 LYS A N   1 
ATOM   952  C CA  . LYS A 1 164 ? 9.929   -0.243  6.989   1.00 20.08 ? 144 LYS A CA  1 
ATOM   953  C C   . LYS A 1 164 ? 10.126  0.621   5.774   1.00 18.78 ? 144 LYS A C   1 
ATOM   954  O O   . LYS A 1 164 ? 11.274  0.918   5.372   1.00 18.52 ? 144 LYS A O   1 
ATOM   955  C CB  . LYS A 1 164 ? 9.485   -1.648  6.517   1.00 20.02 ? 144 LYS A CB  1 
ATOM   956  C CG  . LYS A 1 164 ? 10.572  -2.363  5.709   1.00 23.74 ? 144 LYS A CG  1 
ATOM   957  C CD  . LYS A 1 164 ? 10.192  -3.786  5.232   1.00 25.17 ? 144 LYS A CD  1 
ATOM   958  C CE  . LYS A 1 164 ? 8.879   -4.291  5.878   1.00 32.54 ? 144 LYS A CE  1 
ATOM   959  N NZ  . LYS A 1 164 ? 8.799   -4.197  7.358   1.00 40.50 ? 144 LYS A NZ  1 
ATOM   960  N N   . TRP A 1 165 ? 9.014   1.031   5.158   1.00 17.68 ? 145 TRP A N   1 
ATOM   961  C CA  . TRP A 1 165 ? 9.119   1.891   3.954   1.00 17.08 ? 145 TRP A CA  1 
ATOM   962  C C   . TRP A 1 165 ? 9.741   3.252   4.219   1.00 15.89 ? 145 TRP A C   1 
ATOM   963  O O   . TRP A 1 165 ? 10.554  3.727   3.437   1.00 15.26 ? 145 TRP A O   1 
ATOM   964  C CB  . TRP A 1 165 ? 7.730   2.014   3.281   1.00 15.93 ? 145 TRP A CB  1 
ATOM   965  C CG  . TRP A 1 165 ? 7.220   0.640   2.840   1.00 16.67 ? 145 TRP A CG  1 
ATOM   966  C CD1 . TRP A 1 165 ? 7.984   -0.458  2.472   1.00 14.10 ? 145 TRP A CD1 1 
ATOM   967  C CD2 . TRP A 1 165 ? 5.862   0.238   2.729   1.00 15.57 ? 145 TRP A CD2 1 
ATOM   968  N NE1 . TRP A 1 165 ? 7.161   -1.504  2.130   1.00 17.18 ? 145 TRP A NE1 1 
ATOM   969  C CE2 . TRP A 1 165 ? 5.858   -1.115  2.286   1.00 16.43 ? 145 TRP A CE2 1 
ATOM   970  C CE3 . TRP A 1 165 ? 4.631   0.888   2.941   1.00 14.13 ? 145 TRP A CE3 1 
ATOM   971  C CZ2 . TRP A 1 165 ? 4.670   -1.817  2.076   1.00 16.17 ? 145 TRP A CZ2 1 
ATOM   972  C CZ3 . TRP A 1 165 ? 3.459   0.175   2.756   1.00 15.87 ? 145 TRP A CZ3 1 
ATOM   973  C CH2 . TRP A 1 165 ? 3.483   -1.152  2.322   1.00 14.49 ? 145 TRP A CH2 1 
ATOM   974  N N   . ILE A 1 166 ? 9.363   3.867   5.334   1.00 15.51 ? 146 ILE A N   1 
ATOM   975  C CA  . ILE A 1 166 ? 10.006  5.139   5.722   1.00 15.83 ? 146 ILE A CA  1 
ATOM   976  C C   . ILE A 1 166 ? 11.498  4.977   5.998   1.00 16.01 ? 146 ILE A C   1 
ATOM   977  O O   . ILE A 1 166 ? 12.294  5.766   5.499   1.00 16.16 ? 146 ILE A O   1 
ATOM   978  C CB  . ILE A 1 166 ? 9.265   5.812   6.931   1.00 14.62 ? 146 ILE A CB  1 
ATOM   979  C CG1 . ILE A 1 166 ? 7.900   6.311   6.456   1.00 15.37 ? 146 ILE A CG1 1 
ATOM   980  C CG2 . ILE A 1 166 ? 10.126  6.929   7.524   1.00 15.45 ? 146 ILE A CG2 1 
ATOM   981  C CD1 . ILE A 1 166 ? 6.909   6.576   7.551   1.00 16.36 ? 146 ILE A CD1 1 
ATOM   982  N N   . ALA A 1 167 ? 11.872  3.976   6.807   1.00 16.97 ? 147 ALA A N   1 
ATOM   983  C CA  . ALA A 1 167 ? 13.282  3.658   7.059   1.00 17.15 ? 147 ALA A CA  1 
ATOM   984  C C   . ALA A 1 167 ? 14.091  3.466   5.772   1.00 18.63 ? 147 ALA A C   1 
ATOM   985  O O   . ALA A 1 167 ? 15.208  4.031   5.595   1.00 17.44 ? 147 ALA A O   1 
ATOM   986  C CB  . ALA A 1 167 ? 13.402  2.394   7.976   1.00 17.23 ? 147 ALA A CB  1 
ATOM   987  N N   . TYR A 1 168 ? 13.552  2.672   4.846   1.00 18.51 ? 148 TYR A N   1 
ATOM   988  C CA  . TYR A 1 168 ? 14.270  2.504   3.544   1.00 18.91 ? 148 TYR A CA  1 
ATOM   989  C C   . TYR A 1 168 ? 14.353  3.849   2.725   1.00 18.69 ? 148 TYR A C   1 
ATOM   990  O O   . TYR A 1 168 ? 15.406  4.236   2.199   1.00 17.14 ? 148 TYR A O   1 
ATOM   991  C CB  . TYR A 1 168 ? 13.650  1.345   2.765   1.00 21.09 ? 148 TYR A CB  1 
ATOM   992  C CG  . TYR A 1 168 ? 14.313  1.133   1.447   1.00 23.10 ? 148 TYR A CG  1 
ATOM   993  C CD1 . TYR A 1 168 ? 15.672  0.814   1.366   1.00 25.08 ? 148 TYR A CD1 1 
ATOM   994  C CD2 . TYR A 1 168 ? 13.590  1.291   0.258   1.00 27.43 ? 148 TYR A CD2 1 
ATOM   995  C CE1 . TYR A 1 168 ? 16.288  0.643   0.113   1.00 26.37 ? 148 TYR A CE1 1 
ATOM   996  C CE2 . TYR A 1 168 ? 14.189  1.110   -0.992  1.00 24.21 ? 148 TYR A CE2 1 
ATOM   997  C CZ  . TYR A 1 168 ? 15.512  0.790   -1.057  1.00 26.59 ? 148 TYR A CZ  1 
ATOM   998  O OH  . TYR A 1 168 ? 16.084  0.664   -2.306  1.00 29.32 ? 148 TYR A OH  1 
ATOM   999  N N   . THR A 1 169 ? 13.252  4.597   2.676   1.00 16.73 ? 149 THR A N   1 
ATOM   1000 C CA  . THR A 1 169 ? 13.287  5.917   2.049   1.00 17.35 ? 149 THR A CA  1 
ATOM   1001 C C   . THR A 1 169 ? 14.397  6.809   2.615   1.00 16.00 ? 149 THR A C   1 
ATOM   1002 O O   . THR A 1 169 ? 15.129  7.445   1.856   1.00 16.98 ? 149 THR A O   1 
ATOM   1003 C CB  . THR A 1 169 ? 11.936  6.661   2.225   1.00 16.64 ? 149 THR A CB  1 
ATOM   1004 O OG1 . THR A 1 169 ? 10.869  5.896   1.653   1.00 17.04 ? 149 THR A OG1 1 
ATOM   1005 C CG2 . THR A 1 169 ? 11.998  8.016   1.509   1.00 16.97 ? 149 THR A CG2 1 
ATOM   1006 N N   . ALA A 1 170 ? 14.487  6.852   3.941   1.00 15.70 ? 150 ALA A N   1 
ATOM   1007 C CA  . ALA A 1 170 ? 15.488  7.661   4.663   1.00 17.40 ? 150 ALA A CA  1 
ATOM   1008 C C   . ALA A 1 170 ? 16.910  7.196   4.339   1.00 17.88 ? 150 ALA A C   1 
ATOM   1009 O O   . ALA A 1 170 ? 17.801  8.010   4.105   1.00 19.24 ? 150 ALA A O   1 
ATOM   1010 C CB  . ALA A 1 170 ? 15.198  7.610   6.217   1.00 15.04 ? 150 ALA A CB  1 
ATOM   1011 N N   . ALA A 1 171 ? 17.099  5.884   4.268   1.00 18.77 ? 151 ALA A N   1 
ATOM   1012 C CA  . ALA A 1 171 ? 18.414  5.260   3.915   1.00 19.70 ? 151 ALA A CA  1 
ATOM   1013 C C   . ALA A 1 171 ? 18.865  5.635   2.517   1.00 20.45 ? 151 ALA A C   1 
ATOM   1014 O O   . ALA A 1 171 ? 20.028  6.022   2.320   1.00 20.25 ? 151 ALA A O   1 
ATOM   1015 C CB  . ALA A 1 171 ? 18.353  3.692   4.109   1.00 20.20 ? 151 ALA A CB  1 
ATOM   1016 N N   . VAL A 1 172 ? 17.937  5.619   1.545   1.00 20.25 ? 152 VAL A N   1 
ATOM   1017 C CA  . VAL A 1 172 ? 18.244  6.190   0.213   1.00 20.96 ? 152 VAL A CA  1 
ATOM   1018 C C   . VAL A 1 172 ? 18.563  7.683   0.214   1.00 20.90 ? 152 VAL A C   1 
ATOM   1019 O O   . VAL A 1 172 ? 19.502  8.100   -0.445  1.00 21.61 ? 152 VAL A O   1 
ATOM   1020 C CB  . VAL A 1 172 ? 17.129  5.900   -0.869  1.00 21.35 ? 152 VAL A CB  1 
ATOM   1021 C CG1 . VAL A 1 172 ? 17.560  6.419   -2.236  1.00 21.62 ? 152 VAL A CG1 1 
ATOM   1022 C CG2 . VAL A 1 172 ? 16.823  4.410   -0.955  1.00 22.41 ? 152 VAL A CG2 1 
ATOM   1023 N N   . ILE A 1 173 ? 17.744  8.508   0.881   1.00 21.31 ? 153 ILE A N   1 
ATOM   1024 C CA  . ILE A 1 173 ? 18.020  9.934   0.976   1.00 20.65 ? 153 ILE A CA  1 
ATOM   1025 C C   . ILE A 1 173 ? 19.418  10.121  1.580   1.00 22.84 ? 153 ILE A C   1 
ATOM   1026 O O   . ILE A 1 173 ? 20.193  10.898  1.072   1.00 23.57 ? 153 ILE A O   1 
ATOM   1027 C CB  . ILE A 1 173 ? 16.947  10.710  1.801   1.00 21.02 ? 153 ILE A CB  1 
ATOM   1028 C CG1 . ILE A 1 173 ? 15.597  10.765  1.047   1.00 17.34 ? 153 ILE A CG1 1 
ATOM   1029 C CG2 . ILE A 1 173 ? 17.447  12.127  2.124   1.00 19.19 ? 153 ILE A CG2 1 
ATOM   1030 C CD1 . ILE A 1 173 ? 14.334  11.137  2.000   1.00 18.46 ? 153 ILE A CD1 1 
ATOM   1031 N N   . ASP A 1 174 ? 19.718  9.409   2.659   1.00 24.50 ? 154 ASP A N   1 
ATOM   1032 C CA  . ASP A 1 174 ? 21.056  9.474   3.292   1.00 26.51 ? 154 ASP A CA  1 
ATOM   1033 C C   . ASP A 1 174 ? 22.201  9.052   2.396   1.00 27.30 ? 154 ASP A C   1 
ATOM   1034 O O   . ASP A 1 174 ? 23.234  9.715   2.400   1.00 27.97 ? 154 ASP A O   1 
ATOM   1035 C CB  . ASP A 1 174 ? 21.094  8.686   4.597   1.00 26.57 ? 154 ASP A CB  1 
ATOM   1036 C CG  . ASP A 1 174 ? 20.487  9.453   5.743   1.00 26.41 ? 154 ASP A CG  1 
ATOM   1037 O OD1 . ASP A 1 174 ? 19.988  8.791   6.656   1.00 26.72 ? 154 ASP A OD1 1 
ATOM   1038 O OD2 . ASP A 1 174 ? 20.509  10.708  5.738   1.00 29.43 ? 154 ASP A OD2 1 
ATOM   1039 N N   . ALA A 1 175 ? 22.029  7.960   1.656   1.00 28.39 ? 155 ALA A N   1 
ATOM   1040 C CA  . ALA A 1 175 ? 22.948  7.602   0.564   1.00 29.52 ? 155 ALA A CA  1 
ATOM   1041 C C   . ALA A 1 175 ? 23.106  8.716   -0.478  1.00 30.50 ? 155 ALA A C   1 
ATOM   1042 O O   . ALA A 1 175 ? 24.234  9.067   -0.844  1.00 31.28 ? 155 ALA A O   1 
ATOM   1043 C CB  . ALA A 1 175 ? 22.526  6.302   -0.094  1.00 30.19 ? 155 ALA A CB  1 
ATOM   1044 N N   . GLU A 1 176 ? 21.994  9.280   -0.948  1.00 30.18 ? 156 GLU A N   1 
ATOM   1045 C CA  . GLU A 1 176 ? 22.032  10.435  -1.854  1.00 30.59 ? 156 GLU A CA  1 
ATOM   1046 C C   . GLU A 1 176 ? 22.792  11.640  -1.255  1.00 31.04 ? 156 GLU A C   1 
ATOM   1047 O O   . GLU A 1 176 ? 23.511  12.363  -1.955  1.00 32.18 ? 156 GLU A O   1 
ATOM   1048 C CB  . GLU A 1 176 ? 20.606  10.841  -2.296  1.00 30.01 ? 156 GLU A CB  1 
ATOM   1049 C CG  . GLU A 1 176 ? 19.897  9.831   -3.231  1.00 29.97 ? 156 GLU A CG  1 
ATOM   1050 C CD  . GLU A 1 176 ? 20.612  9.723   -4.570  1.00 29.10 ? 156 GLU A CD  1 
ATOM   1051 O OE1 . GLU A 1 176 ? 21.537  8.908   -4.679  1.00 30.00 ? 156 GLU A OE1 1 
ATOM   1052 O OE2 . GLU A 1 176 ? 20.310  10.503  -5.477  1.00 27.10 ? 156 GLU A OE2 1 
ATOM   1053 N N   . ARG A 1 177 ? 22.614  11.855  0.037   1.00 30.76 ? 157 ARG A N   1 
ATOM   1054 C CA  . ARG A 1 177 ? 23.325  12.884  0.768   1.00 30.54 ? 157 ARG A CA  1 
ATOM   1055 C C   . ARG A 1 177 ? 24.835  12.560  0.926   1.00 31.81 ? 157 ARG A C   1 
ATOM   1056 O O   . ARG A 1 177 ? 25.687  13.455  0.778   1.00 31.43 ? 157 ARG A O   1 
ATOM   1057 C CB  . ARG A 1 177 ? 22.665  13.068  2.118   1.00 29.81 ? 157 ARG A CB  1 
ATOM   1058 C CG  . ARG A 1 177 ? 21.470  13.986  2.061   1.00 25.79 ? 157 ARG A CG  1 
ATOM   1059 C CD  . ARG A 1 177 ? 20.739  13.988  3.376   1.00 24.57 ? 157 ARG A CD  1 
ATOM   1060 N NE  . ARG A 1 177 ? 19.461  14.684  3.225   1.00 22.95 ? 157 ARG A NE  1 
ATOM   1061 C CZ  . ARG A 1 177 ? 18.695  15.080  4.234   1.00 20.84 ? 157 ARG A CZ  1 
ATOM   1062 N NH1 . ARG A 1 177 ? 17.539  15.654  3.973   1.00 20.20 ? 157 ARG A NH1 1 
ATOM   1063 N NH2 . ARG A 1 177 ? 19.051  14.858  5.487   1.00 21.71 ? 157 ARG A NH2 1 
ATOM   1064 N N   . ASP A 1 178 ? 25.141  11.297  1.218   1.00 32.72 ? 158 ASP A N   1 
ATOM   1065 C CA  . ASP A 1 178 ? 26.537  10.807  1.343   1.00 34.55 ? 158 ASP A CA  1 
ATOM   1066 C C   . ASP A 1 178 ? 27.386  10.923  0.075   1.00 35.05 ? 158 ASP A C   1 
ATOM   1067 O O   . ASP A 1 178 ? 28.600  11.169  0.160   1.00 35.68 ? 158 ASP A O   1 
ATOM   1068 C CB  . ASP A 1 178 ? 26.571  9.373   1.885   1.00 34.68 ? 158 ASP A CB  1 
ATOM   1069 C CG  . ASP A 1 178 ? 26.244  9.304   3.365   1.00 36.23 ? 158 ASP A CG  1 
ATOM   1070 O OD1 . ASP A 1 178 ? 26.242  8.178   3.895   1.00 38.02 ? 158 ASP A OD1 1 
ATOM   1071 O OD2 . ASP A 1 178 ? 25.990  10.365  4.009   1.00 39.04 ? 158 ASP A OD2 1 
ATOM   1072 N N   . ARG A 1 179 ? 26.769  10.768  -1.089  1.00 35.38 ? 159 ARG A N   1 
ATOM   1073 C CA  . ARG A 1 179 ? 27.488  10.926  -2.345  1.00 35.69 ? 159 ARG A CA  1 
ATOM   1074 C C   . ARG A 1 179 ? 27.505  12.369  -2.828  1.00 34.92 ? 159 ARG A C   1 
ATOM   1075 O O   . ARG A 1 179 ? 28.103  12.667  -3.856  1.00 34.76 ? 159 ARG A O   1 
ATOM   1076 C CB  . ARG A 1 179 ? 26.960  9.951   -3.411  1.00 35.90 ? 159 ARG A CB  1 
ATOM   1077 C CG  . ARG A 1 179 ? 25.554  10.207  -3.889  1.00 37.60 ? 159 ARG A CG  1 
ATOM   1078 C CD  . ARG A 1 179 ? 25.030  9.111   -4.820  1.00 38.10 ? 159 ARG A CD  1 
ATOM   1079 N NE  . ARG A 1 179 ? 23.856  9.589   -5.584  1.00 42.97 ? 159 ARG A NE  1 
ATOM   1080 C CZ  . ARG A 1 179 ? 23.913  10.249  -6.746  1.00 45.00 ? 159 ARG A CZ  1 
ATOM   1081 N NH1 . ARG A 1 179 ? 25.087  10.526  -7.308  1.00 46.16 ? 159 ARG A NH1 1 
ATOM   1082 N NH2 . ARG A 1 179 ? 22.796  10.658  -7.349  1.00 44.38 ? 159 ARG A NH2 1 
ATOM   1083 N N   . GLY A 1 180 ? 26.852  13.271  -2.090  1.00 33.88 ? 160 GLY A N   1 
ATOM   1084 C CA  . GLY A 1 180 ? 26.858  14.690  -2.425  1.00 32.49 ? 160 GLY A CA  1 
ATOM   1085 C C   . GLY A 1 180 ? 25.846  15.046  -3.489  1.00 31.96 ? 160 GLY A C   1 
ATOM   1086 O O   . GLY A 1 180 ? 25.894  16.131  -4.068  1.00 31.79 ? 160 GLY A O   1 
ATOM   1087 N N   . ALA A 1 181 ? 24.892  14.148  -3.710  1.00 30.91 ? 161 ALA A N   1 
ATOM   1088 C CA  . ALA A 1 181 ? 23.853  14.368  -4.699  1.00 30.43 ? 161 ALA A CA  1 
ATOM   1089 C C   . ALA A 1 181 ? 22.649  15.142  -4.143  1.00 30.11 ? 161 ALA A C   1 
ATOM   1090 O O   . ALA A 1 181 ? 21.926  15.766  -4.897  1.00 30.98 ? 161 ALA A O   1 
ATOM   1091 C CB  . ALA A 1 181 ? 23.417  13.055  -5.262  1.00 30.17 ? 161 ALA A CB  1 
ATOM   1092 N N   . ALA A 1 182 ? 22.464  15.111  -2.826  1.00 28.79 ? 162 ALA A N   1 
ATOM   1093 C CA  . ALA A 1 182 ? 21.334  15.756  -2.175  1.00 27.74 ? 162 ALA A CA  1 
ATOM   1094 C C   . ALA A 1 182 ? 21.854  16.596  -0.996  1.00 27.56 ? 162 ALA A C   1 
ATOM   1095 O O   . ALA A 1 182 ? 22.778  16.168  -0.329  1.00 27.27 ? 162 ALA A O   1 
ATOM   1096 C CB  . ALA A 1 182 ? 20.332  14.688  -1.705  1.00 27.18 ? 162 ALA A CB  1 
ATOM   1097 N N   . PRO A 1 183 ? 21.280  17.795  -0.757  1.00 26.94 ? 163 PRO A N   1 
ATOM   1098 C CA  . PRO A 1 183 ? 21.784  18.620  0.355   1.00 27.42 ? 163 PRO A CA  1 
ATOM   1099 C C   . PRO A 1 183 ? 21.248  18.149  1.704   1.00 27.51 ? 163 PRO A C   1 
ATOM   1100 O O   . PRO A 1 183 ? 20.172  17.554  1.754   1.00 26.11 ? 163 PRO A O   1 
ATOM   1101 C CB  . PRO A 1 183 ? 21.261  20.021  0.005   1.00 27.07 ? 163 PRO A CB  1 
ATOM   1102 C CG  . PRO A 1 183 ? 19.921  19.719  -0.739  1.00 27.63 ? 163 PRO A CG  1 
ATOM   1103 C CD  . PRO A 1 183 ? 20.149  18.434  -1.470  1.00 26.65 ? 163 PRO A CD  1 
ATOM   1104 N N   . ARG A 1 184 ? 22.002  18.376  2.785   1.00 28.03 ? 164 ARG A N   1 
ATOM   1105 C CA  . ARG A 1 184 ? 21.516  18.050  4.122   1.00 28.91 ? 164 ARG A CA  1 
ATOM   1106 C C   . ARG A 1 184 ? 20.631  19.195  4.608   1.00 27.72 ? 164 ARG A C   1 
ATOM   1107 O O   . ARG A 1 184 ? 21.109  20.272  4.994   1.00 26.55 ? 164 ARG A O   1 
ATOM   1108 C CB  . ARG A 1 184 ? 22.654  17.718  5.098   1.00 29.50 ? 164 ARG A CB  1 
ATOM   1109 C CG  . ARG A 1 184 ? 23.475  16.466  4.632   1.00 33.00 ? 164 ARG A CG  1 
ATOM   1110 C CD  . ARG A 1 184 ? 24.775  16.234  5.450   1.00 32.94 ? 164 ARG A CD  1 
ATOM   1111 N NE  . ARG A 1 184 ? 25.680  15.206  4.884   1.00 36.54 ? 164 ARG A NE  1 
ATOM   1112 C CZ  . ARG A 1 184 ? 25.450  13.884  4.905   1.00 40.21 ? 164 ARG A CZ  1 
ATOM   1113 N NH1 . ARG A 1 184 ? 26.340  13.043  4.371   1.00 38.85 ? 164 ARG A NH1 1 
ATOM   1114 N NH2 . ARG A 1 184 ? 24.323  13.392  5.441   1.00 38.20 ? 164 ARG A NH2 1 
ATOM   1115 N N   . THR A 1 185 ? 19.328  18.956  4.512   1.00 25.58 ? 165 THR A N   1 
ATOM   1116 C CA  . THR A 1 185 ? 18.304  19.931  4.848   1.00 23.99 ? 165 THR A CA  1 
ATOM   1117 C C   . THR A 1 185 ? 17.597  19.362  6.074   1.00 24.09 ? 165 THR A C   1 
ATOM   1118 O O   . THR A 1 185 ? 18.218  19.219  7.129   1.00 24.97 ? 165 THR A O   1 
ATOM   1119 C CB  . THR A 1 185 ? 17.337  20.194  3.667   1.00 23.56 ? 165 THR A CB  1 
ATOM   1120 O OG1 . THR A 1 185 ? 16.907  18.947  3.082   1.00 23.04 ? 165 THR A OG1 1 
ATOM   1121 C CG2 . THR A 1 185 ? 18.006  21.061  2.552   1.00 21.25 ? 165 THR A CG2 1 
ATOM   1122 N N   . LEU A 1 186 ? 16.330  18.973  5.931   1.00 22.87 ? 166 LEU A N   1 
ATOM   1123 C CA  . LEU A 1 186 ? 15.606  18.251  6.991   1.00 22.27 ? 166 LEU A CA  1 
ATOM   1124 C C   . LEU A 1 186 ? 16.329  16.981  7.390   1.00 21.95 ? 166 LEU A C   1 
ATOM   1125 O O   . LEU A 1 186 ? 17.098  16.420  6.569   1.00 23.91 ? 166 LEU A O   1 
ATOM   1126 C CB  . LEU A 1 186 ? 14.216  17.829  6.507   1.00 21.42 ? 166 LEU A CB  1 
ATOM   1127 C CG  . LEU A 1 186 ? 13.127  18.836  6.167   1.00 21.96 ? 166 LEU A CG  1 
ATOM   1128 C CD1 . LEU A 1 186 ? 11.821  18.093  5.925   1.00 20.66 ? 166 LEU A CD1 1 
ATOM   1129 C CD2 . LEU A 1 186 ? 12.917  19.936  7.264   1.00 22.50 ? 166 LEU A CD2 1 
ATOM   1130 N N   . PRO A 1 187 ? 16.140  16.544  8.652   1.00 21.25 ? 167 PRO A N   1 
ATOM   1131 C CA  . PRO A 1 187 ? 16.473  15.175  9.001   1.00 20.55 ? 167 PRO A CA  1 
ATOM   1132 C C   . PRO A 1 187 ? 15.839  14.200  8.003   1.00 20.89 ? 167 PRO A C   1 
ATOM   1133 O O   . PRO A 1 187 ? 14.652  14.310  7.718   1.00 19.66 ? 167 PRO A O   1 
ATOM   1134 C CB  . PRO A 1 187 ? 15.876  15.008  10.398  1.00 20.40 ? 167 PRO A CB  1 
ATOM   1135 C CG  . PRO A 1 187 ? 15.942  16.445  11.010  1.00 19.43 ? 167 PRO A CG  1 
ATOM   1136 C CD  . PRO A 1 187 ? 15.624  17.321  9.821   1.00 20.21 ? 167 PRO A CD  1 
ATOM   1137 N N   . ALA A 1 188 ? 16.638  13.248  7.495   1.00 19.35 ? 168 ALA A N   1 
ATOM   1138 C CA  . ALA A 1 188 ? 16.184  12.335  6.445   1.00 19.70 ? 168 ALA A CA  1 
ATOM   1139 C C   . ALA A 1 188 ? 14.931  11.543  6.860   1.00 18.94 ? 168 ALA A C   1 
ATOM   1140 O O   . ALA A 1 188 ? 14.027  11.301  6.050   1.00 19.65 ? 168 ALA A O   1 
ATOM   1141 C CB  . ALA A 1 188 ? 17.345  11.398  6.001   1.00 19.59 ? 168 ALA A CB  1 
ATOM   1142 N N   . HIS A 1 189 ? 14.843  11.186  8.130   1.00 18.24 ? 169 HIS A N   1 
ATOM   1143 C CA  . HIS A 1 189 ? 13.780  10.346  8.586   1.00 18.07 ? 169 HIS A CA  1 
ATOM   1144 C C   . HIS A 1 189 ? 12.457  11.121  8.686   1.00 17.22 ? 169 HIS A C   1 
ATOM   1145 O O   . HIS A 1 189 ? 11.396  10.565  8.388   1.00 16.00 ? 169 HIS A O   1 
ATOM   1146 C CB  . HIS A 1 189 ? 14.160  9.601   9.885   1.00 17.66 ? 169 HIS A CB  1 
ATOM   1147 C CG  . HIS A 1 189 ? 13.258  8.443   10.211  1.00 18.29 ? 169 HIS A CG  1 
ATOM   1148 N ND1 . HIS A 1 189 ? 12.095  8.585   10.938  1.00 15.68 ? 169 HIS A ND1 1 
ATOM   1149 C CD2 . HIS A 1 189 ? 13.333  7.124   9.881   1.00 15.28 ? 169 HIS A CD2 1 
ATOM   1150 C CE1 . HIS A 1 189 ? 11.503  7.414   11.064  1.00 15.69 ? 169 HIS A CE1 1 
ATOM   1151 N NE2 . HIS A 1 189 ? 12.224  6.509   10.423  1.00 17.40 ? 169 HIS A NE2 1 
ATOM   1152 N N   . GLU A 1 190 ? 12.540  12.396  9.102   1.00 16.59 ? 170 GLU A N   1 
ATOM   1153 C CA  . GLU A 1 190 ? 11.360  13.253  9.177   1.00 17.96 ? 170 GLU A CA  1 
ATOM   1154 C C   . GLU A 1 190 ? 10.898  13.580  7.765   1.00 16.38 ? 170 GLU A C   1 
ATOM   1155 O O   . GLU A 1 190 ? 9.710   13.534  7.491   1.00 15.47 ? 170 GLU A O   1 
ATOM   1156 C CB  . GLU A 1 190 ? 11.663  14.525  9.972   1.00 18.05 ? 170 GLU A CB  1 
ATOM   1157 C CG  . GLU A 1 190 ? 12.195  14.182  11.354  1.00 17.74 ? 170 GLU A CG  1 
ATOM   1158 C CD  . GLU A 1 190 ? 12.480  15.395  12.244  1.00 21.87 ? 170 GLU A CD  1 
ATOM   1159 O OE1 . GLU A 1 190 ? 12.566  15.128  13.464  1.00 29.75 ? 170 GLU A OE1 1 
ATOM   1160 O OE2 . GLU A 1 190 ? 12.648  16.528  11.728  1.00 17.26 ? 170 GLU A OE2 1 
ATOM   1161 N N   . LEU A 1 191 ? 11.838  13.876  6.864   1.00 16.04 ? 171 LEU A N   1 
ATOM   1162 C CA  . LEU A 1 191 ? 11.482  14.064  5.445   1.00 15.24 ? 171 LEU A CA  1 
ATOM   1163 C C   . LEU A 1 191 ? 10.794  12.828  4.873   1.00 14.77 ? 171 LEU A C   1 
ATOM   1164 O O   . LEU A 1 191 ? 9.729   12.965  4.259   1.00 14.83 ? 171 LEU A O   1 
ATOM   1165 C CB  . LEU A 1 191 ? 12.700  14.464  4.583   1.00 15.34 ? 171 LEU A CB  1 
ATOM   1166 C CG  . LEU A 1 191 ? 12.498  14.718  3.087   1.00 16.09 ? 171 LEU A CG  1 
ATOM   1167 C CD1 . LEU A 1 191 ? 11.309  15.644  2.763   1.00 15.40 ? 171 LEU A CD1 1 
ATOM   1168 C CD2 . LEU A 1 191 ? 13.845  15.183  2.393   1.00 16.52 ? 171 LEU A CD2 1 
ATOM   1169 N N   . ALA A 1 192 ? 11.436  11.648  4.988   1.00 14.94 ? 172 ALA A N   1 
ATOM   1170 C CA  . ALA A 1 192 ? 10.816  10.361  4.525   1.00 15.33 ? 172 ALA A CA  1 
ATOM   1171 C C   . ALA A 1 192 ? 9.408   10.139  5.104   1.00 14.82 ? 172 ALA A C   1 
ATOM   1172 O O   . ALA A 1 192 ? 8.532   9.635   4.411   1.00 16.03 ? 172 ALA A O   1 
ATOM   1173 C CB  . ALA A 1 192 ? 11.679  9.154   4.909   1.00 13.72 ? 172 ALA A CB  1 
ATOM   1174 N N   . THR A 1 193 ? 9.217   10.420  6.396   1.00 14.63 ? 173 THR A N   1 
ATOM   1175 C CA  . THR A 1 193 ? 7.880   10.230  7.040   1.00 12.78 ? 173 THR A CA  1 
ATOM   1176 C C   . THR A 1 193 ? 6.800   11.035  6.335   1.00 13.12 ? 173 THR A C   1 
ATOM   1177 O O   . THR A 1 193 ? 5.789   10.467  5.921   1.00 13.25 ? 173 THR A O   1 
ATOM   1178 C CB  . THR A 1 193 ? 7.888   10.482  8.597   1.00 14.39 ? 173 THR A CB  1 
ATOM   1179 O OG1 . THR A 1 193 ? 8.881   9.646   9.197   1.00 13.42 ? 173 THR A OG1 1 
ATOM   1180 C CG2 . THR A 1 193 ? 6.540   10.124  9.226   1.00 13.02 ? 173 THR A CG2 1 
ATOM   1181 N N   . ALA A 1 194 ? 6.977   12.356  6.216   1.00 11.72 ? 174 ALA A N   1 
ATOM   1182 C CA  . ALA A 1 194 ? 5.961   13.201  5.560   1.00 12.65 ? 174 ALA A CA  1 
ATOM   1183 C C   . ALA A 1 194 ? 5.735   12.813  4.091   1.00 12.61 ? 174 ALA A C   1 
ATOM   1184 O O   . ALA A 1 194 ? 4.614   12.792  3.631   1.00 12.86 ? 174 ALA A O   1 
ATOM   1185 C CB  . ALA A 1 194 ? 6.351   14.672  5.650   1.00 13.43 ? 174 ALA A CB  1 
ATOM   1186 N N   . LEU A 1 195 ? 6.797   12.460  3.374   1.00 12.43 ? 175 LEU A N   1 
ATOM   1187 C CA  . LEU A 1 195 ? 6.617   12.098  1.962   1.00 12.93 ? 175 LEU A CA  1 
ATOM   1188 C C   . LEU A 1 195 ? 5.826   10.803  1.756   1.00 13.35 ? 175 LEU A C   1 
ATOM   1189 O O   . LEU A 1 195 ? 5.016   10.708  0.866   1.00 11.97 ? 175 LEU A O   1 
ATOM   1190 C CB  . LEU A 1 195 ? 7.979   12.050  1.276   1.00 13.12 ? 175 LEU A CB  1 
ATOM   1191 C CG  . LEU A 1 195 ? 8.721   13.383  1.056   1.00 11.74 ? 175 LEU A CG  1 
ATOM   1192 C CD1 . LEU A 1 195 ? 10.058  13.023  0.426   1.00 13.23 ? 175 LEU A CD1 1 
ATOM   1193 C CD2 . LEU A 1 195 ? 7.945   14.365  0.140   1.00 14.33 ? 175 LEU A CD2 1 
ATOM   1194 N N   . ASN A 1 196 ? 6.122   9.783   2.556   1.00 12.77 ? 176 ASN A N   1 
ATOM   1195 C CA  . ASN A 1 196 ? 5.336   8.551   2.556   1.00 13.38 ? 176 ASN A CA  1 
ATOM   1196 C C   . ASN A 1 196 ? 3.908   8.761   3.065   1.00 12.68 ? 176 ASN A C   1 
ATOM   1197 O O   . ASN A 1 196 ? 2.970   8.199   2.506   1.00 13.23 ? 176 ASN A O   1 
ATOM   1198 C CB  . ASN A 1 196 ? 6.052   7.473   3.395   1.00 12.10 ? 176 ASN A CB  1 
ATOM   1199 C CG  . ASN A 1 196 ? 7.141   6.779   2.614   1.00 14.93 ? 176 ASN A CG  1 
ATOM   1200 O OD1 . ASN A 1 196 ? 6.862   5.830   1.863   1.00 13.83 ? 176 ASN A OD1 1 
ATOM   1201 N ND2 . ASN A 1 196 ? 8.377   7.223   2.785   1.00 12.61 ? 176 ASN A ND2 1 
ATOM   1202 N N   . LEU A 1 197 ? 3.720   9.580   4.100   1.00 12.67 ? 177 LEU A N   1 
ATOM   1203 C CA  . LEU A 1 197 ? 2.338   9.970   4.504   1.00 13.02 ? 177 LEU A CA  1 
ATOM   1204 C C   . LEU A 1 197 ? 1.574   10.739  3.389   1.00 13.43 ? 177 LEU A C   1 
ATOM   1205 O O   . LEU A 1 197 ? 0.403   10.495  3.166   1.00 13.90 ? 177 LEU A O   1 
ATOM   1206 C CB  . LEU A 1 197 ? 2.311   10.763  5.850   1.00 15.27 ? 177 LEU A CB  1 
ATOM   1207 C CG  . LEU A 1 197 ? 2.697   9.896   7.074   1.00 14.49 ? 177 LEU A CG  1 
ATOM   1208 C CD1 . LEU A 1 197 ? 2.869   10.789  8.305   1.00 15.75 ? 177 LEU A CD1 1 
ATOM   1209 C CD2 . LEU A 1 197 ? 1.642   8.854   7.362   1.00 16.42 ? 177 LEU A CD2 1 
ATOM   1210 N N   . MET A 1 198 ? 2.230   11.655  2.678   1.00 13.22 ? 178 MET A N   1 
ATOM   1211 C CA  . MET A 1 198 ? 1.569   12.311  1.542   1.00 12.70 ? 178 MET A CA  1 
ATOM   1212 C C   . MET A 1 198 ? 1.153   11.257  0.530   1.00 13.94 ? 178 MET A C   1 
ATOM   1213 O O   . MET A 1 198 ? 0.028   11.269  0.041   1.00 13.13 ? 178 MET A O   1 
ATOM   1214 C CB  . MET A 1 198 ? 2.551   13.241  0.835   1.00 12.39 ? 178 MET A CB  1 
ATOM   1215 C CG  . MET A 1 198 ? 1.988   13.843  -0.541  1.00 8.21  ? 178 MET A CG  1 
ATOM   1216 S SD  . MET A 1 198 ? 3.088   15.041  -1.273  1.00 14.12 ? 178 MET A SD  1 
ATOM   1217 C CE  . MET A 1 198 ? 4.501   14.021  -1.708  1.00 15.36 ? 178 MET A CE  1 
ATOM   1218 N N   . ASN A 1 199 ? 2.052   10.317  0.201   1.00 13.48 ? 179 ASN A N   1 
ATOM   1219 C CA  . ASN A 1 199 ? 1.663   9.332   -0.821  1.00 14.80 ? 179 ASN A CA  1 
ATOM   1220 C C   . ASN A 1 199 ? 0.529   8.464   -0.390  1.00 14.57 ? 179 ASN A C   1 
ATOM   1221 O O   . ASN A 1 199 ? -0.329  8.142   -1.196  1.00 14.36 ? 179 ASN A O   1 
ATOM   1222 C CB  . ASN A 1 199 ? 2.857   8.476   -1.278  1.00 13.23 ? 179 ASN A CB  1 
ATOM   1223 C CG  . ASN A 1 199 ? 3.814   9.259   -2.130  1.00 17.67 ? 179 ASN A CG  1 
ATOM   1224 O OD1 . ASN A 1 199 ? 3.825   10.501  -2.094  1.00 13.76 ? 179 ASN A OD1 1 
ATOM   1225 N ND2 . ASN A 1 199 ? 4.635   8.551   -2.909  1.00 16.52 ? 179 ASN A ND2 1 
ATOM   1226 N N   . GLU A 1 200 ? 0.566   8.005   0.867   1.00 15.79 ? 180 GLU A N   1 
ATOM   1227 C CA  . GLU A 1 200 ? -0.528  7.222   1.434   1.00 15.72 ? 180 GLU A CA  1 
ATOM   1228 C C   . GLU A 1 200 ? -1.887  7.908   1.215   1.00 16.07 ? 180 GLU A C   1 
ATOM   1229 O O   . GLU A 1 200 ? -2.855  7.312   0.679   1.00 15.83 ? 180 GLU A O   1 
ATOM   1230 C CB  . GLU A 1 200 ? -0.271  6.971   2.930   1.00 16.32 ? 180 GLU A CB  1 
ATOM   1231 C CG  . GLU A 1 200 ? -1.390  6.117   3.562   1.00 19.33 ? 180 GLU A CG  1 
ATOM   1232 C CD  . GLU A 1 200 ? -1.363  6.200   5.054   1.00 21.19 ? 180 GLU A CD  1 
ATOM   1233 O OE1 . GLU A 1 200 ? -0.387  5.753   5.640   1.00 19.17 ? 180 GLU A OE1 1 
ATOM   1234 O OE2 . GLU A 1 200 ? -2.324  6.703   5.651   1.00 26.06 ? 180 GLU A OE2 1 
ATOM   1235 N N   . ARG A 1 201 ? -1.961  9.165   1.645   1.00 15.14 ? 181 ARG A N   1 
ATOM   1236 C CA  . ARG A 1 201 ? -3.198  9.930   1.616   1.00 14.80 ? 181 ARG A CA  1 
ATOM   1237 C C   . ARG A 1 201 ? -3.628  10.307  0.194   1.00 14.52 ? 181 ARG A C   1 
ATOM   1238 O O   . ARG A 1 201 ? -4.806  10.375  -0.095  1.00 14.19 ? 181 ARG A O   1 
ATOM   1239 C CB  . ARG A 1 201 ? -3.013  11.206  2.452   1.00 14.11 ? 181 ARG A CB  1 
ATOM   1240 C CG  . ARG A 1 201 ? -4.273  12.046  2.631   1.00 16.61 ? 181 ARG A CG  1 
ATOM   1241 C CD  . ARG A 1 201 ? -5.331  11.242  3.460   1.00 18.58 ? 181 ARG A CD  1 
ATOM   1242 N NE  . ARG A 1 201 ? -6.663  11.838  3.417   1.00 20.48 ? 181 ARG A NE  1 
ATOM   1243 C CZ  . ARG A 1 201 ? -7.616  11.539  2.525   1.00 20.68 ? 181 ARG A CZ  1 
ATOM   1244 N NH1 . ARG A 1 201 ? -7.418  10.639  1.597   1.00 20.16 ? 181 ARG A NH1 1 
ATOM   1245 N NH2 . ARG A 1 201 ? -8.797  12.141  2.594   1.00 22.44 ? 181 ARG A NH2 1 
ATOM   1246 N N   . THR A 1 202 ? -2.662  10.601  -0.677  1.00 14.20 ? 182 THR A N   1 
ATOM   1247 C CA  . THR A 1 202 ? -2.937  11.182  -1.988  1.00 14.21 ? 182 THR A CA  1 
ATOM   1248 C C   . THR A 1 202 ? -3.303  10.053  -2.948  1.00 14.79 ? 182 THR A C   1 
ATOM   1249 O O   . THR A 1 202 ? -4.187  10.211  -3.756  1.00 14.19 ? 182 THR A O   1 
ATOM   1250 C CB  . THR A 1 202 ? -1.712  12.038  -2.465  1.00 13.41 ? 182 THR A CB  1 
ATOM   1251 O OG1 . THR A 1 202 ? -1.507  13.079  -1.497  1.00 15.76 ? 182 THR A OG1 1 
ATOM   1252 C CG2 . THR A 1 202 ? -1.947  12.696  -3.860  1.00 11.01 ? 182 THR A CG2 1 
ATOM   1253 N N   . LEU A 1 203 ? -2.600  8.921   -2.869  1.00 14.95 ? 183 LEU A N   1 
ATOM   1254 C CA  . LEU A 1 203 ? -2.973  7.765   -3.697  1.00 16.64 ? 183 LEU A CA  1 
ATOM   1255 C C   . LEU A 1 203 ? -4.315  7.208   -3.256  1.00 17.64 ? 183 LEU A C   1 
ATOM   1256 O O   . LEU A 1 203 ? -5.150  6.886   -4.097  1.00 19.18 ? 183 LEU A O   1 
ATOM   1257 C CB  . LEU A 1 203 ? -1.914  6.663   -3.650  1.00 15.68 ? 183 LEU A CB  1 
ATOM   1258 C CG  . LEU A 1 203 ? -0.592  6.991   -4.337  1.00 18.33 ? 183 LEU A CG  1 
ATOM   1259 C CD1 . LEU A 1 203 ? 0.306   5.759   -4.232  1.00 16.23 ? 183 LEU A CD1 1 
ATOM   1260 C CD2 . LEU A 1 203 ? -0.790  7.347   -5.781  1.00 18.81 ? 183 LEU A CD2 1 
ATOM   1261 N N   . PHE A 1 204 ? -4.540  7.184   -1.944  1.00 17.40 ? 184 PHE A N   1 
ATOM   1262 C CA  . PHE A 1 204 ? -5.849  6.814   -1.379  1.00 17.62 ? 184 PHE A CA  1 
ATOM   1263 C C   . PHE A 1 204 ? -6.981  7.717   -1.918  1.00 16.69 ? 184 PHE A C   1 
ATOM   1264 O O   . PHE A 1 204 ? -7.969  7.234   -2.493  1.00 16.79 ? 184 PHE A O   1 
ATOM   1265 C CB  . PHE A 1 204 ? -5.829  6.756   0.162   1.00 18.13 ? 184 PHE A CB  1 
ATOM   1266 C CG  . PHE A 1 204 ? -7.169  6.350   0.762   1.00 21.84 ? 184 PHE A CG  1 
ATOM   1267 C CD1 . PHE A 1 204 ? -7.360  5.081   1.272   1.00 29.64 ? 184 PHE A CD1 1 
ATOM   1268 C CD2 . PHE A 1 204 ? -8.270  7.209   0.696   1.00 28.36 ? 184 PHE A CD2 1 
ATOM   1269 C CE1 . PHE A 1 204 ? -8.621  4.684   1.760   1.00 28.23 ? 184 PHE A CE1 1 
ATOM   1270 C CE2 . PHE A 1 204 ? -9.529  6.822   1.192   1.00 30.38 ? 184 PHE A CE2 1 
ATOM   1271 C CZ  . PHE A 1 204 ? -9.684  5.568   1.715   1.00 28.12 ? 184 PHE A CZ  1 
ATOM   1272 N N   . ALA A 1 205 ? -6.843  9.024   -1.762  1.00 16.90 ? 185 ALA A N   1 
ATOM   1273 C CA  . ALA A 1 205 ? -7.813  9.964   -2.369  1.00 15.63 ? 185 ALA A CA  1 
ATOM   1274 C C   . ALA A 1 205 ? -8.068  9.714   -3.880  1.00 15.98 ? 185 ALA A C   1 
ATOM   1275 O O   . ALA A 1 205 ? -9.217  9.598   -4.285  1.00 16.78 ? 185 ALA A O   1 
ATOM   1276 C CB  . ALA A 1 205 ? -7.389  11.425  -2.086  1.00 15.43 ? 185 ALA A CB  1 
ATOM   1277 N N   . SER A 1 206 ? -7.010  9.581   -4.689  1.00 15.96 ? 186 SER A N   1 
ATOM   1278 C CA  . SER A 1 206 ? -7.126  9.271   -6.110  1.00 16.38 ? 186 SER A CA  1 
ATOM   1279 C C   . SER A 1 206 ? -7.844  7.964   -6.362  1.00 18.44 ? 186 SER A C   1 
ATOM   1280 O O   . SER A 1 206 ? -8.812  7.934   -7.151  1.00 18.75 ? 186 SER A O   1 
ATOM   1281 C CB  . SER A 1 206 ? -5.733  9.258   -6.773  1.00 17.18 ? 186 SER A CB  1 
ATOM   1282 O OG  . SER A 1 206 ? -5.175  10.552  -6.684  1.00 21.46 ? 186 SER A OG  1 
ATOM   1283 N N   . PHE A 1 207 ? -7.419  6.886   -5.687  1.00 17.76 ? 187 PHE A N   1 
ATOM   1284 C CA  . PHE A 1 207 ? -8.036  5.571   -5.921  1.00 20.68 ? 187 PHE A CA  1 
ATOM   1285 C C   . PHE A 1 207 ? -9.484  5.469   -5.412  1.00 22.09 ? 187 PHE A C   1 
ATOM   1286 O O   . PHE A 1 207 ? -10.278 4.683   -5.942  1.00 23.29 ? 187 PHE A O   1 
ATOM   1287 C CB  . PHE A 1 207 ? -7.184  4.440   -5.285  1.00 19.34 ? 187 PHE A CB  1 
ATOM   1288 C CG  . PHE A 1 207 ? -5.773  4.305   -5.875  1.00 22.72 ? 187 PHE A CG  1 
ATOM   1289 C CD1 . PHE A 1 207 ? -4.805  3.576   -5.207  1.00 20.17 ? 187 PHE A CD1 1 
ATOM   1290 C CD2 . PHE A 1 207 ? -5.448  4.865   -7.101  1.00 20.81 ? 187 PHE A CD2 1 
ATOM   1291 C CE1 . PHE A 1 207 ? -3.515  3.423   -5.737  1.00 23.20 ? 187 PHE A CE1 1 
ATOM   1292 C CE2 . PHE A 1 207 ? -4.159  4.687   -7.647  1.00 23.06 ? 187 PHE A CE2 1 
ATOM   1293 C CZ  . PHE A 1 207 ? -3.193  3.989   -6.935  1.00 21.05 ? 187 PHE A CZ  1 
ATOM   1294 N N   . ALA A 1 208 ? -9.810  6.206   -4.353  1.00 21.98 ? 188 ALA A N   1 
ATOM   1295 C CA  . ALA A 1 208 ? -11.172 6.251   -3.843  1.00 23.15 ? 188 ALA A CA  1 
ATOM   1296 C C   . ALA A 1 208 ? -12.060 7.263   -4.575  1.00 23.43 ? 188 ALA A C   1 
ATOM   1297 O O   . ALA A 1 208 ? -13.230 7.354   -4.269  1.00 24.96 ? 188 ALA A O   1 
ATOM   1298 C CB  . ALA A 1 208 ? -11.167 6.514   -2.338  1.00 23.13 ? 188 ALA A CB  1 
ATOM   1299 N N   . GLY A 1 209 ? -11.514 7.995   -5.548  1.00 23.00 ? 189 GLY A N   1 
ATOM   1300 C CA  . GLY A 1 209 ? -12.236 9.033   -6.278  1.00 23.15 ? 189 GLY A CA  1 
ATOM   1301 C C   . GLY A 1 209 ? -12.759 10.137  -5.365  1.00 24.22 ? 189 GLY A C   1 
ATOM   1302 O O   . GLY A 1 209 ? -13.902 10.605  -5.537  1.00 23.05 ? 189 GLY A O   1 
ATOM   1303 N N   . GLU A 1 210 ? -11.967 10.538  -4.362  1.00 22.93 ? 190 GLU A N   1 
ATOM   1304 C CA  . GLU A 1 210 ? -12.434 11.531  -3.366  1.00 22.15 ? 190 GLU A CA  1 
ATOM   1305 C C   . GLU A 1 210 ? -12.534 12.905  -3.950  1.00 22.29 ? 190 GLU A C   1 
ATOM   1306 O O   . GLU A 1 210 ? -11.877 13.213  -4.930  1.00 21.47 ? 190 GLU A O   1 
ATOM   1307 C CB  . GLU A 1 210 ? -11.511 11.607  -2.120  1.00 21.65 ? 190 GLU A CB  1 
ATOM   1308 C CG  . GLU A 1 210 ? -11.580 10.385  -1.306  1.00 19.60 ? 190 GLU A CG  1 
ATOM   1309 C CD  . GLU A 1 210 ? -10.777 10.478  -0.033  1.00 23.99 ? 190 GLU A CD  1 
ATOM   1310 O OE1 . GLU A 1 210 ? -10.779 9.495   0.717   1.00 27.71 ? 190 GLU A OE1 1 
ATOM   1311 O OE2 . GLU A 1 210 ? -10.197 11.536  0.248   1.00 25.57 ? 190 GLU A OE2 1 
ATOM   1312 N N   . GLN A 1 211 ? -13.346 13.751  -3.318  1.00 23.55 ? 191 GLN A N   1 
ATOM   1313 C CA  . GLN A 1 211 ? -13.394 15.161  -3.649  1.00 25.38 ? 191 GLN A CA  1 
ATOM   1314 C C   . GLN A 1 211 ? -12.863 15.913  -2.425  1.00 25.44 ? 191 GLN A C   1 
ATOM   1315 O O   . GLN A 1 211 ? -13.538 15.935  -1.378  1.00 26.39 ? 191 GLN A O   1 
ATOM   1316 C CB  . GLN A 1 211 ? -14.848 15.571  -3.935  1.00 26.70 ? 191 GLN A CB  1 
ATOM   1317 C CG  . GLN A 1 211 ? -14.999 16.971  -4.529  1.00 32.54 ? 191 GLN A CG  1 
ATOM   1318 C CD  . GLN A 1 211 ? -14.866 16.955  -6.040  1.00 40.44 ? 191 GLN A CD  1 
ATOM   1319 O OE1 . GLN A 1 211 ? -13.745 16.890  -6.586  1.00 44.01 ? 191 GLN A OE1 1 
ATOM   1320 N NE2 . GLN A 1 211 ? -16.011 16.996  -6.731  1.00 40.83 ? 191 GLN A NE2 1 
ATOM   1321 N N   . PRO A 1 212 ? -11.638 16.493  -2.513  1.00 24.68 ? 192 PRO A N   1 
ATOM   1322 C CA  . PRO A 1 212 ? -10.775 16.592  -3.706  1.00 23.11 ? 192 PRO A CA  1 
ATOM   1323 C C   . PRO A 1 212 ? -9.804  15.425  -3.873  1.00 21.44 ? 192 PRO A C   1 
ATOM   1324 O O   . PRO A 1 212 ? -9.504  14.688  -2.923  1.00 21.17 ? 192 PRO A O   1 
ATOM   1325 C CB  . PRO A 1 212 ? -9.970  17.862  -3.414  1.00 24.39 ? 192 PRO A CB  1 
ATOM   1326 C CG  . PRO A 1 212 ? -9.814  17.832  -1.931  1.00 24.15 ? 192 PRO A CG  1 
ATOM   1327 C CD  . PRO A 1 212 ? -10.974 17.087  -1.331  1.00 24.24 ? 192 PRO A CD  1 
ATOM   1328 N N   . SER A 1 213 ? -9.270  15.295  -5.083  1.00 20.32 ? 193 SER A N   1 
ATOM   1329 C CA  . SER A 1 213 ? -8.213  14.348  -5.356  1.00 19.60 ? 193 SER A CA  1 
ATOM   1330 C C   . SER A 1 213 ? -7.559  14.694  -6.680  1.00 19.61 ? 193 SER A C   1 
ATOM   1331 O O   . SER A 1 213 ? -8.210  15.231  -7.563  1.00 19.45 ? 193 SER A O   1 
ATOM   1332 C CB  . SER A 1 213 ? -8.757  12.927  -5.428  1.00 19.54 ? 193 SER A CB  1 
ATOM   1333 O OG  . SER A 1 213 ? -9.775  12.854  -6.418  1.00 18.84 ? 193 SER A OG  1 
ATOM   1334 N N   . VAL A 1 214 ? -6.291  14.339  -6.823  1.00 18.68 ? 194 VAL A N   1 
ATOM   1335 C CA  . VAL A 1 214 ? -5.583  14.421  -8.107  1.00 19.26 ? 194 VAL A CA  1 
ATOM   1336 C C   . VAL A 1 214 ? -6.123  13.278  -8.988  1.00 19.56 ? 194 VAL A C   1 
ATOM   1337 O O   . VAL A 1 214 ? -6.300  12.176  -8.500  1.00 19.79 ? 194 VAL A O   1 
ATOM   1338 C CB  . VAL A 1 214 ? -4.049  14.289  -7.899  1.00 18.67 ? 194 VAL A CB  1 
ATOM   1339 C CG1 . VAL A 1 214 ? -3.282  14.398  -9.217  1.00 19.31 ? 194 VAL A CG1 1 
ATOM   1340 C CG2 . VAL A 1 214 ? -3.555  15.353  -6.930  1.00 18.94 ? 194 VAL A CG2 1 
ATOM   1341 N N   . PRO A 1 215 ? -6.394  13.552  -10.285 1.00 20.78 ? 195 PRO A N   1 
ATOM   1342 C CA  . PRO A 1 215 ? -6.779  12.495  -11.189 1.00 20.11 ? 195 PRO A CA  1 
ATOM   1343 C C   . PRO A 1 215 ? -5.719  11.384  -11.144 1.00 19.70 ? 195 PRO A C   1 
ATOM   1344 O O   . PRO A 1 215 ? -4.508  11.660  -11.145 1.00 18.98 ? 195 PRO A O   1 
ATOM   1345 C CB  . PRO A 1 215 ? -6.725  13.185  -12.564 1.00 20.97 ? 195 PRO A CB  1 
ATOM   1346 C CG  . PRO A 1 215 ? -7.014  14.606  -12.268 1.00 21.10 ? 195 PRO A CG  1 
ATOM   1347 C CD  . PRO A 1 215 ? -6.327  14.866  -10.970 1.00 21.08 ? 195 PRO A CD  1 
ATOM   1348 N N   . GLU A 1 216 ? -6.171  10.140  -11.126 1.00 18.57 ? 196 GLU A N   1 
ATOM   1349 C CA  . GLU A 1 216 ? -5.266  9.008   -11.086 1.00 18.69 ? 196 GLU A CA  1 
ATOM   1350 C C   . GLU A 1 216 ? -4.253  9.022   -12.239 1.00 18.25 ? 196 GLU A C   1 
ATOM   1351 O O   . GLU A 1 216 ? -3.119  8.581   -12.061 1.00 18.08 ? 196 GLU A O   1 
ATOM   1352 C CB  . GLU A 1 216 ? -6.065  7.724   -11.076 1.00 19.79 ? 196 GLU A CB  1 
ATOM   1353 C CG  . GLU A 1 216 ? -5.220  6.476   -10.989 1.00 24.91 ? 196 GLU A CG  1 
ATOM   1354 C CD  . GLU A 1 216 ? -6.063  5.219   -11.004 1.00 30.58 ? 196 GLU A CD  1 
ATOM   1355 O OE1 . GLU A 1 216 ? -5.500  4.154   -11.325 1.00 33.96 ? 196 GLU A OE1 1 
ATOM   1356 O OE2 . GLU A 1 216 ? -7.264  5.299   -10.659 1.00 33.63 ? 196 GLU A OE2 1 
ATOM   1357 N N   . ALA A 1 217 ? -4.632  9.557   -13.403 1.00 17.58 ? 197 ALA A N   1 
ATOM   1358 C CA  . ALA A 1 217 ? -3.698  9.663   -14.544 1.00 18.13 ? 197 ALA A CA  1 
ATOM   1359 C C   . ALA A 1 217 ? -2.663  10.777  -14.336 1.00 17.38 ? 197 ALA A C   1 
ATOM   1360 O O   . ALA A 1 217 ? -1.715  10.893  -15.104 1.00 17.73 ? 197 ALA A O   1 
ATOM   1361 C CB  . ALA A 1 217 ? -4.484  9.898   -15.869 1.00 18.52 ? 197 ALA A CB  1 
ATOM   1362 N N   . ARG A 1 218 ? -2.830  11.599  -13.297 1.00 16.40 ? 198 ARG A N   1 
ATOM   1363 C CA  . ARG A 1 218 ? -1.854  12.694  -13.014 1.00 16.72 ? 198 ARG A CA  1 
ATOM   1364 C C   . ARG A 1 218 ? -1.068  12.523  -11.683 1.00 17.23 ? 198 ARG A C   1 
ATOM   1365 O O   . ARG A 1 218 ? -0.101  13.227  -11.415 1.00 17.41 ? 198 ARG A O   1 
ATOM   1366 C CB  . ARG A 1 218 ? -2.599  14.044  -13.000 1.00 16.96 ? 198 ARG A CB  1 
ATOM   1367 C CG  . ARG A 1 218 ? -3.163  14.494  -14.386 1.00 18.95 ? 198 ARG A CG  1 
ATOM   1368 C CD  . ARG A 1 218 ? -2.032  14.930  -15.342 1.00 19.99 ? 198 ARG A CD  1 
ATOM   1369 N NE  . ARG A 1 218 ? -1.067  15.771  -14.597 1.00 25.94 ? 198 ARG A NE  1 
ATOM   1370 C CZ  . ARG A 1 218 ? 0.258   15.759  -14.757 1.00 27.16 ? 198 ARG A CZ  1 
ATOM   1371 N NH1 . ARG A 1 218 ? 0.812   14.978  -15.667 1.00 28.65 ? 198 ARG A NH1 1 
ATOM   1372 N NH2 . ARG A 1 218 ? 1.048   16.519  -13.999 1.00 28.94 ? 198 ARG A NH2 1 
ATOM   1373 N N   . VAL A 1 219 ? -1.488  11.576  -10.857 1.00 16.72 ? 199 VAL A N   1 
ATOM   1374 C CA  . VAL A 1 219 ? -1.001  11.505  -9.481  1.00 17.18 ? 199 VAL A CA  1 
ATOM   1375 C C   . VAL A 1 219 ? 0.459   11.005  -9.372  1.00 16.70 ? 199 VAL A C   1 
ATOM   1376 O O   . VAL A 1 219 ? 1.210   11.468  -8.518  1.00 15.40 ? 199 VAL A O   1 
ATOM   1377 C CB  . VAL A 1 219 ? -1.996  10.739  -8.549  1.00 17.25 ? 199 VAL A CB  1 
ATOM   1378 C CG1 . VAL A 1 219 ? -1.886  9.266   -8.734  1.00 16.45 ? 199 VAL A CG1 1 
ATOM   1379 C CG2 . VAL A 1 219 ? -1.761  11.141  -7.050  1.00 15.03 ? 199 VAL A CG2 1 
ATOM   1380 N N   . LEU A 1 220 ? 0.879   10.104  -10.261 1.00 16.91 ? 200 LEU A N   1 
ATOM   1381 C CA  . LEU A 1 220 ? 2.259   9.638   -10.205 1.00 19.44 ? 200 LEU A CA  1 
ATOM   1382 C C   . LEU A 1 220 ? 3.205   10.823  -10.413 1.00 19.10 ? 200 LEU A C   1 
ATOM   1383 O O   . LEU A 1 220 ? 4.097   11.077  -9.577  1.00 19.93 ? 200 LEU A O   1 
ATOM   1384 C CB  . LEU A 1 220 ? 2.536   8.516   -11.232 1.00 19.92 ? 200 LEU A CB  1 
ATOM   1385 C CG  . LEU A 1 220 ? 3.402   7.293   -10.896 1.00 24.37 ? 200 LEU A CG  1 
ATOM   1386 C CD1 . LEU A 1 220 ? 4.070   6.821   -12.209 1.00 21.68 ? 200 LEU A CD1 1 
ATOM   1387 C CD2 . LEU A 1 220 ? 4.431   7.409   -9.738  1.00 19.49 ? 200 LEU A CD2 1 
ATOM   1388 N N   . ASP A 1 221 ? 3.000   11.551  -11.501 1.00 18.71 ? 201 ASP A N   1 
ATOM   1389 C CA  . ASP A 1 221 ? 3.824   12.742  -11.837 1.00 19.21 ? 201 ASP A CA  1 
ATOM   1390 C C   . ASP A 1 221 ? 3.829   13.803  -10.705 1.00 17.64 ? 201 ASP A C   1 
ATOM   1391 O O   . ASP A 1 221 ? 4.846   14.457  -10.456 1.00 18.69 ? 201 ASP A O   1 
ATOM   1392 C CB  . ASP A 1 221 ? 3.267   13.444  -13.086 1.00 19.51 ? 201 ASP A CB  1 
ATOM   1393 C CG  . ASP A 1 221 ? 3.814   12.893  -14.419 1.00 24.79 ? 201 ASP A CG  1 
ATOM   1394 O OD1 . ASP A 1 221 ? 3.343   13.425  -15.464 1.00 31.44 ? 201 ASP A OD1 1 
ATOM   1395 O OD2 . ASP A 1 221 ? 4.669   11.984  -14.453 1.00 23.67 ? 201 ASP A OD2 1 
ATOM   1396 N N   . THR A 1 222 ? 2.661   14.024  -10.090 1.00 16.35 ? 202 THR A N   1 
ATOM   1397 C CA  . THR A 1 222 ? 2.491   14.963  -8.999  1.00 15.13 ? 202 THR A CA  1 
ATOM   1398 C C   . THR A 1 222 ? 3.389   14.584  -7.822  1.00 14.50 ? 202 THR A C   1 
ATOM   1399 O O   . THR A 1 222 ? 4.089   15.420  -7.266  1.00 14.88 ? 202 THR A O   1 
ATOM   1400 C CB  . THR A 1 222 ? 0.991   15.018  -8.541  1.00 15.56 ? 202 THR A CB  1 
ATOM   1401 O OG1 . THR A 1 222 ? 0.205   15.418  -9.655  1.00 17.94 ? 202 THR A OG1 1 
ATOM   1402 C CG2 . THR A 1 222 ? 0.743   16.047  -7.402  1.00 14.46 ? 202 THR A CG2 1 
ATOM   1403 N N   . LEU A 1 223 ? 3.353   13.326  -7.433  1.00 13.99 ? 203 LEU A N   1 
ATOM   1404 C CA  . LEU A 1 223 ? 4.099   12.886  -6.263  1.00 14.93 ? 203 LEU A CA  1 
ATOM   1405 C C   . LEU A 1 223 ? 5.586   12.869  -6.549  1.00 14.56 ? 203 LEU A C   1 
ATOM   1406 O O   . LEU A 1 223 ? 6.385   13.273  -5.704  1.00 15.36 ? 203 LEU A O   1 
ATOM   1407 C CB  . LEU A 1 223 ? 3.589   11.528  -5.786  1.00 15.26 ? 203 LEU A CB  1 
ATOM   1408 C CG  . LEU A 1 223 ? 2.128   11.503  -5.304  1.00 16.61 ? 203 LEU A CG  1 
ATOM   1409 C CD1 . LEU A 1 223 ? 1.720   10.055  -5.002  1.00 16.44 ? 203 LEU A CD1 1 
ATOM   1410 C CD2 . LEU A 1 223 ? 1.860   12.417  -4.028  1.00 16.01 ? 203 LEU A CD2 1 
ATOM   1411 N N   . VAL A 1 224 ? 5.965   12.429  -7.753  1.00 14.35 ? 204 VAL A N   1 
ATOM   1412 C CA  . VAL A 1 224 ? 7.401   12.380  -8.106  1.00 13.19 ? 204 VAL A CA  1 
ATOM   1413 C C   . VAL A 1 224 ? 7.966   13.804  -8.017  1.00 13.30 ? 204 VAL A C   1 
ATOM   1414 O O   . VAL A 1 224 ? 9.032   13.983  -7.433  1.00 14.25 ? 204 VAL A O   1 
ATOM   1415 C CB  . VAL A 1 224 ? 7.642   11.755  -9.471  1.00 13.61 ? 204 VAL A CB  1 
ATOM   1416 C CG1 . VAL A 1 224 ? 9.130   11.998  -9.957  1.00 13.00 ? 204 VAL A CG1 1 
ATOM   1417 C CG2 . VAL A 1 224 ? 7.253   10.252  -9.454  1.00 13.11 ? 204 VAL A CG2 1 
ATOM   1418 N N   . HIS A 1 225 ? 7.233   14.809  -8.523  1.00 14.15 ? 205 HIS A N   1 
ATOM   1419 C CA  . HIS A 1 225 ? 7.713   16.232  -8.461  1.00 14.68 ? 205 HIS A CA  1 
ATOM   1420 C C   . HIS A 1 225 ? 8.014   16.659  -7.011  1.00 14.74 ? 205 HIS A C   1 
ATOM   1421 O O   . HIS A 1 225 ? 9.044   17.247  -6.710  1.00 16.28 ? 205 HIS A O   1 
ATOM   1422 C CB  . HIS A 1 225 ? 6.706   17.199  -9.059  1.00 13.15 ? 205 HIS A CB  1 
ATOM   1423 C CG  . HIS A 1 225 ? 7.064   18.654  -8.852  1.00 17.94 ? 205 HIS A CG  1 
ATOM   1424 N ND1 . HIS A 1 225 ? 6.533   19.428  -7.839  1.00 18.98 ? 205 HIS A ND1 1 
ATOM   1425 C CD2 . HIS A 1 225 ? 7.933   19.449  -9.513  1.00 12.45 ? 205 HIS A CD2 1 
ATOM   1426 C CE1 . HIS A 1 225 ? 7.050   20.645  -7.896  1.00 15.86 ? 205 HIS A CE1 1 
ATOM   1427 N NE2 . HIS A 1 225 ? 7.920   20.672  -8.891  1.00 21.44 ? 205 HIS A NE2 1 
ATOM   1428 N N   . ILE A 1 226 ? 7.071   16.385  -6.122  1.00 15.57 ? 206 ILE A N   1 
ATOM   1429 C CA  . ILE A 1 226 ? 7.215   16.823  -4.738  1.00 15.23 ? 206 ILE A CA  1 
ATOM   1430 C C   . ILE A 1 226 ? 8.367   16.082  -4.073  1.00 16.06 ? 206 ILE A C   1 
ATOM   1431 O O   . ILE A 1 226 ? 9.146   16.705  -3.366  1.00 16.58 ? 206 ILE A O   1 
ATOM   1432 C CB  . ILE A 1 226 ? 5.890   16.709  -3.953  1.00 14.87 ? 206 ILE A CB  1 
ATOM   1433 C CG1 . ILE A 1 226 ? 4.834   17.631  -4.577  1.00 15.83 ? 206 ILE A CG1 1 
ATOM   1434 C CG2 . ILE A 1 226 ? 6.117   17.122  -2.427  1.00 12.45 ? 206 ILE A CG2 1 
ATOM   1435 C CD1 . ILE A 1 226 ? 3.381   17.252  -4.128  1.00 16.59 ? 206 ILE A CD1 1 
ATOM   1436 N N   . TRP A 1 227 ? 8.531   14.782  -4.374  1.00 15.44 ? 207 TRP A N   1 
ATOM   1437 C CA  . TRP A 1 227 ? 9.617   13.993  -3.772  1.00 15.41 ? 207 TRP A CA  1 
ATOM   1438 C C   . TRP A 1 227 ? 10.967  14.492  -4.260  1.00 15.61 ? 207 TRP A C   1 
ATOM   1439 O O   . TRP A 1 227 ? 11.853  14.728  -3.457  1.00 14.31 ? 207 TRP A O   1 
ATOM   1440 C CB  . TRP A 1 227 ? 9.496   12.512  -4.095  1.00 14.52 ? 207 TRP A CB  1 
ATOM   1441 C CG  . TRP A 1 227 ? 8.522   11.743  -3.212  1.00 14.63 ? 207 TRP A CG  1 
ATOM   1442 C CD1 . TRP A 1 227 ? 7.209   12.015  -3.006  1.00 14.11 ? 207 TRP A CD1 1 
ATOM   1443 C CD2 . TRP A 1 227 ? 8.805   10.544  -2.477  1.00 13.24 ? 207 TRP A CD2 1 
ATOM   1444 N NE1 . TRP A 1 227 ? 6.653   11.059  -2.175  1.00 13.59 ? 207 TRP A NE1 1 
ATOM   1445 C CE2 . TRP A 1 227 ? 7.617   10.152  -1.840  1.00 12.36 ? 207 TRP A CE2 1 
ATOM   1446 C CE3 . TRP A 1 227 ? 9.959   9.772   -2.287  1.00 13.01 ? 207 TRP A CE3 1 
ATOM   1447 C CZ2 . TRP A 1 227 ? 7.538   8.995   -1.023  1.00 13.97 ? 207 TRP A CZ2 1 
ATOM   1448 C CZ3 . TRP A 1 227 ? 9.884   8.646   -1.465  1.00 12.06 ? 207 TRP A CZ3 1 
ATOM   1449 C CH2 . TRP A 1 227 ? 8.686   8.274   -0.852  1.00 13.17 ? 207 TRP A CH2 1 
ATOM   1450 N N   . VAL A 1 228 ? 11.108  14.682  -5.568  1.00 17.24 ? 208 VAL A N   1 
ATOM   1451 C CA  . VAL A 1 228 ? 12.412  15.070  -6.137  1.00 17.65 ? 208 VAL A CA  1 
ATOM   1452 C C   . VAL A 1 228 ? 12.789  16.527  -5.729  1.00 18.17 ? 208 VAL A C   1 
ATOM   1453 O O   . VAL A 1 228 ? 13.936  16.796  -5.377  1.00 19.65 ? 208 VAL A O   1 
ATOM   1454 C CB  . VAL A 1 228 ? 12.454  14.836  -7.673  1.00 19.02 ? 208 VAL A CB  1 
ATOM   1455 C CG1 . VAL A 1 228 ? 13.780  15.350  -8.269  1.00 22.80 ? 208 VAL A CG1 1 
ATOM   1456 C CG2 . VAL A 1 228 ? 12.320  13.305  -7.970  1.00 17.22 ? 208 VAL A CG2 1 
ATOM   1457 N N   . THR A 1 229 ? 11.842  17.451  -5.750  1.00 16.97 ? 209 THR A N   1 
ATOM   1458 C CA  . THR A 1 229 ? 12.196  18.820  -5.399  1.00 18.10 ? 209 THR A CA  1 
ATOM   1459 C C   . THR A 1 229 ? 12.505  18.939  -3.914  1.00 19.36 ? 209 THR A C   1 
ATOM   1460 O O   . THR A 1 229 ? 13.381  19.708  -3.541  1.00 20.00 ? 209 THR A O   1 
ATOM   1461 C CB  . THR A 1 229 ? 11.171  19.844  -5.817  1.00 18.66 ? 209 THR A CB  1 
ATOM   1462 O OG1 . THR A 1 229 ? 9.883   19.476  -5.302  1.00 18.80 ? 209 THR A OG1 1 
ATOM   1463 C CG2 . THR A 1 229 ? 11.120  20.030  -7.351  1.00 18.41 ? 209 THR A CG2 1 
ATOM   1464 N N   . SER A 1 230 ? 11.794  18.191  -3.061  1.00 18.75 ? 210 SER A N   1 
ATOM   1465 C CA  . SER A 1 230 ? 12.047  18.265  -1.625  1.00 18.46 ? 210 SER A CA  1 
ATOM   1466 C C   . SER A 1 230 ? 13.276  17.454  -1.204  1.00 19.22 ? 210 SER A C   1 
ATOM   1467 O O   . SER A 1 230 ? 13.947  17.789  -0.233  1.00 19.45 ? 210 SER A O   1 
ATOM   1468 C CB  . SER A 1 230 ? 10.796  17.908  -0.804  1.00 19.32 ? 210 SER A CB  1 
ATOM   1469 O OG  . SER A 1 230 ? 10.571  16.504  -0.741  1.00 17.23 ? 210 SER A OG  1 
ATOM   1470 N N   . ILE A 1 231 ? 13.606  16.401  -1.943  1.00 18.52 ? 211 ILE A N   1 
ATOM   1471 C CA  . ILE A 1 231 ? 14.799  15.644  -1.599  1.00 18.66 ? 211 ILE A CA  1 
ATOM   1472 C C   . ILE A 1 231 ? 16.037  16.364  -2.136  1.00 18.83 ? 211 ILE A C   1 
ATOM   1473 O O   . ILE A 1 231 ? 17.071  16.349  -1.466  1.00 20.03 ? 211 ILE A O   1 
ATOM   1474 C CB  . ILE A 1 231 ? 14.734  14.155  -2.087  1.00 19.20 ? 211 ILE A CB  1 
ATOM   1475 C CG1 . ILE A 1 231 ? 13.694  13.372  -1.249  1.00 17.32 ? 211 ILE A CG1 1 
ATOM   1476 C CG2 . ILE A 1 231 ? 16.127  13.477  -2.060  1.00 16.64 ? 211 ILE A CG2 1 
ATOM   1477 C CD1 . ILE A 1 231 ? 13.186  12.078  -1.972  1.00 18.77 ? 211 ILE A CD1 1 
ATOM   1478 N N   . TYR A 1 232 ? 15.959  16.992  -3.313  1.00 19.35 ? 212 TYR A N   1 
ATOM   1479 C CA  . TYR A 1 232 ? 17.190  17.605  -3.914  1.00 21.01 ? 212 TYR A CA  1 
ATOM   1480 C C   . TYR A 1 232 ? 17.275  19.112  -3.734  1.00 22.77 ? 212 TYR A C   1 
ATOM   1481 O O   . TYR A 1 232 ? 18.333  19.712  -3.956  1.00 22.49 ? 212 TYR A O   1 
ATOM   1482 C CB  . TYR A 1 232 ? 17.372  17.180  -5.385  1.00 19.69 ? 212 TYR A CB  1 
ATOM   1483 C CG  . TYR A 1 232 ? 17.556  15.684  -5.485  1.00 21.23 ? 212 TYR A CG  1 
ATOM   1484 C CD1 . TYR A 1 232 ? 16.452  14.842  -5.746  1.00 19.42 ? 212 TYR A CD1 1 
ATOM   1485 C CD2 . TYR A 1 232 ? 18.806  15.095  -5.210  1.00 22.19 ? 212 TYR A CD2 1 
ATOM   1486 C CE1 . TYR A 1 232 ? 16.600  13.480  -5.762  1.00 19.05 ? 212 TYR A CE1 1 
ATOM   1487 C CE2 . TYR A 1 232 ? 18.961  13.723  -5.242  1.00 17.64 ? 212 TYR A CE2 1 
ATOM   1488 C CZ  . TYR A 1 232 ? 17.853  12.937  -5.523  1.00 18.76 ? 212 TYR A CZ  1 
ATOM   1489 O OH  . TYR A 1 232 ? 18.006  11.584  -5.544  1.00 21.46 ? 212 TYR A OH  1 
ATOM   1490 N N   . GLY A 1 233 ? 16.158  19.722  -3.324  1.00 25.39 ? 213 GLY A N   1 
ATOM   1491 C CA  . GLY A 1 233 ? 16.043  21.179  -3.229  1.00 28.81 ? 213 GLY A CA  1 
ATOM   1492 C C   . GLY A 1 233 ? 16.802  21.732  -2.045  1.00 32.20 ? 213 GLY A C   1 
ATOM   1493 O O   . GLY A 1 233 ? 16.600  21.303  -0.904  1.00 30.95 ? 213 GLY A O   1 
ATOM   1494 N N   . GLU A 1 234 ? 17.697  22.678  -2.336  1.00 36.13 ? 214 GLU A N   1 
ATOM   1495 C CA  . GLU A 1 234 ? 18.497  23.328  -1.312  1.00 40.84 ? 214 GLU A CA  1 
ATOM   1496 C C   . GLU A 1 234 ? 17.619  24.406  -0.706  1.00 42.82 ? 214 GLU A C   1 
ATOM   1497 O O   . GLU A 1 234 ? 17.785  24.740  0.475   1.00 44.49 ? 214 GLU A O   1 
ATOM   1498 C CB  . GLU A 1 234 ? 19.784  23.909  -1.917  1.00 40.93 ? 214 GLU A CB  1 
ATOM   1499 C CG  . GLU A 1 234 ? 20.706  24.557  -0.914  1.00 44.38 ? 214 GLU A CG  1 
ATOM   1500 C CD  . GLU A 1 234 ? 21.491  23.567  -0.057  1.00 47.21 ? 214 GLU A CD  1 
ATOM   1501 O OE1 . GLU A 1 234 ? 22.541  23.080  -0.547  1.00 48.30 ? 214 GLU A OE1 1 
ATOM   1502 O OE2 . GLU A 1 234 ? 21.083  23.315  1.117   1.00 45.95 ? 214 GLU A OE2 1 
ATOM   1503 N N   . ASN A 1 235 ? 16.728  24.954  -1.546  1.00 44.93 ? 215 ASN A N   1 
ATOM   1504 C CA  . ASN A 1 235 ? 15.492  25.682  -1.155  1.00 47.58 ? 215 ASN A CA  1 
ATOM   1505 C C   . ASN A 1 235 ? 14.562  26.090  -2.364  1.00 48.05 ? 215 ASN A C   1 
ATOM   1506 O O   . ASN A 1 235 ? 14.603  25.474  -3.441  1.00 48.38 ? 215 ASN A O   1 
ATOM   1507 C CB  . ASN A 1 235 ? 15.816  26.879  -0.241  1.00 48.44 ? 215 ASN A CB  1 
ATOM   1508 C CG  . ASN A 1 235 ? 14.671  27.231  0.706   1.00 50.17 ? 215 ASN A CG  1 
ATOM   1509 O OD1 . ASN A 1 235 ? 14.107  26.361  1.388   1.00 51.01 ? 215 ASN A OD1 1 
ATOM   1510 N ND2 . ASN A 1 235 ? 14.339  28.524  0.767   1.00 52.13 ? 215 ASN A ND2 1 
HETATM 1511 C C11 . O8B B 2 .   ? 9.108   3.429   0.335   1.00 20.90 ? 217 O8B A C11 1 
HETATM 1512 C C10 . O8B B 2 .   ? 9.846   3.988   -0.890  1.00 18.56 ? 217 O8B A C10 1 
HETATM 1513 C C01 . O8B B 2 .   ? 11.218  3.796   -1.044  1.00 22.13 ? 217 O8B A C01 1 
HETATM 1514 C C03 . O8B B 2 .   ? 11.888  4.330   -2.161  1.00 19.50 ? 217 O8B A C03 1 
HETATM 1515 C C05 . O8B B 2 .   ? 11.159  5.047   -3.119  1.00 18.32 ? 217 O8B A C05 1 
HETATM 1516 C C07 . O8B B 2 .   ? 9.782   5.247   -2.926  1.00 19.58 ? 217 O8B A C07 1 
HETATM 1517 C C09 . O8B B 2 .   ? 9.125   4.705   -1.821  1.00 17.52 ? 217 O8B A C09 1 
HETATM 1518 O O15 . O8B B 2 .   ? 7.781   4.895   -1.571  1.00 20.88 ? 217 O8B A O15 1 
HETATM 1519 C C16 . O8B B 2 .   ? 6.951   5.741   -2.394  1.00 20.52 ? 217 O8B A C16 1 
HETATM 1520 C C19 . O8B B 2 .   ? 5.470   5.497   -2.018  1.00 21.37 ? 217 O8B A C19 1 
HETATM 1521 O O22 . O8B B 2 .   ? 4.613   5.735   -2.864  1.00 21.37 ? 217 O8B A O22 1 
HETATM 1522 N N20 . O8B B 2 .   ? 5.168   5.075   -0.774  1.00 19.52 ? 217 O8B A N20 1 
HETATM 1523 C C23 . O8B B 2 .   ? 3.933   4.791   -0.283  1.00 20.16 ? 217 O8B A C23 1 
HETATM 1524 C C24 . O8B B 2 .   ? 2.757   4.791   -1.056  1.00 21.20 ? 217 O8B A C24 1 
HETATM 1525 C C28 . O8B B 2 .   ? 3.846   4.388   1.061   1.00 16.50 ? 217 O8B A C28 1 
HETATM 1526 C C26 . O8B B 2 .   ? 2.632   4.040   1.633   1.00 18.91 ? 217 O8B A C26 1 
HETATM 1527 C C30 . O8B B 2 .   ? 1.470   4.044   0.857   1.00 20.17 ? 217 O8B A C30 1 
HETATM 1528 N N34 . O8B B 2 .   ? 0.170   3.754   1.084   1.00 20.00 ? 217 O8B A N34 1 
HETATM 1529 C C31 . O8B B 2 .   ? 1.531   4.410   -0.473  1.00 19.33 ? 217 O8B A C31 1 
HETATM 1530 N N32 . O8B B 2 .   ? 0.269   4.304   -0.903  1.00 18.59 ? 217 O8B A N32 1 
HETATM 1531 N N33 . O8B B 2 .   ? -0.470  3.954   0.021   1.00 19.84 ? 217 O8B A N33 1 
HETATM 1532 C C35 . O8B B 2 .   ? -1.805  3.747   -0.141  1.00 20.91 ? 217 O8B A C35 1 
HETATM 1533 C C36 . O8B B 2 .   ? -2.340  3.886   -1.422  1.00 22.38 ? 217 O8B A C36 1 
HETATM 1534 C C38 . O8B B 2 .   ? -3.689  3.692   -1.655  1.00 19.61 ? 217 O8B A C38 1 
HETATM 1535 C C40 . O8B B 2 .   ? -4.537  3.319   -0.599  1.00 23.29 ? 217 O8B A C40 1 
HETATM 1536 C C45 . O8B B 2 .   ? -6.025  3.137   -0.931  1.00 22.40 ? 217 O8B A C45 1 
HETATM 1537 C C41 . O8B B 2 .   ? -4.038  3.154   0.702   1.00 22.00 ? 217 O8B A C41 1 
HETATM 1538 C C43 . O8B B 2 .   ? -2.662  3.386   0.927   1.00 20.75 ? 217 O8B A C43 1 
HETATM 1539 O O   . HOH C 3 .   ? -5.313  12.619  -4.855  1.00 21.31 ? 218 HOH A O   1 
HETATM 1540 O O   . HOH C 3 .   ? -0.459  8.923   -12.566 1.00 13.95 ? 219 HOH A O   1 
HETATM 1541 O O   . HOH C 3 .   ? 1.111   11.024  -13.596 1.00 21.53 ? 220 HOH A O   1 
HETATM 1542 O O   . HOH C 3 .   ? 6.796   14.577  -12.248 1.00 22.51 ? 221 HOH A O   1 
HETATM 1543 O O   . HOH C 3 .   ? 17.983  15.937  1.132   1.00 21.10 ? 222 HOH A O   1 
HETATM 1544 O O   . HOH C 3 .   ? 19.573  13.127  8.918   1.00 32.26 ? 223 HOH A O   1 
HETATM 1545 O O   . HOH C 3 .   ? -16.147 -26.474 10.337  1.00 22.17 ? 224 HOH A O   1 
HETATM 1546 O O   . HOH C 3 .   ? -4.383  8.065   4.269   1.00 24.96 ? 225 HOH A O   1 
HETATM 1547 O O   . HOH C 3 .   ? -9.904  13.940  -0.341  1.00 27.68 ? 226 HOH A O   1 
HETATM 1548 O O   . HOH C 3 .   ? -7.467  9.697   -14.292 1.00 18.42 ? 227 HOH A O   1 
HETATM 1549 O O   . HOH C 3 .   ? 2.604   2.858   -13.931 1.00 18.99 ? 228 HOH A O   1 
HETATM 1550 O O   . HOH C 3 .   ? 10.890  3.979   10.295  1.00 19.14 ? 229 HOH A O   1 
HETATM 1551 O O   . HOH C 3 .   ? -8.512  -2.409  -8.042  1.00 26.18 ? 230 HOH A O   1 
HETATM 1552 O O   . HOH C 3 .   ? 10.644  5.920   -14.264 1.00 24.13 ? 231 HOH A O   1 
HETATM 1553 O O   . HOH C 3 .   ? 0.224   5.575   8.427   1.00 17.47 ? 232 HOH A O   1 
HETATM 1554 O O   . HOH C 3 .   ? -12.944 -2.482  6.101   1.00 34.81 ? 233 HOH A O   1 
HETATM 1555 O O   . HOH C 3 .   ? 11.488  -2.554  2.006   1.00 34.08 ? 234 HOH A O   1 
HETATM 1556 O O   . HOH C 3 .   ? 12.577  10.478  -15.270 1.00 62.86 ? 235 HOH A O   1 
HETATM 1557 O O   . HOH C 3 .   ? 16.333  -2.592  -10.757 1.00 49.26 ? 236 HOH A O   1 
HETATM 1558 O O   . HOH C 3 .   ? -8.891  -4.898  -4.375  1.00 32.17 ? 237 HOH A O   1 
HETATM 1559 O O   . HOH C 3 .   ? -10.961 17.636  -7.798  1.00 40.16 ? 238 HOH A O   1 
HETATM 1560 O O   . HOH C 3 .   ? 7.934   -8.587  2.394   1.00 36.74 ? 239 HOH A O   1 
HETATM 1561 O O   . HOH C 3 .   ? -22.232 -12.741 9.266   1.00 60.37 ? 240 HOH A O   1 
HETATM 1562 O O   . HOH C 3 .   ? 16.346  11.708  10.610  1.00 35.43 ? 241 HOH A O   1 
HETATM 1563 O O   . HOH C 3 .   ? 18.189  8.323   8.641   1.00 40.98 ? 242 HOH A O   1 
HETATM 1564 O O   . HOH C 3 .   ? 16.789  4.497   7.686   1.00 26.60 ? 243 HOH A O   1 
HETATM 1565 O O   . HOH C 3 .   ? 16.580  13.552  -12.696 1.00 37.15 ? 244 HOH A O   1 
HETATM 1566 O O   . HOH C 3 .   ? 16.389  18.956  0.542   1.00 21.86 ? 245 HOH A O   1 
HETATM 1567 O O   . HOH C 3 .   ? -3.054  4.505   7.583   1.00 29.92 ? 246 HOH A O   1 
HETATM 1568 O O   . HOH C 3 .   ? 13.481  23.397  -4.417  1.00 34.74 ? 247 HOH A O   1 
HETATM 1569 O O   . HOH C 3 .   ? -18.819 -26.710 2.975   1.00 28.04 ? 248 HOH A O   1 
HETATM 1570 O O   . HOH C 3 .   ? 9.022   -2.342  10.503  1.00 33.88 ? 249 HOH A O   1 
HETATM 1571 O O   . HOH C 3 .   ? -10.975 -20.269 12.444  1.00 30.27 ? 250 HOH A O   1 
HETATM 1572 O O   . HOH C 3 .   ? -20.716 -11.314 9.988   1.00 37.77 ? 251 HOH A O   1 
HETATM 1573 O O   . HOH C 3 .   ? -3.842  2.531   8.998   1.00 43.63 ? 252 HOH A O   1 
HETATM 1574 O O   . HOH C 3 .   ? 21.759  13.634  6.590   1.00 40.36 ? 253 HOH A O   1 
HETATM 1575 O O   . HOH C 3 .   ? -9.788  10.710  -8.288  1.00 32.01 ? 254 HOH A O   1 
HETATM 1576 O O   . HOH C 3 .   ? 8.541   8.257   11.277  1.00 33.90 ? 255 HOH A O   1 
HETATM 1577 O O   . HOH C 3 .   ? 22.053  1.037   -12.483 1.00 57.10 ? 256 HOH A O   1 
HETATM 1578 O O   . HOH C 3 .   ? -4.351  -13.060 -0.531  1.00 56.50 ? 257 HOH A O   1 
HETATM 1579 O O   . HOH C 3 .   ? 12.866  13.013  14.489  0.50 22.71 ? 258 HOH A O   1 
HETATM 1580 O O   . HOH C 3 .   ? -8.468  -6.083  16.298  1.00 44.88 ? 259 HOH A O   1 
HETATM 1581 O O   . HOH C 3 .   ? -1.813  1.844   11.430  1.00 28.08 ? 260 HOH A O   1 
HETATM 1582 O O   . HOH C 3 .   ? 2.106   -11.531 -1.468  1.00 44.77 ? 261 HOH A O   1 
HETATM 1583 O O   . HOH C 3 .   ? 19.575  -5.126  -12.420 1.00 59.85 ? 262 HOH A O   1 
HETATM 1584 O O   . HOH C 3 .   ? -9.036  9.757   -10.622 1.00 40.49 ? 263 HOH A O   1 
HETATM 1585 O O   . HOH C 3 .   ? -14.576 -1.834  4.372   1.00 27.45 ? 264 HOH A O   1 
HETATM 1586 O O   . HOH C 3 .   ? -9.665  3.866   9.860   1.00 49.03 ? 265 HOH A O   1 
HETATM 1587 O O   . HOH C 3 .   ? 15.913  1.601   -13.191 1.00 47.04 ? 266 HOH A O   1 
HETATM 1588 O O   . HOH C 3 .   ? 25.225  16.162  1.001   1.00 32.40 ? 267 HOH A O   1 
HETATM 1589 O O   . HOH C 3 .   ? -14.949 12.867  -1.128  1.00 41.04 ? 268 HOH A O   1 
HETATM 1590 O O   . HOH C 3 .   ? 3.472   -9.655  6.737   1.00 33.98 ? 269 HOH A O   1 
HETATM 1591 O O   . HOH C 3 .   ? -17.268 -1.386  6.203   1.00 48.05 ? 270 HOH A O   1 
HETATM 1592 O O   . HOH C 3 .   ? -17.522 14.994  -5.657  1.00 57.11 ? 271 HOH A O   1 
HETATM 1593 O O   . HOH C 3 .   ? -17.222 -14.212 -5.734  1.00 45.87 ? 272 HOH A O   1 
HETATM 1594 O O   . HOH C 3 .   ? 23.804  11.219  5.164   1.00 53.42 ? 273 HOH A O   1 
HETATM 1595 O O   . HOH C 3 .   ? -10.330 20.683  -5.165  1.00 27.67 ? 274 HOH A O   1 
HETATM 1596 O O   . HOH C 3 .   ? 13.493  -0.742  6.045   1.00 37.17 ? 275 HOH A O   1 
HETATM 1597 O O   . HOH C 3 .   ? -25.721 -18.708 9.811   1.00 54.29 ? 276 HOH A O   1 
HETATM 1598 O O   . HOH C 3 .   ? 14.975  2.168   -5.481  1.00 53.03 ? 277 HOH A O   1 
HETATM 1599 O O   . HOH C 3 .   ? -14.348 15.242  -8.812  1.00 44.22 ? 278 HOH A O   1 
HETATM 1600 O O   . HOH C 3 .   ? 2.833   -3.209  16.226  1.00 54.55 ? 279 HOH A O   1 
HETATM 1601 O O   . HOH C 3 .   ? 15.185  -7.514  -0.954  1.00 53.32 ? 280 HOH A O   1 
HETATM 1602 O O   . HOH C 3 .   ? 17.574  4.067   -10.697 1.00 36.75 ? 281 HOH A O   1 
HETATM 1603 O O   . HOH C 3 .   ? 9.803   -9.448  0.658   1.00 72.17 ? 282 HOH A O   1 
HETATM 1604 O O   . HOH C 3 .   ? -23.684 -27.473 5.529   1.00 27.11 ? 283 HOH A O   1 
HETATM 1605 O O   . HOH C 3 .   ? 12.962  -2.576  0.535   1.00 52.61 ? 284 HOH A O   1 
HETATM 1606 O O   . HOH C 3 .   ? 0.096   7.092   -14.476 1.00 23.46 ? 285 HOH A O   1 
HETATM 1607 O O   . HOH C 3 .   ? 20.516  -2.502  -12.299 1.00 48.55 ? 286 HOH A O   1 
HETATM 1608 O O   . HOH C 3 .   ? 11.270  10.593  12.712  1.00 37.72 ? 287 HOH A O   1 
HETATM 1609 O O   . HOH C 3 .   ? 2.295   -12.542 1.394   1.00 46.24 ? 288 HOH A O   1 
HETATM 1610 O O   . HOH C 3 .   ? 6.263   16.262  -13.928 1.00 38.58 ? 289 HOH A O   1 
HETATM 1611 O O   . HOH C 3 .   ? 5.559   8.301   -15.511 1.00 40.92 ? 290 HOH A O   1 
HETATM 1612 O O   . HOH C 3 .   ? -12.183 19.325  -7.035  1.00 36.45 ? 291 HOH A O   1 
HETATM 1613 O O   . HOH C 3 .   ? -6.845  0.020   16.109  1.00 43.66 ? 292 HOH A O   1 
HETATM 1614 O O   . HOH C 3 .   ? -6.032  6.393   5.424   1.00 54.43 ? 293 HOH A O   1 
HETATM 1615 O O   . HOH C 3 .   ? 9.288   15.699  -11.654 1.00 37.45 ? 294 HOH A O   1 
HETATM 1616 O O   . HOH C 3 .   ? -3.272  1.614   -11.282 1.00 44.61 ? 295 HOH A O   1 
HETATM 1617 O O   . HOH C 3 .   ? -7.377  6.944   -14.979 1.00 31.71 ? 296 HOH A O   1 
HETATM 1618 O O   . HOH C 3 .   ? 24.541  19.686  2.315   1.00 35.36 ? 297 HOH A O   1 
HETATM 1619 O O   . HOH C 3 .   ? -13.871 -2.573  8.515   1.00 37.27 ? 298 HOH A O   1 
HETATM 1620 O O   . HOH C 3 .   ? 10.552  -6.606  4.711   1.00 66.47 ? 299 HOH A O   1 
HETATM 1621 O O   . HOH C 3 .   ? 9.609   18.331  -11.517 1.00 36.75 ? 300 HOH A O   1 
HETATM 1622 O O   . HOH C 3 .   ? 6.097   -8.355  -5.672  1.00 45.87 ? 301 HOH A O   1 
HETATM 1623 O O   . HOH C 3 .   ? -0.690  -7.388  12.513  1.00 38.68 ? 302 HOH A O   1 
HETATM 1624 O O   . HOH C 3 .   ? 24.798  6.237   -3.780  1.00 49.62 ? 303 HOH A O   1 
HETATM 1625 O O   . HOH C 3 .   ? -6.320  8.654   8.522   1.00 42.25 ? 304 HOH A O   1 
HETATM 1626 O O   . HOH C 3 .   ? 18.484  0.484   -2.342  1.00 42.89 ? 305 HOH A O   1 
HETATM 1627 O O   . HOH C 3 .   ? 18.021  29.219  -0.668  1.00 51.44 ? 306 HOH A O   1 
HETATM 1628 O O   . HOH C 3 .   ? -24.804 -19.525 -5.463  1.00 57.34 ? 307 HOH A O   1 
HETATM 1629 O O   . HOH C 3 .   ? 3.921   -8.546  9.649   1.00 48.28 ? 308 HOH A O   1 
HETATM 1630 O O   . HOH C 3 .   ? -4.732  -11.037 13.852  1.00 58.50 ? 309 HOH A O   1 
HETATM 1631 O O   . HOH C 3 .   ? 10.859  -10.279 -2.041  1.00 55.68 ? 310 HOH A O   1 
HETATM 1632 O O   . HOH C 3 .   ? 15.200  2.310   -9.563  1.00 48.10 ? 311 HOH A O   1 
HETATM 1633 O O   . HOH C 3 .   ? -2.702  -3.893  18.178  1.00 64.22 ? 312 HOH A O   1 
HETATM 1634 O O   . HOH C 3 .   ? 20.602  12.815  -12.076 1.00 35.37 ? 313 HOH A O   1 
HETATM 1635 O O   . HOH C 3 .   ? 17.499  2.749   -18.648 1.00 43.50 ? 314 HOH A O   1 
HETATM 1636 O O   . HOH C 3 .   ? -11.603 3.209   3.261   1.00 42.13 ? 315 HOH A O   1 
HETATM 1637 O O   . HOH C 3 .   ? -12.426 15.385  1.348   1.00 43.60 ? 316 HOH A O   1 
HETATM 1638 O O   . HOH C 3 .   ? -7.707  -22.372 10.492  1.00 62.71 ? 317 HOH A O   1 
HETATM 1639 O O   . HOH C 3 .   ? 22.101  22.788  -3.125  1.00 51.57 ? 318 HOH A O   1 
HETATM 1640 O O   . HOH C 3 .   ? 16.648  -4.759  -0.861  1.00 54.92 ? 319 HOH A O   1 
HETATM 1641 O O   . HOH C 3 .   ? 15.196  2.948   -3.413  1.00 82.18 ? 320 HOH A O   1 
HETATM 1642 O O   . HOH C 3 .   ? 13.210  4.285   -5.440  1.00 50.57 ? 321 HOH A O   1 
HETATM 1643 O O   . HOH C 3 .   ? 21.982  5.921   -14.739 1.00 45.01 ? 322 HOH A O   1 
HETATM 1644 O O   . HOH C 3 .   ? -23.559 -20.659 2.220   1.00 51.78 ? 323 HOH A O   1 
HETATM 1645 O O   . HOH C 3 .   ? -14.200 0.094   2.352   1.00 43.71 ? 324 HOH A O   1 
HETATM 1646 O O   . HOH C 3 .   ? 2.649   9.355   -15.390 1.00 42.07 ? 325 HOH A O   1 
HETATM 1647 O O   . HOH C 3 .   ? -14.898 -23.514 -2.599  1.00 49.50 ? 326 HOH A O   1 
HETATM 1648 O O   . HOH C 3 .   ? 11.363  -0.909  10.136  1.00 45.42 ? 327 HOH A O   1 
HETATM 1649 O O   . HOH C 3 .   ? 15.655  5.461   -4.900  1.00 57.95 ? 328 HOH A O   1 
HETATM 1650 O O   . HOH C 3 .   ? -9.570  -6.440  9.323   1.00 48.68 ? 329 HOH A O   1 
HETATM 1651 O O   . HOH C 3 .   ? -13.037 4.609   0.673   1.00 42.18 ? 330 HOH A O   1 
HETATM 1652 O O   . HOH C 3 .   ? 7.277   7.891   -17.200 1.00 36.05 ? 331 HOH A O   1 
HETATM 1653 O O   . HOH C 3 .   ? -17.018 -12.228 11.083  1.00 43.59 ? 332 HOH A O   1 
HETATM 1654 O O   . HOH C 3 .   ? -8.798  -20.367 11.165  1.00 38.19 ? 333 HOH A O   1 
HETATM 1655 O O   . HOH C 3 .   ? -21.090 -6.359  -3.540  1.00 67.09 ? 334 HOH A O   1 
HETATM 1656 O O   . HOH C 3 .   ? -13.592 -1.224  -0.212  1.00 43.91 ? 335 HOH A O   1 
HETATM 1657 O O   . HOH C 3 .   ? 20.889  26.977  -2.812  1.00 77.49 ? 336 HOH A O   1 
HETATM 1658 O O   . HOH C 3 .   ? -19.657 -5.497  10.369  1.00 50.06 ? 337 HOH A O   1 
HETATM 1659 O O   . HOH C 3 .   ? 7.010   19.062  -13.744 1.00 52.17 ? 338 HOH A O   1 
HETATM 1660 O O   . HOH C 3 .   ? -16.529 -9.590  -8.329  1.00 56.40 ? 339 HOH A O   1 
HETATM 1661 O O   . HOH C 3 .   ? 19.860  6.437   6.810   1.00 54.63 ? 340 HOH A O   1 
HETATM 1662 O O   . HOH C 3 .   ? 16.340  0.400   5.435   1.00 44.42 ? 341 HOH A O   1 
HETATM 1663 O O   . HOH C 3 .   ? -8.539  17.510  -8.913  1.00 38.87 ? 342 HOH A O   1 
HETATM 1664 O O   . HOH C 3 .   ? 3.769   16.807  -14.773 1.00 41.61 ? 343 HOH A O   1 
HETATM 1665 O O   . HOH C 3 .   ? -2.927  6.011   -15.131 1.00 53.13 ? 344 HOH A O   1 
HETATM 1666 O O   . HOH C 3 .   ? 21.912  5.216   4.021   1.00 35.77 ? 345 HOH A O   1 
HETATM 1667 O O   . HOH C 3 .   ? -11.338 -12.851 14.603  1.00 55.23 ? 346 HOH A O   1 
HETATM 1668 O O   . HOH C 3 .   ? -4.811  -10.218 -3.163  1.00 57.19 ? 347 HOH A O   1 
HETATM 1669 O O   . HOH C 3 .   ? -15.511 -16.347 -6.256  1.00 48.85 ? 348 HOH A O   1 
HETATM 1670 O O   . HOH C 3 .   ? -8.333  -7.302  -8.423  1.00 48.06 ? 349 HOH A O   1 
HETATM 1671 O O   . HOH C 3 .   ? 21.842  22.521  3.477   1.00 39.79 ? 350 HOH A O   1 
HETATM 1672 O O   . HOH C 3 .   ? 8.910   -7.745  7.045   1.00 58.56 ? 351 HOH A O   1 
HETATM 1673 O O   . HOH C 3 .   ? -16.651 -27.513 1.456   1.00 46.95 ? 352 HOH A O   1 
HETATM 1674 O O   . HOH C 3 .   ? -4.664  -27.884 0.480   1.00 73.27 ? 353 HOH A O   1 
HETATM 1675 O O   . HOH C 3 .   ? 2.161   -6.682  12.428  1.00 50.77 ? 354 HOH A O   1 
HETATM 1676 O O   . HOH C 3 .   ? 19.527  16.971  9.197   1.00 45.99 ? 355 HOH A O   1 
HETATM 1677 O O   . HOH C 3 .   ? 15.216  -3.077  0.556   1.00 51.00 ? 356 HOH A O   1 
HETATM 1678 O O   . HOH C 3 .   ? 23.872  21.773  1.952   1.00 44.72 ? 357 HOH A O   1 
HETATM 1679 O O   . HOH C 3 .   ? 18.672  23.118  -5.206  1.00 46.90 ? 358 HOH A O   1 
HETATM 1680 O O   . HOH C 3 .   ? 9.512   11.631  11.756  1.00 57.37 ? 359 HOH A O   1 
HETATM 1681 O O   . HOH C 3 .   ? -17.430 14.056  -0.491  1.00 61.38 ? 360 HOH A O   1 
HETATM 1682 O O   . HOH C 3 .   ? -24.051 -22.632 5.538   1.00 53.96 ? 361 HOH A O   1 
HETATM 1683 O O   . HOH C 3 .   ? -4.451  0.176   3.589   1.00 42.20 ? 362 HOH A O   1 
HETATM 1684 O O   . HOH C 3 .   ? -23.308 -14.328 7.978   1.00 55.57 ? 363 HOH A O   1 
HETATM 1685 O O   . HOH C 3 .   ? -24.568 -25.547 6.985   1.00 45.27 ? 364 HOH A O   1 
HETATM 1686 O O   . HOH C 3 .   ? 16.299  20.782  9.334   1.00 46.39 ? 365 HOH A O   1 
HETATM 1687 O O   . HOH C 3 .   ? 12.673  29.741  -0.720  1.00 66.99 ? 366 HOH A O   1 
HETATM 1688 O O   . HOH C 3 .   ? 18.818  2.280   -4.097  1.00 61.98 ? 367 HOH A O   1 
HETATM 1689 O O   . HOH C 3 .   ? 0.338   17.312  -11.478 1.00 30.83 ? 368 HOH A O   1 
HETATM 1690 O O   . HOH C 3 .   ? 5.760   10.451  -13.496 1.00 38.17 ? 369 HOH A O   1 
HETATM 1691 O O   . HOH C 3 .   ? 18.149  10.959  9.458   1.00 44.89 ? 370 HOH A O   1 
HETATM 1692 O O   . HOH C 3 .   ? 20.958  11.735  -7.904  1.00 60.95 ? 371 HOH A O   1 
HETATM 1693 O O   . HOH C 3 .   ? -14.674 -28.506 8.143   1.00 42.73 ? 372 HOH A O   1 
HETATM 1694 O O   . HOH C 3 .   ? 0.620   -5.115  -10.010 1.00 45.12 ? 373 HOH A O   1 
HETATM 1695 O O   . HOH C 3 .   ? -25.001 -8.678  4.582   1.00 42.07 ? 374 HOH A O   1 
HETATM 1696 O O   . HOH C 3 .   ? 20.930  3.828   -2.069  1.00 46.62 ? 375 HOH A O   1 
HETATM 1697 O O   . HOH C 3 .   ? -9.381  -4.830  18.005  1.00 56.25 ? 376 HOH A O   1 
HETATM 1698 O O   . HOH C 3 .   ? 20.299  14.897  9.284   1.00 36.81 ? 377 HOH A O   1 
HETATM 1699 O O   . HOH C 3 .   ? -9.255  5.944   6.365   1.00 50.19 ? 378 HOH A O   1 
HETATM 1700 O O   . HOH C 3 .   ? 22.502  20.954  7.820   1.00 48.89 ? 379 HOH A O   1 
HETATM 1701 O O   . HOH C 3 .   ? -0.969  -17.921 -3.082  1.00 56.81 ? 380 HOH A O   1 
HETATM 1702 O O   . HOH C 3 .   ? -9.301  5.988   -9.903  1.00 55.62 ? 381 HOH A O   1 
HETATM 1703 O O   . HOH C 3 .   ? 17.263  28.452  1.351   1.00 58.60 ? 382 HOH A O   1 
HETATM 1704 O O   . HOH C 3 .   ? -2.124  -10.428 12.559  1.00 55.67 ? 383 HOH A O   1 
HETATM 1705 O O   . HOH C 3 .   ? -1.679  -8.370  -8.370  1.00 57.65 ? 384 HOH A O   1 
HETATM 1706 O O   . HOH C 3 .   ? 22.732  16.927  8.082   1.00 62.81 ? 385 HOH A O   1 
# 
